data_6CL6
#
_entry.id   6CL6
#
_cell.length_a   56.320
_cell.length_b   126.946
_cell.length_c   432.938
_cell.angle_alpha   90.00
_cell.angle_beta   90.00
_cell.angle_gamma   90.00
#
_symmetry.space_group_name_H-M   'P 21 21 21'
#
loop_
_entity.id
_entity.type
_entity.pdbx_description
1 polymer 'Tail fiber protein'
2 non-polymer 'FE (III) ION'
3 non-polymer 'MAGNESIUM ION'
4 non-polymer 'CALCIUM ION'
5 non-polymer 1,2-ETHANEDIOL
6 water water
#
_entity_poly.entity_id   1
_entity_poly.type   'polypeptide(L)'
_entity_poly.pdbx_seq_one_letter_code
;SGSVTAGMALAATDIPGLDASKLVSGVLAEQRLPVFARGLATAVSNSSDPNTATVPLMLTNHANGPVAGRYFYIQSMFYP
DQNGNASQIATSYNATSEMYVRVSYAANPSIREWLPWQRCDIGGSFTKEADGELPGGVNLDSMVTSGWWSQSFTAQAASG
ANYPIVRAGLLHVYAASSNFIYQTYQAYDGESFYFRCRHSNTWFPWRRMWHGGDFNPSDYLLKSGFYWNALPGKPATFPP
SAHNHDVGQLTSGILPLARGGVGSNTAAGARSTIGAGVPATASLGASGWWRDNDTGLIRQWGQVTCPADADASITFPIPF
PTLCLGGYANQTSAFHPGTDASTGFRGATTTTAVIRNGYFAQAVLSWEAFGR
;
_entity_poly.pdbx_strand_id   A,B,C,D,E,F
#
loop_
_chem_comp.id
_chem_comp.type
_chem_comp.name
_chem_comp.formula
CA non-polymer 'CALCIUM ION' 'Ca 2'
EDO non-polymer 1,2-ETHANEDIOL 'C2 H6 O2'
FE non-polymer 'FE (III) ION' 'Fe 3'
MG non-polymer 'MAGNESIUM ION' 'Mg 2'
#
# COMPACT_ATOMS: atom_id res chain seq x y z
N ALA A 9 -108.24 -14.99 -49.96
CA ALA A 9 -106.96 -14.81 -49.28
C ALA A 9 -107.14 -14.01 -48.00
N LEU A 10 -106.57 -14.51 -46.91
CA LEU A 10 -106.69 -13.87 -45.60
C LEU A 10 -105.78 -12.65 -45.51
N ALA A 11 -106.31 -11.57 -44.91
CA ALA A 11 -105.56 -10.35 -44.64
C ALA A 11 -105.44 -10.12 -43.14
N ALA A 12 -104.40 -9.36 -42.75
CA ALA A 12 -104.12 -9.12 -41.34
C ALA A 12 -105.36 -8.62 -40.62
N THR A 13 -106.16 -7.78 -41.27
CA THR A 13 -107.35 -7.21 -40.66
C THR A 13 -108.35 -8.29 -40.26
N ASP A 14 -108.24 -9.49 -40.83
CA ASP A 14 -109.11 -10.60 -40.45
C ASP A 14 -108.64 -11.32 -39.20
N ILE A 15 -107.37 -11.14 -38.84
CA ILE A 15 -106.78 -11.88 -37.72
C ILE A 15 -107.12 -11.15 -36.42
N PRO A 16 -107.67 -11.84 -35.43
CA PRO A 16 -107.98 -11.18 -34.15
C PRO A 16 -106.71 -10.99 -33.33
N GLY A 17 -106.85 -10.23 -32.25
CA GLY A 17 -105.74 -10.06 -31.32
C GLY A 17 -105.30 -11.41 -30.77
N LEU A 18 -103.99 -11.59 -30.66
CA LEU A 18 -103.39 -12.84 -30.25
C LEU A 18 -102.64 -12.65 -28.94
N ASP A 19 -102.61 -13.70 -28.15
CA ASP A 19 -101.76 -13.75 -26.97
C ASP A 19 -100.34 -14.06 -27.41
N ALA A 20 -99.36 -13.61 -26.60
CA ALA A 20 -97.97 -13.84 -26.93
C ALA A 20 -97.66 -15.33 -27.04
N SER A 21 -98.44 -16.17 -26.35
CA SER A 21 -98.23 -17.61 -26.42
C SER A 21 -98.44 -18.16 -27.83
N LYS A 22 -99.06 -17.39 -28.72
CA LYS A 22 -99.26 -17.86 -30.09
C LYS A 22 -97.97 -17.93 -30.88
N LEU A 23 -96.88 -17.30 -30.40
CA LEU A 23 -95.58 -17.40 -31.06
C LEU A 23 -94.82 -18.56 -30.46
N VAL A 24 -94.72 -19.66 -31.22
CA VAL A 24 -94.27 -20.94 -30.68
C VAL A 24 -92.86 -21.30 -31.11
N SER A 25 -92.27 -20.56 -32.05
CA SER A 25 -90.95 -20.89 -32.56
C SER A 25 -90.32 -19.61 -33.07
N GLY A 26 -89.02 -19.67 -33.29
CA GLY A 26 -88.28 -18.62 -33.96
C GLY A 26 -87.78 -17.53 -33.03
N VAL A 27 -86.89 -16.72 -33.55
CA VAL A 27 -86.36 -15.56 -32.85
C VAL A 27 -86.83 -14.30 -33.57
N LEU A 28 -87.46 -13.39 -32.82
CA LEU A 28 -87.93 -12.14 -33.36
C LEU A 28 -86.82 -11.35 -34.03
N ALA A 29 -87.13 -10.70 -35.13
CA ALA A 29 -86.23 -9.69 -35.72
C ALA A 29 -86.03 -8.58 -34.71
N GLU A 30 -84.79 -8.06 -34.64
CA GLU A 30 -84.48 -7.06 -33.61
C GLU A 30 -85.35 -5.82 -33.72
N GLN A 31 -85.74 -5.45 -34.96
CA GLN A 31 -86.57 -4.26 -35.15
C GLN A 31 -87.94 -4.40 -34.49
N ARG A 32 -88.37 -5.61 -34.17
CA ARG A 32 -89.64 -5.80 -33.49
C ARG A 32 -89.58 -5.45 -32.01
N LEU A 33 -88.38 -5.31 -31.43
CA LEU A 33 -88.20 -5.08 -30.00
C LEU A 33 -88.31 -3.59 -29.65
N PRO A 34 -88.87 -3.26 -28.50
CA PRO A 34 -88.74 -1.89 -27.99
C PRO A 34 -87.26 -1.52 -27.99
N VAL A 35 -86.97 -0.25 -28.27
CA VAL A 35 -85.61 0.12 -28.63
C VAL A 35 -84.63 -0.12 -27.49
N PHE A 36 -85.06 0.06 -26.24
CA PHE A 36 -84.12 -0.14 -25.12
C PHE A 36 -83.64 -1.57 -25.03
N ALA A 37 -84.44 -2.53 -25.50
CA ALA A 37 -84.01 -3.93 -25.49
C ALA A 37 -83.02 -4.25 -26.59
N ARG A 38 -82.81 -3.34 -27.54
CA ARG A 38 -81.76 -3.46 -28.55
C ARG A 38 -80.50 -2.71 -28.11
N GLY A 39 -80.50 -2.14 -26.93
CA GLY A 39 -79.41 -1.29 -26.50
C GLY A 39 -79.45 0.13 -27.05
N LEU A 40 -80.58 0.53 -27.64
CA LEU A 40 -80.73 1.88 -28.20
C LEU A 40 -81.27 2.83 -27.13
N ALA A 41 -80.54 3.91 -26.89
CA ALA A 41 -80.88 4.88 -25.84
C ALA A 41 -81.79 5.96 -26.42
N THR A 42 -82.83 5.52 -27.12
CA THR A 42 -83.64 6.44 -27.92
C THR A 42 -85.11 6.49 -27.52
N ALA A 43 -85.50 5.81 -26.44
CA ALA A 43 -86.94 5.70 -26.14
C ALA A 43 -87.54 7.01 -25.63
N VAL A 44 -86.74 7.86 -24.97
CA VAL A 44 -87.22 9.13 -24.46
C VAL A 44 -86.27 10.22 -24.93
N SER A 45 -86.75 11.45 -24.91
CA SER A 45 -85.93 12.56 -25.40
C SER A 45 -84.64 12.64 -24.60
N ASN A 46 -83.63 13.23 -25.20
N ASN A 46 -83.62 13.23 -25.20
CA ASN A 46 -82.32 13.32 -24.58
CA ASN A 46 -82.30 13.26 -24.58
C ASN A 46 -82.21 14.44 -23.56
C ASN A 46 -82.17 14.36 -23.53
N SER A 47 -83.34 14.97 -23.11
N SER A 47 -83.27 14.96 -23.06
CA SER A 47 -83.40 15.88 -21.97
CA SER A 47 -83.27 15.82 -21.90
C SER A 47 -84.22 15.31 -20.82
C SER A 47 -84.19 15.30 -20.80
N SER A 48 -84.61 14.05 -20.90
CA SER A 48 -85.49 13.45 -19.89
C SER A 48 -84.88 13.40 -18.51
N ASP A 49 -85.73 13.55 -17.50
CA ASP A 49 -85.30 13.51 -16.09
C ASP A 49 -85.05 12.05 -15.68
N PRO A 50 -83.83 11.68 -15.32
CA PRO A 50 -83.62 10.30 -14.87
C PRO A 50 -84.33 9.97 -13.56
N ASN A 51 -84.72 10.99 -12.78
CA ASN A 51 -85.45 10.71 -11.55
C ASN A 51 -86.79 10.04 -11.82
N THR A 52 -87.39 10.32 -12.98
CA THR A 52 -88.68 9.77 -13.33
C THR A 52 -88.58 8.68 -14.39
N ALA A 53 -87.41 8.04 -14.47
CA ALA A 53 -87.19 6.99 -15.46
C ALA A 53 -88.16 5.82 -15.29
N THR A 54 -88.67 5.32 -16.43
CA THR A 54 -89.49 4.13 -16.45
C THR A 54 -89.06 3.14 -17.52
N VAL A 55 -87.98 3.42 -18.25
CA VAL A 55 -87.43 2.49 -19.22
C VAL A 55 -86.00 2.17 -18.82
N PRO A 56 -85.47 1.00 -19.20
CA PRO A 56 -84.19 0.58 -18.63
C PRO A 56 -82.97 1.24 -19.23
N LEU A 57 -83.12 2.03 -20.29
CA LEU A 57 -82.01 2.75 -20.89
C LEU A 57 -82.51 4.09 -21.43
N MET A 58 -81.82 5.17 -21.05
CA MET A 58 -82.02 6.47 -21.64
C MET A 58 -80.66 7.14 -21.78
N LEU A 59 -80.65 8.23 -22.55
CA LEU A 59 -79.48 9.10 -22.72
C LEU A 59 -79.93 10.52 -22.43
N THR A 60 -79.25 11.21 -21.53
CA THR A 60 -79.75 12.51 -21.12
C THR A 60 -78.62 13.33 -20.54
N ASN A 61 -78.74 14.65 -20.73
CA ASN A 61 -77.86 15.62 -20.05
C ASN A 61 -78.63 16.37 -18.98
N HIS A 62 -79.78 15.85 -18.60
CA HIS A 62 -80.56 16.44 -17.51
C HIS A 62 -79.73 16.58 -16.24
N ALA A 63 -80.06 17.61 -15.46
CA ALA A 63 -79.29 17.98 -14.29
C ALA A 63 -79.28 16.92 -13.20
N ASN A 64 -80.25 16.04 -13.17
CA ASN A 64 -80.29 14.97 -12.15
C ASN A 64 -79.36 13.81 -12.47
N GLY A 65 -78.67 13.84 -13.65
CA GLY A 65 -77.61 12.94 -13.92
C GLY A 65 -76.37 13.26 -13.08
N PRO A 66 -75.27 12.50 -13.30
CA PRO A 66 -74.12 12.61 -12.38
C PRO A 66 -73.23 13.83 -12.58
N VAL A 67 -73.15 14.37 -13.80
CA VAL A 67 -72.25 15.50 -14.06
C VAL A 67 -72.99 16.58 -14.85
N ALA A 68 -73.29 17.69 -14.19
CA ALA A 68 -74.09 18.73 -14.81
C ALA A 68 -73.44 19.25 -16.10
N GLY A 69 -74.29 19.43 -17.11
CA GLY A 69 -73.82 19.82 -18.41
C GLY A 69 -73.38 18.71 -19.33
N ARG A 70 -73.37 17.45 -18.88
CA ARG A 70 -72.86 16.36 -19.71
C ARG A 70 -73.93 15.28 -19.94
N TYR A 71 -73.92 14.73 -21.15
CA TYR A 71 -74.75 13.58 -21.46
C TYR A 71 -74.20 12.30 -20.82
N PHE A 72 -75.10 11.49 -20.27
CA PHE A 72 -74.78 10.16 -19.81
C PHE A 72 -75.86 9.18 -20.26
N TYR A 73 -75.42 7.98 -20.67
CA TYR A 73 -76.31 6.84 -20.77
C TYR A 73 -76.66 6.38 -19.37
N ILE A 74 -77.95 6.17 -19.11
CA ILE A 74 -78.40 5.81 -17.79
C ILE A 74 -79.19 4.54 -17.91
N GLN A 75 -78.64 3.45 -17.37
CA GLN A 75 -79.37 2.19 -17.23
C GLN A 75 -80.20 2.24 -15.95
N SER A 76 -81.39 1.68 -16.02
CA SER A 76 -82.26 1.61 -14.83
C SER A 76 -82.76 0.19 -14.63
N MET A 77 -82.78 -0.24 -13.37
CA MET A 77 -83.33 -1.51 -12.94
C MET A 77 -84.35 -1.19 -11.86
N PHE A 78 -85.51 -1.86 -11.92
CA PHE A 78 -86.69 -1.49 -11.17
C PHE A 78 -87.25 -2.62 -10.30
N TYR A 79 -87.85 -2.21 -9.19
CA TYR A 79 -88.64 -3.11 -8.36
C TYR A 79 -89.65 -2.31 -7.55
N PRO A 80 -90.95 -2.71 -7.47
CA PRO A 80 -91.56 -3.87 -8.12
C PRO A 80 -92.12 -3.64 -9.52
N ASP A 81 -92.12 -2.40 -9.98
CA ASP A 81 -92.52 -2.08 -11.34
C ASP A 81 -91.71 -0.86 -11.79
N GLN A 82 -91.96 -0.42 -13.02
CA GLN A 82 -91.12 0.63 -13.59
C GLN A 82 -91.36 2.00 -12.96
N ASN A 83 -92.40 2.15 -12.11
CA ASN A 83 -92.57 3.39 -11.35
C ASN A 83 -91.98 3.34 -9.95
N GLY A 84 -91.36 2.24 -9.57
CA GLY A 84 -91.03 1.97 -8.17
C GLY A 84 -89.57 2.25 -7.83
N ASN A 85 -89.05 1.46 -6.89
CA ASN A 85 -87.66 1.59 -6.52
C ASN A 85 -86.78 1.31 -7.72
N ALA A 86 -85.56 1.86 -7.68
CA ALA A 86 -84.67 1.69 -8.81
C ALA A 86 -83.20 1.82 -8.46
N SER A 87 -82.38 1.12 -9.23
CA SER A 87 -80.95 1.32 -9.25
C SER A 87 -80.58 1.85 -10.63
N GLN A 88 -79.64 2.79 -10.67
CA GLN A 88 -79.20 3.37 -11.92
C GLN A 88 -77.69 3.40 -12.04
N ILE A 89 -77.23 3.06 -13.24
CA ILE A 89 -75.82 3.11 -13.62
C ILE A 89 -75.69 4.10 -14.77
N ALA A 90 -74.81 5.07 -14.60
CA ALA A 90 -74.58 6.11 -15.60
C ALA A 90 -73.19 5.96 -16.18
N THR A 91 -73.09 5.98 -17.50
CA THR A 91 -71.81 5.94 -18.20
C THR A 91 -71.76 7.09 -19.19
N SER A 92 -70.56 7.63 -19.38
CA SER A 92 -70.40 8.87 -20.11
C SER A 92 -70.69 8.69 -21.59
N TYR A 93 -71.17 9.76 -22.20
CA TYR A 93 -71.46 9.80 -23.64
C TYR A 93 -70.28 10.28 -24.49
N ASN A 94 -69.34 11.03 -23.92
CA ASN A 94 -68.25 11.60 -24.69
C ASN A 94 -67.19 12.15 -23.75
N ALA A 95 -66.07 12.58 -24.33
CA ALA A 95 -65.04 13.39 -23.68
C ALA A 95 -64.16 12.59 -22.74
N THR A 96 -64.76 11.84 -21.82
CA THR A 96 -64.02 10.97 -20.91
C THR A 96 -64.79 9.66 -20.76
N SER A 97 -64.14 8.68 -20.11
CA SER A 97 -64.74 7.36 -19.83
C SER A 97 -64.98 7.29 -18.33
N GLU A 98 -66.24 7.52 -17.93
CA GLU A 98 -66.62 7.59 -16.53
C GLU A 98 -67.88 6.79 -16.26
N MET A 99 -68.01 6.31 -15.01
CA MET A 99 -69.19 5.57 -14.55
C MET A 99 -69.58 6.01 -13.15
N TYR A 100 -70.90 6.07 -12.93
CA TYR A 100 -71.52 6.43 -11.67
C TYR A 100 -72.66 5.45 -11.37
N VAL A 101 -73.03 5.36 -10.10
CA VAL A 101 -74.15 4.53 -9.66
C VAL A 101 -74.96 5.29 -8.62
N ARG A 102 -76.29 5.07 -8.63
CA ARG A 102 -77.16 5.63 -7.57
C ARG A 102 -78.40 4.73 -7.39
N VAL A 103 -79.27 5.14 -6.47
CA VAL A 103 -80.35 4.28 -6.03
C VAL A 103 -81.50 5.13 -5.52
N SER A 104 -82.71 4.68 -5.81
CA SER A 104 -83.90 5.20 -5.16
C SER A 104 -84.56 4.06 -4.36
N TYR A 105 -84.82 4.33 -3.08
CA TYR A 105 -85.55 3.39 -2.23
C TYR A 105 -86.49 4.17 -1.35
N ALA A 106 -87.75 3.75 -1.30
CA ALA A 106 -88.74 4.40 -0.45
C ALA A 106 -89.83 3.41 -0.06
N ALA A 107 -90.40 3.65 1.14
CA ALA A 107 -91.45 2.79 1.64
C ALA A 107 -92.62 2.74 0.67
N ASN A 108 -93.00 3.89 0.10
CA ASN A 108 -93.91 3.90 -1.03
C ASN A 108 -93.03 4.03 -2.25
N PRO A 109 -92.74 2.95 -2.97
CA PRO A 109 -91.67 2.99 -3.98
C PRO A 109 -91.92 3.99 -5.06
N SER A 110 -93.19 4.36 -5.30
CA SER A 110 -93.54 5.33 -6.34
C SER A 110 -93.26 6.76 -5.95
N ILE A 111 -92.96 7.03 -4.67
CA ILE A 111 -92.56 8.38 -4.26
C ILE A 111 -91.05 8.34 -4.03
N ARG A 112 -90.29 8.45 -5.12
CA ARG A 112 -88.86 8.11 -5.10
C ARG A 112 -88.07 9.04 -4.19
N GLU A 113 -87.04 8.48 -3.59
CA GLU A 113 -86.07 9.21 -2.77
C GLU A 113 -84.70 8.81 -3.29
N TRP A 114 -84.13 9.62 -4.19
CA TRP A 114 -82.87 9.28 -4.83
C TRP A 114 -81.70 9.62 -3.93
N LEU A 115 -80.76 8.71 -3.83
CA LEU A 115 -79.51 9.07 -3.17
C LEU A 115 -78.56 9.72 -4.17
N PRO A 116 -77.54 10.43 -3.71
CA PRO A 116 -76.61 11.07 -4.65
C PRO A 116 -75.83 10.03 -5.44
N TRP A 117 -75.42 10.44 -6.64
CA TRP A 117 -74.58 9.58 -7.46
C TRP A 117 -73.24 9.31 -6.79
N GLN A 118 -72.80 8.07 -6.87
CA GLN A 118 -71.49 7.66 -6.40
C GLN A 118 -70.63 7.28 -7.60
N ARG A 119 -69.39 7.73 -7.59
CA ARG A 119 -68.52 7.45 -8.71
C ARG A 119 -67.98 6.04 -8.65
N CYS A 120 -67.89 5.39 -9.83
CA CYS A 120 -67.37 4.03 -9.92
C CYS A 120 -65.99 3.95 -10.55
N ASP A 121 -65.71 4.67 -11.62
CA ASP A 121 -64.42 4.54 -12.25
C ASP A 121 -63.33 5.09 -11.31
N ILE A 122 -62.12 4.54 -11.44
CA ILE A 122 -61.04 4.84 -10.49
C ILE A 122 -60.45 6.23 -10.72
N GLY A 123 -60.96 6.93 -11.72
CA GLY A 123 -60.66 8.35 -11.89
C GLY A 123 -60.95 9.20 -10.65
N GLY A 124 -61.80 8.71 -9.77
CA GLY A 124 -62.12 9.42 -8.57
C GLY A 124 -61.27 9.04 -7.35
N SER A 125 -60.24 8.24 -7.56
N SER A 125 -60.24 8.25 -7.55
CA SER A 125 -59.48 7.68 -6.45
CA SER A 125 -59.48 7.70 -6.44
C SER A 125 -57.99 7.93 -6.65
C SER A 125 -57.99 7.93 -6.65
N PHE A 126 -57.24 7.65 -5.59
CA PHE A 126 -55.78 7.50 -5.69
C PHE A 126 -55.50 6.14 -6.32
N THR A 127 -54.87 6.13 -7.48
CA THR A 127 -54.79 4.93 -8.29
C THR A 127 -53.42 4.28 -8.14
N LYS A 128 -53.37 2.97 -8.45
CA LYS A 128 -52.12 2.25 -8.34
C LYS A 128 -51.15 2.58 -9.47
N GLU A 129 -51.65 3.06 -10.60
CA GLU A 129 -50.84 3.71 -11.60
C GLU A 129 -50.85 5.22 -11.34
N ALA A 130 -49.71 5.86 -11.56
CA ALA A 130 -49.60 7.29 -11.38
C ALA A 130 -50.61 8.00 -12.29
N ASP A 131 -51.08 9.17 -11.84
CA ASP A 131 -51.96 9.99 -12.65
C ASP A 131 -51.28 10.39 -13.95
N GLY A 132 -49.97 10.54 -13.95
CA GLY A 132 -49.26 10.97 -15.14
C GLY A 132 -47.77 11.17 -14.91
N GLU A 133 -47.06 11.26 -16.02
CA GLU A 133 -45.67 11.69 -16.06
C GLU A 133 -45.65 13.20 -16.27
N LEU A 134 -44.88 13.90 -15.47
CA LEU A 134 -44.76 15.34 -15.63
C LEU A 134 -43.78 15.64 -16.76
N PRO A 135 -44.18 16.42 -17.75
CA PRO A 135 -43.24 16.86 -18.80
C PRO A 135 -42.35 17.96 -18.27
N GLY A 136 -41.60 18.60 -19.16
CA GLY A 136 -40.88 19.81 -18.81
C GLY A 136 -41.83 20.99 -18.64
N GLY A 137 -41.29 22.06 -18.07
CA GLY A 137 -42.02 23.32 -17.99
C GLY A 137 -43.17 23.39 -17.02
N VAL A 138 -43.34 22.42 -16.13
CA VAL A 138 -44.50 22.41 -15.25
C VAL A 138 -44.25 23.29 -14.05
N ASN A 139 -45.23 24.14 -13.74
CA ASN A 139 -45.26 24.89 -12.49
C ASN A 139 -46.06 24.07 -11.47
N LEU A 140 -45.38 23.60 -10.42
CA LEU A 140 -46.06 22.75 -9.48
C LEU A 140 -47.19 23.46 -8.77
N ASP A 141 -47.19 24.80 -8.79
CA ASP A 141 -48.33 25.54 -8.28
C ASP A 141 -49.60 25.24 -9.05
N SER A 142 -49.48 24.70 -10.25
CA SER A 142 -50.66 24.35 -11.05
C SER A 142 -51.19 22.95 -10.75
N MET A 143 -50.50 22.19 -9.91
CA MET A 143 -50.91 20.81 -9.60
C MET A 143 -51.78 20.86 -8.35
N VAL A 144 -53.07 21.13 -8.57
CA VAL A 144 -53.97 21.44 -7.46
C VAL A 144 -55.12 20.45 -7.35
N THR A 145 -55.00 19.30 -7.98
CA THR A 145 -56.01 18.24 -7.86
C THR A 145 -55.37 16.98 -7.29
N SER A 146 -56.13 16.26 -6.46
CA SER A 146 -55.56 15.13 -5.72
C SER A 146 -55.04 14.06 -6.66
N GLY A 147 -53.93 13.45 -6.29
CA GLY A 147 -53.32 12.41 -7.10
C GLY A 147 -51.82 12.31 -6.86
N TRP A 148 -51.17 11.53 -7.70
CA TRP A 148 -49.72 11.48 -7.65
C TRP A 148 -49.17 11.43 -9.07
N TRP A 149 -48.02 12.06 -9.24
CA TRP A 149 -47.38 12.24 -10.53
C TRP A 149 -45.89 12.01 -10.41
N SER A 150 -45.30 11.56 -11.52
CA SER A 150 -43.90 11.22 -11.57
C SER A 150 -43.14 12.16 -12.50
N GLN A 151 -42.05 12.72 -12.01
CA GLN A 151 -41.11 13.45 -12.85
C GLN A 151 -39.91 12.54 -13.03
N SER A 152 -39.77 12.01 -14.22
CA SER A 152 -38.71 11.05 -14.52
C SER A 152 -37.43 11.70 -14.98
N PHE A 153 -37.40 13.03 -15.12
CA PHE A 153 -36.24 13.69 -15.70
C PHE A 153 -35.83 14.88 -14.85
N THR A 154 -34.62 14.83 -14.31
CA THR A 154 -34.10 15.97 -13.57
C THR A 154 -34.11 17.24 -14.41
N ALA A 155 -33.78 17.14 -15.71
CA ALA A 155 -33.78 18.30 -16.57
C ALA A 155 -35.17 18.91 -16.73
N GLN A 156 -36.22 18.12 -16.57
CA GLN A 156 -37.57 18.66 -16.62
C GLN A 156 -37.99 19.28 -15.29
N ALA A 157 -37.42 18.84 -14.16
CA ALA A 157 -37.55 19.64 -12.95
C ALA A 157 -36.86 20.99 -13.13
N ALA A 158 -35.71 20.98 -13.78
CA ALA A 158 -34.97 22.22 -14.02
C ALA A 158 -35.74 23.22 -14.86
N SER A 159 -36.49 22.73 -15.87
CA SER A 159 -37.24 23.63 -16.74
C SER A 159 -38.61 24.00 -16.20
N GLY A 160 -39.05 23.37 -15.12
CA GLY A 160 -40.29 23.69 -14.48
C GLY A 160 -40.12 24.75 -13.41
N ALA A 161 -41.16 24.91 -12.60
CA ALA A 161 -41.19 25.94 -11.59
C ALA A 161 -41.76 25.36 -10.31
N ASN A 162 -41.25 25.87 -9.18
CA ASN A 162 -41.73 25.51 -7.84
C ASN A 162 -41.50 24.05 -7.47
N TYR A 163 -40.59 23.39 -8.15
CA TYR A 163 -40.04 22.15 -7.64
C TYR A 163 -39.18 22.49 -6.43
N PRO A 164 -39.18 21.65 -5.39
CA PRO A 164 -38.38 21.97 -4.20
C PRO A 164 -36.90 21.74 -4.38
N ILE A 165 -36.53 20.95 -5.37
CA ILE A 165 -35.15 20.57 -5.64
C ILE A 165 -35.11 20.21 -7.12
N VAL A 166 -33.99 20.47 -7.77
CA VAL A 166 -33.86 20.09 -9.18
C VAL A 166 -33.48 18.62 -9.23
N ARG A 167 -34.51 17.75 -9.19
CA ARG A 167 -34.33 16.31 -9.20
C ARG A 167 -35.61 15.67 -9.71
N ALA A 168 -35.46 14.59 -10.47
CA ALA A 168 -36.58 13.68 -10.69
C ALA A 168 -37.15 13.25 -9.34
N GLY A 169 -38.43 12.92 -9.31
CA GLY A 169 -39.06 12.60 -8.03
C GLY A 169 -40.53 12.34 -8.17
N LEU A 170 -41.13 12.05 -7.03
CA LEU A 170 -42.55 11.73 -6.91
C LEU A 170 -43.32 12.83 -6.22
N LEU A 171 -44.29 13.39 -6.93
CA LEU A 171 -45.20 14.38 -6.39
C LEU A 171 -46.52 13.77 -5.95
N HIS A 172 -46.90 14.07 -4.70
CA HIS A 172 -48.25 13.78 -4.21
C HIS A 172 -49.02 15.08 -4.01
N VAL A 173 -50.29 15.08 -4.40
CA VAL A 173 -51.18 16.20 -4.14
C VAL A 173 -52.37 15.69 -3.35
N TYR A 174 -52.60 16.27 -2.19
CA TYR A 174 -53.79 16.04 -1.37
C TYR A 174 -54.60 17.33 -1.35
N ALA A 175 -55.55 17.42 -2.30
CA ALA A 175 -56.37 18.61 -2.44
C ALA A 175 -57.53 18.54 -1.44
N ALA A 176 -57.21 18.84 -0.19
CA ALA A 176 -58.21 18.73 0.89
C ALA A 176 -59.38 19.64 0.62
N SER A 177 -59.10 20.88 0.28
CA SER A 177 -60.12 21.84 -0.12
C SER A 177 -59.41 22.96 -0.88
N SER A 178 -60.22 23.86 -1.44
CA SER A 178 -59.67 24.96 -2.21
C SER A 178 -58.69 25.80 -1.38
N ASN A 179 -58.93 25.93 -0.08
CA ASN A 179 -58.04 26.75 0.74
C ASN A 179 -56.96 25.95 1.46
N PHE A 180 -56.85 24.65 1.18
CA PHE A 180 -55.80 23.80 1.77
C PHE A 180 -55.44 22.71 0.76
N ILE A 181 -54.44 23.00 -0.07
CA ILE A 181 -53.91 22.08 -1.05
C ILE A 181 -52.54 21.64 -0.55
N TYR A 182 -52.40 20.38 -0.16
CA TYR A 182 -51.13 19.87 0.36
C TYR A 182 -50.37 19.15 -0.75
N GLN A 183 -49.05 19.28 -0.75
CA GLN A 183 -48.16 18.56 -1.65
C GLN A 183 -47.00 17.97 -0.86
N THR A 184 -46.51 16.83 -1.33
CA THR A 184 -45.22 16.26 -0.92
C THR A 184 -44.43 15.89 -2.17
N TYR A 185 -43.10 15.86 -2.01
CA TYR A 185 -42.19 15.55 -3.12
C TYR A 185 -41.06 14.72 -2.57
N GLN A 186 -40.88 13.54 -3.14
CA GLN A 186 -39.83 12.61 -2.76
C GLN A 186 -38.83 12.53 -3.91
N ALA A 187 -37.62 13.01 -3.66
CA ALA A 187 -36.59 12.99 -4.70
C ALA A 187 -36.16 11.57 -5.01
N TYR A 188 -35.93 11.29 -6.31
CA TYR A 188 -35.62 9.92 -6.72
C TYR A 188 -34.32 9.43 -6.10
N ASP A 189 -33.33 10.31 -5.96
CA ASP A 189 -32.04 9.94 -5.37
C ASP A 189 -31.99 10.14 -3.85
N GLY A 190 -33.12 10.35 -3.22
CA GLY A 190 -33.15 10.55 -1.78
C GLY A 190 -32.54 11.86 -1.32
N GLU A 191 -32.38 12.82 -2.22
CA GLU A 191 -31.81 14.10 -1.84
C GLU A 191 -32.51 14.61 -0.60
N SER A 192 -33.83 14.57 -0.62
CA SER A 192 -34.65 14.65 0.60
C SER A 192 -36.11 14.42 0.23
N PHE A 193 -36.98 14.70 1.19
CA PHE A 193 -38.45 14.56 1.14
C PHE A 193 -38.97 15.91 1.59
N TYR A 194 -39.89 16.50 0.80
CA TYR A 194 -40.35 17.85 0.99
C TYR A 194 -41.86 17.93 1.13
N PHE A 195 -42.34 18.97 1.83
CA PHE A 195 -43.78 19.16 1.90
C PHE A 195 -44.15 20.66 1.95
N ARG A 196 -45.32 20.98 1.44
CA ARG A 196 -45.83 22.33 1.52
C ARG A 196 -47.36 22.30 1.35
N CYS A 197 -47.97 23.46 1.54
CA CYS A 197 -49.42 23.64 1.45
C CYS A 197 -49.77 24.99 0.84
N ARG A 198 -50.74 24.97 -0.08
CA ARG A 198 -51.35 26.22 -0.56
C ARG A 198 -52.49 26.58 0.38
N HIS A 199 -52.32 27.67 1.11
CA HIS A 199 -53.30 28.09 2.11
C HIS A 199 -53.96 29.36 1.61
N SER A 200 -55.28 29.32 1.44
CA SER A 200 -56.06 30.45 0.89
C SER A 200 -55.34 31.06 -0.31
N ASN A 201 -54.93 30.17 -1.20
CA ASN A 201 -54.38 30.49 -2.51
C ASN A 201 -52.96 31.04 -2.48
N THR A 202 -52.28 30.99 -1.34
CA THR A 202 -50.87 31.38 -1.25
C THR A 202 -50.05 30.18 -0.77
N TRP A 203 -49.00 29.83 -1.51
CA TRP A 203 -48.18 28.69 -1.14
C TRP A 203 -47.20 29.05 -0.03
N PHE A 204 -47.21 28.26 1.02
CA PHE A 204 -46.13 28.25 2.01
C PHE A 204 -44.86 27.72 1.37
N PRO A 205 -43.69 28.07 1.94
CA PRO A 205 -42.42 27.53 1.44
C PRO A 205 -42.34 26.04 1.64
N TRP A 206 -41.59 25.38 0.74
CA TRP A 206 -41.31 23.96 0.94
C TRP A 206 -40.53 23.78 2.24
N ARG A 207 -40.87 22.74 2.99
CA ARG A 207 -40.10 22.27 4.12
C ARG A 207 -39.26 21.07 3.66
N ARG A 208 -38.00 21.08 4.02
CA ARG A 208 -37.06 20.03 3.64
C ARG A 208 -36.72 19.19 4.87
N MET A 209 -37.03 17.90 4.78
CA MET A 209 -36.66 16.98 5.86
C MET A 209 -35.15 16.90 6.04
N TRP A 210 -34.70 16.91 7.30
CA TRP A 210 -33.33 16.55 7.65
C TRP A 210 -33.26 15.03 7.77
N HIS A 211 -32.27 14.41 7.13
CA HIS A 211 -32.12 12.97 7.22
C HIS A 211 -30.66 12.59 7.39
N GLY A 212 -30.44 11.29 7.57
CA GLY A 212 -29.13 10.76 7.91
C GLY A 212 -28.10 10.92 6.81
N GLY A 213 -28.53 11.10 5.56
CA GLY A 213 -27.60 11.44 4.51
C GLY A 213 -27.11 12.88 4.55
N ASP A 214 -27.81 13.76 5.25
CA ASP A 214 -27.40 15.14 5.34
C ASP A 214 -26.28 15.35 6.34
N PHE A 215 -26.46 14.82 7.56
CA PHE A 215 -25.48 14.98 8.63
C PHE A 215 -25.76 13.94 9.70
N ASN A 216 -24.75 13.72 10.54
CA ASN A 216 -24.82 12.84 11.70
C ASN A 216 -24.61 13.73 12.92
N PRO A 217 -25.54 13.83 13.85
CA PRO A 217 -25.32 14.72 15.00
C PRO A 217 -24.08 14.34 15.80
N SER A 218 -23.58 13.11 15.67
CA SER A 218 -22.38 12.71 16.39
C SER A 218 -21.12 13.40 15.88
N ASP A 219 -21.19 14.08 14.74
CA ASP A 219 -20.05 14.84 14.25
C ASP A 219 -19.96 16.21 14.89
N TYR A 220 -20.93 16.58 15.72
CA TYR A 220 -20.97 17.90 16.31
C TYR A 220 -20.72 17.82 17.81
N LEU A 221 -20.17 18.91 18.37
CA LEU A 221 -19.77 18.95 19.76
C LEU A 221 -20.98 19.17 20.67
N LEU A 222 -21.18 18.27 21.62
CA LEU A 222 -22.15 18.48 22.68
C LEU A 222 -21.71 19.62 23.58
N LYS A 223 -22.68 20.37 24.10
CA LYS A 223 -22.35 21.35 25.13
C LYS A 223 -21.61 20.70 26.29
N SER A 224 -21.93 19.44 26.61
CA SER A 224 -21.32 18.75 27.74
C SER A 224 -19.87 18.39 27.47
N GLY A 225 -19.44 18.42 26.21
CA GLY A 225 -18.06 18.17 25.84
C GLY A 225 -17.23 19.41 25.69
N PHE A 226 -17.77 20.59 25.99
CA PHE A 226 -17.10 21.87 25.78
C PHE A 226 -16.46 22.31 27.10
N TYR A 227 -15.19 21.95 27.27
CA TYR A 227 -14.46 22.38 28.45
C TYR A 227 -12.96 22.23 28.23
N TRP A 228 -12.20 22.92 29.09
CA TRP A 228 -10.76 23.05 28.91
C TRP A 228 -10.03 21.72 28.72
N ASN A 229 -10.18 20.80 29.68
CA ASN A 229 -9.48 19.52 29.58
C ASN A 229 -9.83 18.74 28.32
N ALA A 230 -11.00 18.98 27.74
CA ALA A 230 -11.37 18.25 26.53
C ALA A 230 -10.82 18.89 25.26
N LEU A 231 -10.40 20.14 25.33
CA LEU A 231 -9.91 20.86 24.15
C LEU A 231 -8.59 20.29 23.68
N PRO A 232 -8.52 19.69 22.50
CA PRO A 232 -7.23 19.17 22.01
C PRO A 232 -6.34 20.29 21.52
N GLY A 233 -5.06 19.95 21.39
CA GLY A 233 -4.08 20.84 20.81
C GLY A 233 -3.50 21.87 21.74
N LYS A 234 -3.82 21.82 23.02
CA LYS A 234 -3.34 22.86 23.92
C LYS A 234 -1.83 22.73 24.09
N PRO A 235 -1.10 23.85 24.10
CA PRO A 235 0.35 23.77 24.30
C PRO A 235 0.71 23.32 25.69
N ALA A 236 1.93 22.76 25.81
CA ALA A 236 2.43 22.34 27.11
C ALA A 236 2.75 23.54 27.99
N THR A 237 3.25 24.63 27.39
CA THR A 237 3.58 25.84 28.12
C THR A 237 3.01 27.04 27.39
N PHE A 238 2.87 28.14 28.15
CA PHE A 238 2.20 29.34 27.70
C PHE A 238 3.08 30.56 27.91
N PRO A 239 3.10 31.50 26.97
CA PRO A 239 3.93 32.70 27.15
C PRO A 239 3.40 33.55 28.29
N PRO A 240 4.24 33.85 29.29
CA PRO A 240 3.71 34.48 30.51
C PRO A 240 3.49 35.97 30.35
N SER A 241 2.57 36.48 31.15
CA SER A 241 2.42 37.91 31.33
C SER A 241 3.44 38.40 32.38
N ALA A 242 3.69 39.69 32.38
CA ALA A 242 4.74 40.25 33.24
C ALA A 242 4.51 39.88 34.70
N HIS A 243 5.60 39.50 35.37
CA HIS A 243 5.51 39.05 36.75
C HIS A 243 6.85 39.29 37.45
N ASN A 244 6.79 39.34 38.76
CA ASN A 244 8.00 39.46 39.58
C ASN A 244 8.35 38.12 40.19
N HIS A 245 9.45 38.08 40.92
CA HIS A 245 9.92 36.84 41.52
C HIS A 245 10.58 37.13 42.85
N ASP A 246 10.56 36.12 43.71
CA ASP A 246 11.38 36.07 44.91
C ASP A 246 12.68 35.38 44.56
N VAL A 247 13.78 35.86 45.17
CA VAL A 247 15.08 35.32 44.81
C VAL A 247 15.15 33.84 45.10
N GLY A 248 14.33 33.34 46.02
CA GLY A 248 14.28 31.91 46.28
C GLY A 248 13.94 31.08 45.04
N GLN A 249 13.24 31.66 44.09
CA GLN A 249 12.91 30.94 42.86
C GLN A 249 14.08 30.85 41.90
N LEU A 250 15.22 31.46 42.20
CA LEU A 250 16.44 31.24 41.43
C LEU A 250 17.13 30.00 42.01
N THR A 251 17.06 28.87 41.28
CA THR A 251 17.44 27.58 41.83
C THR A 251 18.67 26.95 41.19
N SER A 252 19.21 27.53 40.12
CA SER A 252 20.43 26.99 39.51
C SER A 252 21.20 28.13 38.86
N GLY A 253 22.47 27.87 38.55
CA GLY A 253 23.34 28.86 37.96
C GLY A 253 24.00 29.76 39.01
N ILE A 254 24.96 30.56 38.53
CA ILE A 254 25.74 31.44 39.40
C ILE A 254 25.72 32.83 38.77
N LEU A 255 25.17 33.79 39.49
CA LEU A 255 25.02 35.15 38.98
C LEU A 255 26.38 35.78 38.72
N PRO A 256 26.61 36.37 37.55
CA PRO A 256 27.91 36.99 37.27
C PRO A 256 27.92 38.44 37.71
N LEU A 257 29.14 39.01 37.72
CA LEU A 257 29.30 40.40 38.10
C LEU A 257 28.48 41.32 37.18
N ALA A 258 28.38 40.97 35.90
CA ALA A 258 27.59 41.79 34.98
C ALA A 258 26.18 42.05 35.52
N ARG A 259 25.63 41.13 36.33
CA ARG A 259 24.29 41.27 36.88
C ARG A 259 24.30 41.66 38.36
N GLY A 260 25.45 42.07 38.90
CA GLY A 260 25.53 42.37 40.31
C GLY A 260 25.75 41.18 41.20
N GLY A 261 26.19 40.05 40.64
CA GLY A 261 26.61 38.90 41.41
C GLY A 261 28.12 38.87 41.65
N VAL A 262 28.57 37.82 42.33
CA VAL A 262 30.00 37.65 42.60
C VAL A 262 30.63 36.58 41.73
N GLY A 263 29.88 36.01 40.78
CA GLY A 263 30.46 35.15 39.76
C GLY A 263 31.10 33.90 40.28
N SER A 264 30.67 33.42 41.44
CA SER A 264 31.27 32.26 42.08
C SER A 264 30.34 31.78 43.18
N ASN A 265 30.50 30.50 43.56
CA ASN A 265 29.79 29.95 44.71
C ASN A 265 30.72 29.68 45.88
N THR A 266 31.96 30.16 45.83
CA THR A 266 32.87 30.10 46.97
C THR A 266 33.29 31.50 47.39
N ALA A 267 33.60 31.65 48.68
CA ALA A 267 34.07 32.95 49.17
C ALA A 267 35.31 33.39 48.44
N ALA A 268 36.27 32.47 48.27
CA ALA A 268 37.50 32.80 47.55
C ALA A 268 37.20 33.25 46.13
N GLY A 269 36.38 32.48 45.41
CA GLY A 269 36.01 32.88 44.07
C GLY A 269 35.31 34.22 44.03
N ALA A 270 34.40 34.46 44.98
CA ALA A 270 33.73 35.75 45.04
C ALA A 270 34.74 36.88 45.24
N ARG A 271 35.68 36.69 46.15
CA ARG A 271 36.68 37.73 46.40
C ARG A 271 37.49 38.00 45.14
N SER A 272 37.82 36.95 44.39
CA SER A 272 38.58 37.15 43.16
C SER A 272 37.78 37.96 42.14
N THR A 273 36.46 37.76 42.10
CA THR A 273 35.65 38.46 41.12
C THR A 273 35.65 39.95 41.37
N ILE A 274 35.57 40.35 42.64
CA ILE A 274 35.51 41.78 42.97
C ILE A 274 36.84 42.30 43.50
N GLY A 275 37.91 41.52 43.37
CA GLY A 275 39.24 41.97 43.75
C GLY A 275 39.37 42.34 45.21
N ALA A 276 38.76 41.57 46.10
CA ALA A 276 38.79 41.87 47.51
C ALA A 276 39.84 41.05 48.24
N GLY A 277 40.38 41.64 49.31
CA GLY A 277 41.29 40.95 50.18
C GLY A 277 40.58 40.35 51.39
N VAL A 278 41.35 39.62 52.19
CA VAL A 278 40.85 38.93 53.37
C VAL A 278 41.22 39.73 54.63
N PRO A 279 40.54 39.51 55.74
CA PRO A 279 40.86 40.28 56.94
C PRO A 279 42.21 39.92 57.51
N ALA A 280 42.91 40.93 58.01
CA ALA A 280 44.08 40.67 58.85
C ALA A 280 43.60 40.21 60.23
N THR A 281 44.44 39.43 60.89
CA THR A 281 44.18 38.95 62.24
C THR A 281 45.30 39.42 63.15
N ALA A 282 45.05 39.34 64.46
CA ALA A 282 46.05 39.88 65.39
C ALA A 282 45.67 39.49 66.81
N SER A 283 46.66 39.60 67.70
CA SER A 283 46.47 39.58 69.13
C SER A 283 47.23 40.78 69.67
N LEU A 284 46.51 41.85 69.99
CA LEU A 284 47.14 43.16 70.21
C LEU A 284 47.37 43.43 71.69
N GLY A 285 48.00 42.48 72.38
CA GLY A 285 48.44 42.71 73.75
C GLY A 285 49.82 43.32 73.81
N ALA A 286 50.31 43.51 75.05
CA ALA A 286 51.66 44.02 75.25
C ALA A 286 52.69 43.15 74.53
N SER A 287 52.55 41.84 74.62
CA SER A 287 53.24 40.92 73.74
C SER A 287 52.20 40.45 72.74
N GLY A 288 52.46 40.67 71.46
CA GLY A 288 51.40 40.39 70.50
C GLY A 288 51.94 40.24 69.10
N TRP A 289 51.00 40.01 68.17
CA TRP A 289 51.34 39.79 66.78
C TRP A 289 50.22 40.32 65.89
N TRP A 290 50.56 40.53 64.63
CA TRP A 290 49.60 40.98 63.61
C TRP A 290 49.98 40.28 62.31
N ARG A 291 48.98 39.83 61.57
CA ARG A 291 49.21 39.02 60.39
C ARG A 291 48.36 39.54 59.24
N ASP A 292 49.01 39.88 58.14
CA ASP A 292 48.32 40.19 56.88
C ASP A 292 48.08 38.87 56.16
N ASN A 293 46.84 38.41 56.18
CA ASN A 293 46.53 37.12 55.56
C ASN A 293 46.47 37.18 54.06
N ASP A 294 46.46 38.38 53.45
CA ASP A 294 46.64 38.48 52.01
C ASP A 294 48.00 37.96 51.58
N THR A 295 49.05 38.33 52.32
CA THR A 295 50.41 37.98 51.95
C THR A 295 51.07 37.01 52.93
N GLY A 296 50.57 36.90 54.15
CA GLY A 296 51.23 36.10 55.17
C GLY A 296 52.28 36.83 55.98
N LEU A 297 52.49 38.13 55.73
CA LEU A 297 53.44 38.88 56.53
C LEU A 297 52.95 38.97 57.97
N ILE A 298 53.87 38.71 58.91
CA ILE A 298 53.58 38.74 60.34
C ILE A 298 54.53 39.73 60.99
N ARG A 299 53.98 40.57 61.87
CA ARG A 299 54.77 41.43 62.73
C ARG A 299 54.47 41.08 64.18
N GLN A 300 55.51 41.09 65.01
CA GLN A 300 55.36 40.71 66.40
C GLN A 300 56.19 41.69 67.24
N TRP A 301 55.89 41.71 68.55
CA TRP A 301 56.56 42.65 69.44
C TRP A 301 56.48 42.13 70.87
N GLY A 302 57.31 42.72 71.72
CA GLY A 302 57.38 42.35 73.11
C GLY A 302 58.42 43.20 73.82
N GLN A 303 58.71 42.83 75.05
CA GLN A 303 59.74 43.50 75.84
C GLN A 303 60.57 42.45 76.56
N VAL A 304 61.80 42.81 76.94
CA VAL A 304 62.70 41.86 77.58
C VAL A 304 63.65 42.63 78.48
N THR A 305 63.97 42.05 79.63
CA THR A 305 65.01 42.60 80.52
C THR A 305 66.34 42.03 80.11
N CYS A 306 67.28 42.91 79.78
CA CYS A 306 68.63 42.53 79.38
C CYS A 306 69.62 42.87 80.50
N PRO A 307 70.68 42.09 80.67
CA PRO A 307 71.73 42.47 81.61
C PRO A 307 72.58 43.58 81.01
N ALA A 308 73.39 44.21 81.87
CA ALA A 308 74.30 45.24 81.41
C ALA A 308 75.23 44.68 80.33
N ASP A 309 75.39 45.42 79.23
CA ASP A 309 76.40 45.11 78.22
C ASP A 309 76.34 43.65 77.77
N ALA A 310 75.14 43.12 77.52
CA ALA A 310 75.00 41.68 77.33
C ALA A 310 73.68 41.36 76.64
N ASP A 311 73.47 40.07 76.34
CA ASP A 311 72.32 39.59 75.59
C ASP A 311 71.21 39.06 76.49
N ALA A 312 70.00 39.07 75.94
CA ALA A 312 68.89 38.31 76.48
C ALA A 312 68.14 37.71 75.31
N SER A 313 67.64 36.48 75.50
CA SER A 313 66.88 35.79 74.48
C SER A 313 65.40 36.12 74.59
N ILE A 314 64.73 36.18 73.45
CA ILE A 314 63.28 36.38 73.44
C ILE A 314 62.64 35.21 72.70
N THR A 315 61.38 34.98 73.04
CA THR A 315 60.55 34.02 72.33
C THR A 315 59.37 34.76 71.73
N PHE A 316 59.15 34.56 70.43
CA PHE A 316 58.10 35.28 69.73
C PHE A 316 56.74 34.84 70.24
N PRO A 317 55.77 35.78 70.35
CA PRO A 317 54.42 35.38 70.76
C PRO A 317 53.85 34.19 70.00
N ILE A 318 54.01 34.14 68.69
CA ILE A 318 53.72 32.93 67.92
C ILE A 318 54.95 32.60 67.06
N PRO A 319 55.12 31.35 66.70
CA PRO A 319 56.21 31.00 65.79
C PRO A 319 55.97 31.57 64.41
N PHE A 320 57.04 32.03 63.78
CA PHE A 320 56.97 32.35 62.36
C PHE A 320 56.84 31.04 61.58
N PRO A 321 55.87 30.93 60.67
CA PRO A 321 55.71 29.65 59.94
C PRO A 321 56.95 29.22 59.18
N THR A 322 57.71 30.16 58.62
CA THR A 322 58.87 29.81 57.81
C THR A 322 60.15 30.50 58.30
N LEU A 323 60.17 31.82 58.43
CA LEU A 323 61.38 32.47 58.91
C LEU A 323 61.10 33.89 59.40
N CYS A 324 61.95 34.35 60.30
CA CYS A 324 61.96 35.75 60.70
C CYS A 324 62.79 36.53 59.68
N LEU A 325 62.22 37.64 59.19
CA LEU A 325 62.89 38.44 58.16
C LEU A 325 63.73 39.58 58.74
N GLY A 326 63.49 39.99 59.96
CA GLY A 326 64.23 41.10 60.52
C GLY A 326 63.58 41.56 61.80
N GLY A 327 64.23 42.53 62.43
CA GLY A 327 63.77 43.06 63.70
C GLY A 327 64.70 44.15 64.20
N TYR A 328 64.30 44.73 65.34
CA TYR A 328 65.09 45.75 66.02
C TYR A 328 64.70 45.73 67.49
N ALA A 329 65.52 46.42 68.31
CA ALA A 329 65.20 46.65 69.70
C ALA A 329 65.37 48.13 70.04
N ASN A 330 64.75 48.53 71.15
CA ASN A 330 64.66 49.91 71.58
C ASN A 330 64.78 50.01 73.10
N GLN A 331 65.58 50.98 73.55
CA GLN A 331 65.74 51.26 74.97
C GLN A 331 64.50 51.96 75.51
N THR A 332 63.90 51.39 76.57
CA THR A 332 62.70 51.97 77.15
C THR A 332 62.96 52.77 78.41
N SER A 333 64.22 52.93 78.82
CA SER A 333 64.53 53.65 80.05
C SER A 333 65.22 54.97 79.76
N ALA A 334 65.32 55.78 80.81
CA ALA A 334 66.03 57.06 80.78
C ALA A 334 67.50 56.78 81.03
N PHE A 335 68.12 56.15 80.05
CA PHE A 335 69.52 55.74 80.14
C PHE A 335 70.44 56.95 80.27
N HIS A 336 71.51 56.76 81.04
CA HIS A 336 72.49 57.84 81.21
C HIS A 336 73.09 58.22 79.88
N PRO A 337 72.96 59.48 79.44
CA PRO A 337 73.40 59.85 78.08
C PRO A 337 74.89 60.07 77.95
N GLY A 338 75.65 59.87 79.05
CA GLY A 338 77.09 59.92 79.03
C GLY A 338 77.77 58.66 78.55
N THR A 339 77.02 57.61 78.22
CA THR A 339 77.57 56.34 77.79
C THR A 339 76.76 55.81 76.60
N ASP A 340 77.25 54.71 76.01
CA ASP A 340 76.53 54.08 74.92
C ASP A 340 75.27 53.36 75.44
N ALA A 341 74.22 53.41 74.65
CA ALA A 341 72.97 52.67 74.96
C ALA A 341 72.47 52.03 73.67
N SER A 342 73.36 51.38 72.96
CA SER A 342 73.04 50.73 71.69
C SER A 342 72.18 49.50 71.93
N THR A 343 71.61 49.00 70.83
CA THR A 343 70.77 47.84 70.82
C THR A 343 71.14 46.93 69.67
N GLY A 344 70.67 45.69 69.74
CA GLY A 344 70.84 44.77 68.63
C GLY A 344 69.73 43.75 68.62
N PHE A 345 69.35 43.35 67.40
CA PHE A 345 68.42 42.24 67.18
C PHE A 345 69.10 41.29 66.21
N ARG A 346 69.26 40.04 66.61
CA ARG A 346 70.00 39.09 65.80
C ARG A 346 69.63 37.68 66.17
N GLY A 347 70.14 36.73 65.39
CA GLY A 347 70.03 35.33 65.73
C GLY A 347 68.63 34.80 65.70
N ALA A 348 67.77 35.35 64.85
CA ALA A 348 66.37 34.98 64.83
C ALA A 348 66.16 33.62 64.19
N THR A 349 65.40 32.76 64.85
CA THR A 349 64.86 31.55 64.26
C THR A 349 63.35 31.77 64.05
N THR A 350 62.61 30.69 63.79
CA THR A 350 61.16 30.83 63.71
C THR A 350 60.54 31.12 65.08
N THR A 351 61.27 30.86 66.17
CA THR A 351 60.70 30.97 67.50
C THR A 351 61.41 31.91 68.45
N THR A 352 62.69 32.22 68.21
CA THR A 352 63.45 33.01 69.16
C THR A 352 64.34 34.02 68.43
N ALA A 353 64.89 34.96 69.20
CA ALA A 353 65.92 35.86 68.73
C ALA A 353 66.73 36.35 69.92
N VAL A 354 67.81 37.06 69.63
CA VAL A 354 68.74 37.52 70.66
C VAL A 354 68.78 39.05 70.64
N ILE A 355 68.50 39.65 71.79
CA ILE A 355 68.47 41.09 71.95
C ILE A 355 69.74 41.48 72.71
N ARG A 356 70.52 42.39 72.12
CA ARG A 356 71.77 42.85 72.74
C ARG A 356 71.57 44.22 73.35
N ASN A 357 72.01 44.37 74.60
CA ASN A 357 71.92 45.64 75.33
C ASN A 357 73.31 46.22 75.52
N GLY A 358 73.60 47.30 74.79
CA GLY A 358 74.86 48.01 74.96
C GLY A 358 74.94 48.93 76.14
N TYR A 359 73.83 49.18 76.84
CA TYR A 359 73.84 50.08 77.99
C TYR A 359 74.45 49.38 79.20
N PHE A 360 75.19 50.12 80.03
CA PHE A 360 75.97 49.53 81.11
C PHE A 360 75.18 49.29 82.38
N ALA A 361 73.91 48.90 82.25
CA ALA A 361 73.08 48.53 83.38
C ALA A 361 71.96 47.64 82.89
N GLN A 362 71.45 46.80 83.78
CA GLN A 362 70.24 46.04 83.48
C GLN A 362 69.16 47.00 82.97
N ALA A 363 68.49 46.60 81.88
CA ALA A 363 67.56 47.52 81.27
C ALA A 363 66.51 46.76 80.50
N VAL A 364 65.33 47.34 80.45
CA VAL A 364 64.23 46.77 79.68
C VAL A 364 64.29 47.32 78.26
N LEU A 365 64.34 46.42 77.28
CA LEU A 365 64.32 46.79 75.88
C LEU A 365 63.05 46.24 75.24
N SER A 366 62.39 47.07 74.46
CA SER A 366 61.30 46.58 73.63
C SER A 366 61.86 46.17 72.27
N TRP A 367 61.06 45.40 71.53
CA TRP A 367 61.51 44.88 70.27
C TRP A 367 60.34 44.66 69.32
N GLU A 368 60.65 44.67 68.02
CA GLU A 368 59.72 44.28 66.97
C GLU A 368 60.42 43.34 66.02
N ALA A 369 59.65 42.42 65.44
CA ALA A 369 60.19 41.48 64.47
C ALA A 369 59.13 41.24 63.40
N PHE A 370 59.58 40.88 62.20
CA PHE A 370 58.64 40.59 61.11
C PHE A 370 59.15 39.40 60.33
N GLY A 371 58.21 38.72 59.66
CA GLY A 371 58.57 37.52 58.93
C GLY A 371 57.37 36.88 58.27
N ARG A 372 57.44 35.58 58.04
CA ARG A 372 56.37 34.88 57.34
C ARG A 372 56.40 33.42 57.72
N ALA B 9 -108.83 -25.59 -39.85
CA ALA B 9 -108.23 -25.89 -41.14
C ALA B 9 -107.04 -24.98 -41.43
N LEU B 10 -106.93 -23.90 -40.67
CA LEU B 10 -105.88 -22.92 -40.93
C LEU B 10 -104.53 -23.46 -40.46
N ALA B 11 -103.55 -23.39 -41.36
CA ALA B 11 -102.15 -23.62 -41.02
C ALA B 11 -101.41 -22.29 -41.04
N ALA B 12 -100.18 -22.30 -40.52
CA ALA B 12 -99.40 -21.06 -40.44
C ALA B 12 -99.28 -20.40 -41.81
N THR B 13 -99.14 -21.19 -42.87
CA THR B 13 -98.94 -20.65 -44.22
C THR B 13 -100.17 -19.89 -44.73
N ASP B 14 -101.33 -20.09 -44.11
CA ASP B 14 -102.52 -19.31 -44.47
C ASP B 14 -102.54 -17.93 -43.81
N ILE B 15 -101.76 -17.74 -42.76
CA ILE B 15 -101.79 -16.48 -42.01
C ILE B 15 -100.92 -15.46 -42.72
N PRO B 16 -101.40 -14.23 -42.92
CA PRO B 16 -100.56 -13.20 -43.53
C PRO B 16 -99.58 -12.61 -42.53
N GLY B 17 -98.65 -11.84 -43.06
CA GLY B 17 -97.70 -11.14 -42.20
C GLY B 17 -98.44 -10.18 -41.28
N LEU B 18 -98.02 -10.15 -40.02
CA LEU B 18 -98.72 -9.42 -38.98
C LEU B 18 -97.84 -8.33 -38.40
N ASP B 19 -98.48 -7.25 -37.97
CA ASP B 19 -97.81 -6.21 -37.20
C ASP B 19 -97.72 -6.63 -35.74
N ALA B 20 -96.67 -6.16 -35.07
CA ALA B 20 -96.44 -6.51 -33.67
C ALA B 20 -97.59 -6.11 -32.78
N SER B 21 -98.40 -5.12 -33.19
CA SER B 21 -99.57 -4.69 -32.45
C SER B 21 -100.65 -5.75 -32.37
N LYS B 22 -100.56 -6.80 -33.19
CA LYS B 22 -101.51 -7.89 -33.13
C LYS B 22 -101.33 -8.73 -31.89
N LEU B 23 -100.18 -8.66 -31.23
CA LEU B 23 -99.99 -9.32 -29.93
C LEU B 23 -100.53 -8.40 -28.86
N VAL B 24 -101.71 -8.72 -28.34
CA VAL B 24 -102.42 -7.82 -27.43
C VAL B 24 -102.34 -8.26 -25.99
N SER B 25 -101.71 -9.39 -25.70
CA SER B 25 -101.66 -9.86 -24.32
C SER B 25 -100.55 -10.89 -24.15
N GLY B 26 -100.25 -11.18 -22.89
CA GLY B 26 -99.32 -12.24 -22.54
C GLY B 26 -97.85 -11.80 -22.59
N VAL B 27 -96.99 -12.70 -22.13
CA VAL B 27 -95.53 -12.50 -22.08
C VAL B 27 -94.89 -13.55 -22.98
N LEU B 28 -94.11 -13.08 -23.96
CA LEU B 28 -93.38 -13.98 -24.85
C LEU B 28 -92.48 -14.93 -24.08
N ALA B 29 -92.41 -16.17 -24.55
CA ALA B 29 -91.35 -17.06 -24.09
C ALA B 29 -90.02 -16.42 -24.44
N GLU B 30 -89.07 -16.51 -23.51
CA GLU B 30 -87.80 -15.79 -23.71
C GLU B 30 -87.01 -16.33 -24.89
N GLN B 31 -87.26 -17.58 -25.29
CA GLN B 31 -86.63 -18.16 -26.44
C GLN B 31 -86.99 -17.42 -27.73
N ARG B 32 -88.04 -16.60 -27.71
CA ARG B 32 -88.35 -15.80 -28.88
C ARG B 32 -87.47 -14.55 -29.00
N LEU B 33 -86.67 -14.24 -27.99
CA LEU B 33 -85.88 -13.02 -27.97
C LEU B 33 -84.51 -13.25 -28.59
N PRO B 34 -83.97 -12.25 -29.24
CA PRO B 34 -82.55 -12.28 -29.59
C PRO B 34 -81.74 -12.57 -28.32
N VAL B 35 -80.64 -13.30 -28.50
CA VAL B 35 -79.97 -13.92 -27.37
C VAL B 35 -79.44 -12.88 -26.40
N PHE B 36 -79.03 -11.71 -26.91
CA PHE B 36 -78.48 -10.70 -26.01
C PHE B 36 -79.53 -10.17 -25.03
N ALA B 37 -80.82 -10.26 -25.36
CA ALA B 37 -81.87 -9.84 -24.44
C ALA B 37 -82.17 -10.89 -23.38
N ARG B 38 -81.55 -12.05 -23.47
CA ARG B 38 -81.66 -13.11 -22.50
C ARG B 38 -80.44 -13.19 -21.59
N GLY B 39 -79.52 -12.22 -21.69
CA GLY B 39 -78.25 -12.29 -20.97
C GLY B 39 -77.23 -13.20 -21.61
N LEU B 40 -77.52 -13.75 -22.78
CA LEU B 40 -76.59 -14.68 -23.45
C LEU B 40 -75.60 -13.88 -24.28
N ALA B 41 -74.32 -14.05 -23.99
CA ALA B 41 -73.23 -13.34 -24.68
C ALA B 41 -72.76 -14.09 -25.92
N THR B 42 -73.70 -14.53 -26.75
CA THR B 42 -73.39 -15.44 -27.85
C THR B 42 -73.71 -14.88 -29.24
N ALA B 43 -74.12 -13.60 -29.35
CA ALA B 43 -74.62 -13.12 -30.64
C ALA B 43 -73.52 -13.04 -31.70
N VAL B 44 -72.28 -12.78 -31.31
CA VAL B 44 -71.17 -12.65 -32.23
C VAL B 44 -70.00 -13.52 -31.76
N SER B 45 -69.16 -13.89 -32.72
CA SER B 45 -68.03 -14.77 -32.43
C SER B 45 -67.17 -14.14 -31.34
N ASN B 46 -66.48 -14.99 -30.60
N ASN B 46 -66.48 -14.98 -30.60
CA ASN B 46 -65.82 -14.56 -29.37
CA ASN B 46 -65.84 -14.53 -29.37
C ASN B 46 -64.48 -13.89 -29.63
C ASN B 46 -64.47 -13.92 -29.63
N SER B 47 -64.17 -13.62 -30.89
CA SER B 47 -63.01 -12.83 -31.27
C SER B 47 -63.44 -11.51 -31.93
N SER B 48 -64.73 -11.17 -31.87
CA SER B 48 -65.25 -9.99 -32.55
C SER B 48 -64.64 -8.71 -31.97
N ASP B 49 -64.52 -7.71 -32.80
CA ASP B 49 -63.96 -6.41 -32.43
C ASP B 49 -65.02 -5.60 -31.69
N PRO B 50 -64.82 -5.27 -30.41
CA PRO B 50 -65.80 -4.41 -29.72
C PRO B 50 -65.93 -3.04 -30.35
N ASN B 51 -64.92 -2.59 -31.09
CA ASN B 51 -65.01 -1.28 -31.75
C ASN B 51 -66.14 -1.23 -32.76
N THR B 52 -66.48 -2.38 -33.36
CA THR B 52 -67.54 -2.44 -34.38
C THR B 52 -68.83 -3.03 -33.81
N ALA B 53 -68.97 -3.03 -32.50
CA ALA B 53 -70.14 -3.63 -31.86
C ALA B 53 -71.42 -3.02 -32.39
N THR B 54 -72.43 -3.86 -32.60
CA THR B 54 -73.79 -3.39 -32.81
C THR B 54 -74.84 -4.12 -31.97
N VAL B 55 -74.46 -5.05 -31.09
CA VAL B 55 -75.43 -5.68 -30.20
C VAL B 55 -75.10 -5.29 -28.75
N PRO B 56 -76.07 -5.29 -27.84
CA PRO B 56 -75.80 -4.78 -26.49
C PRO B 56 -75.00 -5.74 -25.60
N LEU B 57 -74.71 -6.97 -26.04
CA LEU B 57 -73.94 -7.88 -25.19
C LEU B 57 -73.12 -8.82 -26.11
N MET B 58 -71.83 -8.88 -25.86
CA MET B 58 -70.91 -9.79 -26.54
C MET B 58 -69.87 -10.28 -25.56
N LEU B 59 -69.10 -11.27 -26.00
CA LEU B 59 -67.98 -11.79 -25.22
C LEU B 59 -66.80 -11.90 -26.17
N THR B 60 -65.65 -11.29 -25.81
CA THR B 60 -64.54 -11.30 -26.76
C THR B 60 -63.21 -11.13 -26.07
N ASN B 61 -62.17 -11.75 -26.65
CA ASN B 61 -60.80 -11.48 -26.22
C ASN B 61 -60.05 -10.61 -27.22
N HIS B 62 -60.76 -9.89 -28.06
CA HIS B 62 -60.13 -9.02 -29.04
C HIS B 62 -59.25 -7.99 -28.34
N ALA B 63 -58.17 -7.63 -29.01
CA ALA B 63 -57.19 -6.69 -28.48
C ALA B 63 -57.81 -5.34 -28.13
N ASN B 64 -58.91 -4.98 -28.75
CA ASN B 64 -59.51 -3.68 -28.43
C ASN B 64 -60.32 -3.71 -27.16
N GLY B 65 -60.42 -4.89 -26.49
CA GLY B 65 -60.90 -4.95 -25.14
C GLY B 65 -59.88 -4.40 -24.16
N PRO B 66 -60.21 -4.46 -22.87
CA PRO B 66 -59.44 -3.69 -21.86
C PRO B 66 -58.16 -4.33 -21.36
N VAL B 67 -58.06 -5.66 -21.44
CA VAL B 67 -56.89 -6.35 -20.85
C VAL B 67 -56.39 -7.36 -21.89
N ALA B 68 -55.13 -7.21 -22.29
CA ALA B 68 -54.55 -8.01 -23.36
C ALA B 68 -54.63 -9.49 -23.08
N GLY B 69 -55.12 -10.24 -24.07
CA GLY B 69 -55.18 -11.69 -23.96
C GLY B 69 -56.34 -12.26 -23.17
N ARG B 70 -57.24 -11.44 -22.64
CA ARG B 70 -58.31 -11.93 -21.79
C ARG B 70 -59.69 -11.69 -22.41
N TYR B 71 -60.60 -12.65 -22.17
CA TYR B 71 -62.01 -12.48 -22.53
C TYR B 71 -62.70 -11.55 -21.56
N PHE B 72 -63.54 -10.67 -22.09
CA PHE B 72 -64.42 -9.84 -21.31
C PHE B 72 -65.82 -9.89 -21.89
N TYR B 73 -66.84 -9.90 -21.03
CA TYR B 73 -68.19 -9.58 -21.45
C TYR B 73 -68.25 -8.06 -21.67
N ILE B 74 -68.81 -7.65 -22.79
CA ILE B 74 -68.90 -6.26 -23.14
C ILE B 74 -70.35 -5.94 -23.44
N GLN B 75 -70.91 -5.09 -22.60
CA GLN B 75 -72.20 -4.48 -22.80
C GLN B 75 -72.02 -3.19 -23.58
N SER B 76 -72.94 -2.93 -24.51
CA SER B 76 -72.92 -1.74 -25.35
C SER B 76 -74.26 -1.04 -25.33
N MET B 77 -74.20 0.29 -25.35
CA MET B 77 -75.36 1.16 -25.37
C MET B 77 -75.13 2.15 -26.48
N PHE B 78 -76.13 2.38 -27.30
CA PHE B 78 -75.94 3.09 -28.58
C PHE B 78 -76.82 4.34 -28.74
N TYR B 79 -76.31 5.27 -29.55
CA TYR B 79 -77.09 6.44 -29.95
C TYR B 79 -76.45 7.07 -31.16
N PRO B 80 -77.25 7.43 -32.20
CA PRO B 80 -78.72 7.36 -32.33
C PRO B 80 -79.24 6.05 -32.89
N ASP B 81 -78.33 5.19 -33.31
CA ASP B 81 -78.69 3.81 -33.70
C ASP B 81 -77.49 2.93 -33.38
N GLN B 82 -77.63 1.63 -33.69
CA GLN B 82 -76.64 0.65 -33.24
C GLN B 82 -75.32 0.75 -33.98
N ASN B 83 -75.25 1.58 -35.03
CA ASN B 83 -74.00 1.83 -35.77
C ASN B 83 -73.28 3.09 -35.31
N GLY B 84 -73.84 3.81 -34.35
CA GLY B 84 -73.41 5.15 -34.01
C GLY B 84 -72.57 5.22 -32.75
N ASN B 85 -72.76 6.30 -31.98
CA ASN B 85 -72.00 6.50 -30.76
C ASN B 85 -72.36 5.41 -29.76
N ALA B 86 -71.41 5.08 -28.88
CA ALA B 86 -71.64 3.97 -27.98
C ALA B 86 -70.89 4.16 -26.66
N SER B 87 -71.47 3.57 -25.62
CA SER B 87 -70.83 3.40 -24.32
C SER B 87 -70.70 1.91 -24.07
N GLN B 88 -69.60 1.50 -23.48
CA GLN B 88 -69.36 0.09 -23.19
C GLN B 88 -68.88 -0.15 -21.78
N ILE B 89 -69.38 -1.23 -21.17
CA ILE B 89 -68.95 -1.73 -19.89
C ILE B 89 -68.38 -3.14 -20.13
N ALA B 90 -67.12 -3.34 -19.78
CA ALA B 90 -66.47 -4.64 -19.87
C ALA B 90 -66.33 -5.26 -18.48
N THR B 91 -66.64 -6.55 -18.40
CA THR B 91 -66.44 -7.33 -17.17
C THR B 91 -65.74 -8.64 -17.48
N SER B 92 -64.88 -9.06 -16.56
CA SER B 92 -63.99 -10.19 -16.83
C SER B 92 -64.76 -11.51 -16.95
N TYR B 93 -64.19 -12.40 -17.74
CA TYR B 93 -64.72 -13.73 -17.99
C TYR B 93 -64.13 -14.79 -17.07
N ASN B 94 -62.95 -14.54 -16.49
CA ASN B 94 -62.28 -15.53 -15.67
C ASN B 94 -61.10 -14.89 -14.95
N ALA B 95 -60.52 -15.68 -14.03
CA ALA B 95 -59.23 -15.36 -13.40
C ALA B 95 -59.36 -14.35 -12.26
N THR B 96 -59.95 -13.19 -12.54
CA THR B 96 -60.16 -12.13 -11.56
C THR B 96 -61.53 -11.50 -11.82
N SER B 97 -61.95 -10.65 -10.89
CA SER B 97 -63.19 -9.92 -11.02
C SER B 97 -62.84 -8.47 -11.31
N GLU B 98 -63.02 -8.04 -12.55
CA GLU B 98 -62.60 -6.71 -12.99
C GLU B 98 -63.68 -6.09 -13.89
N MET B 99 -63.75 -4.76 -13.86
CA MET B 99 -64.70 -3.97 -14.63
C MET B 99 -64.01 -2.78 -15.28
N TYR B 100 -64.39 -2.47 -16.52
CA TYR B 100 -63.88 -1.32 -17.27
C TYR B 100 -65.02 -0.62 -18.01
N VAL B 101 -64.79 0.65 -18.37
CA VAL B 101 -65.73 1.43 -19.16
C VAL B 101 -64.99 2.24 -20.22
N ARG B 102 -65.63 2.46 -21.37
CA ARG B 102 -65.11 3.34 -22.41
C ARG B 102 -66.28 3.88 -23.22
N VAL B 103 -65.95 4.67 -24.24
CA VAL B 103 -66.96 5.42 -24.99
C VAL B 103 -66.41 5.77 -26.37
N SER B 104 -67.30 5.78 -27.35
CA SER B 104 -67.03 6.36 -28.67
C SER B 104 -68.03 7.48 -28.93
N TYR B 105 -67.53 8.67 -29.21
CA TYR B 105 -68.33 9.79 -29.65
C TYR B 105 -67.67 10.43 -30.86
N ALA B 106 -68.46 10.71 -31.89
CA ALA B 106 -67.96 11.38 -33.09
C ALA B 106 -69.09 12.22 -33.72
N ALA B 107 -68.70 13.34 -34.32
CA ALA B 107 -69.68 14.19 -35.00
C ALA B 107 -70.49 13.40 -36.02
N ASN B 108 -69.80 12.60 -36.85
CA ASN B 108 -70.46 11.57 -37.65
C ASN B 108 -70.39 10.30 -36.80
N PRO B 109 -71.47 9.93 -36.13
CA PRO B 109 -71.36 8.88 -35.10
C PRO B 109 -70.98 7.52 -35.66
N SER B 110 -71.20 7.28 -36.95
CA SER B 110 -70.87 6.03 -37.59
C SER B 110 -69.40 5.90 -37.90
N ILE B 111 -68.63 6.98 -37.78
CA ILE B 111 -67.18 6.95 -37.88
C ILE B 111 -66.67 7.08 -36.45
N ARG B 112 -66.54 5.94 -35.77
CA ARG B 112 -66.37 5.92 -34.33
C ARG B 112 -64.97 6.42 -33.94
N GLU B 113 -64.89 7.02 -32.77
CA GLU B 113 -63.63 7.49 -32.20
C GLU B 113 -63.61 7.03 -30.74
N TRP B 114 -63.01 5.88 -30.49
CA TRP B 114 -63.07 5.30 -29.15
C TRP B 114 -62.01 5.92 -28.24
N LEU B 115 -62.41 6.20 -27.02
CA LEU B 115 -61.54 6.63 -25.96
C LEU B 115 -60.97 5.43 -25.22
N PRO B 116 -59.83 5.60 -24.54
CA PRO B 116 -59.26 4.47 -23.78
C PRO B 116 -60.21 3.95 -22.73
N TRP B 117 -60.07 2.67 -22.43
CA TRP B 117 -60.77 2.07 -21.32
C TRP B 117 -60.33 2.66 -19.99
N GLN B 118 -61.29 2.89 -19.10
CA GLN B 118 -61.01 3.28 -17.72
C GLN B 118 -61.45 2.15 -16.80
N ARG B 119 -60.63 1.83 -15.83
CA ARG B 119 -60.95 0.77 -14.88
C ARG B 119 -61.97 1.23 -13.85
N CYS B 120 -62.83 0.30 -13.43
CA CYS B 120 -63.82 0.56 -12.39
C CYS B 120 -63.62 -0.23 -11.08
N ASP B 121 -63.11 -1.44 -11.11
CA ASP B 121 -63.02 -2.18 -9.85
C ASP B 121 -61.85 -1.60 -9.03
N ILE B 122 -61.94 -1.76 -7.71
CA ILE B 122 -60.98 -1.11 -6.81
C ILE B 122 -59.61 -1.79 -6.88
N GLY B 123 -59.51 -2.84 -7.67
CA GLY B 123 -58.23 -3.46 -7.97
C GLY B 123 -57.23 -2.48 -8.56
N GLY B 124 -57.73 -1.45 -9.23
CA GLY B 124 -56.87 -0.41 -9.77
C GLY B 124 -56.57 0.75 -8.83
N SER B 125 -56.91 0.63 -7.55
N SER B 125 -56.91 0.64 -7.55
CA SER B 125 -56.80 1.75 -6.65
CA SER B 125 -56.80 1.77 -6.65
C SER B 125 -56.09 1.36 -5.35
C SER B 125 -56.14 1.39 -5.34
N PHE B 126 -55.53 2.38 -4.70
CA PHE B 126 -55.15 2.27 -3.29
C PHE B 126 -56.44 2.15 -2.50
N THR B 127 -56.56 1.09 -1.70
CA THR B 127 -57.84 0.86 -1.02
C THR B 127 -57.75 1.14 0.47
N LYS B 128 -58.90 1.32 1.10
CA LYS B 128 -58.92 1.48 2.56
C LYS B 128 -58.46 0.24 3.28
N GLU B 129 -58.64 -0.93 2.68
N GLU B 129 -58.59 -0.94 2.67
CA GLU B 129 -58.01 -2.15 3.18
CA GLU B 129 -58.02 -2.17 3.20
C GLU B 129 -56.56 -2.21 2.70
C GLU B 129 -56.60 -2.32 2.68
N ALA B 130 -55.65 -2.62 3.57
CA ALA B 130 -54.28 -2.83 3.16
C ALA B 130 -54.21 -3.95 2.13
N ASP B 131 -53.17 -3.92 1.29
CA ASP B 131 -52.97 -4.95 0.28
C ASP B 131 -52.56 -6.29 0.86
N GLY B 132 -51.94 -6.29 2.03
CA GLY B 132 -51.67 -7.56 2.70
C GLY B 132 -50.81 -7.39 3.92
N GLU B 133 -50.66 -8.51 4.62
CA GLU B 133 -49.73 -8.64 5.73
C GLU B 133 -48.45 -9.25 5.18
N LEU B 134 -47.32 -8.66 5.50
CA LEU B 134 -46.06 -9.26 5.09
C LEU B 134 -45.68 -10.40 6.00
N PRO B 135 -45.38 -11.59 5.46
CA PRO B 135 -44.88 -12.67 6.30
C PRO B 135 -43.41 -12.47 6.64
N GLY B 136 -42.78 -13.47 7.25
CA GLY B 136 -41.34 -13.43 7.44
C GLY B 136 -40.63 -13.65 6.11
N GLY B 137 -39.35 -13.33 6.10
CA GLY B 137 -38.52 -13.69 4.97
C GLY B 137 -38.69 -12.86 3.72
N VAL B 138 -39.38 -11.72 3.82
CA VAL B 138 -39.59 -10.88 2.63
C VAL B 138 -38.38 -9.98 2.40
N ASN B 139 -37.92 -9.95 1.15
CA ASN B 139 -36.98 -8.95 0.68
C ASN B 139 -37.77 -7.78 0.12
N LEU B 140 -37.65 -6.61 0.75
CA LEU B 140 -38.43 -5.46 0.30
C LEU B 140 -38.04 -4.99 -1.10
N ASP B 141 -36.87 -5.39 -1.59
CA ASP B 141 -36.52 -5.14 -2.98
C ASP B 141 -37.50 -5.82 -3.93
N SER B 142 -38.28 -6.81 -3.45
CA SER B 142 -39.22 -7.51 -4.29
C SER B 142 -40.59 -6.85 -4.33
N MET B 143 -40.80 -5.84 -3.52
CA MET B 143 -42.11 -5.19 -3.40
C MET B 143 -42.12 -4.03 -4.39
N VAL B 144 -42.46 -4.34 -5.65
CA VAL B 144 -42.37 -3.36 -6.71
C VAL B 144 -43.72 -3.08 -7.34
N THR B 145 -44.81 -3.48 -6.68
CA THR B 145 -46.16 -3.17 -7.09
C THR B 145 -46.75 -2.13 -6.16
N SER B 146 -47.47 -1.15 -6.73
CA SER B 146 -48.10 -0.12 -5.92
C SER B 146 -49.06 -0.72 -4.90
N GLY B 147 -49.07 -0.13 -3.73
CA GLY B 147 -50.00 -0.53 -2.70
C GLY B 147 -49.43 -0.18 -1.34
N TRP B 148 -50.11 -0.69 -0.31
CA TRP B 148 -49.56 -0.58 1.04
C TRP B 148 -49.73 -1.89 1.82
N TRP B 149 -48.70 -2.24 2.55
CA TRP B 149 -48.62 -3.52 3.25
C TRP B 149 -48.16 -3.28 4.70
N SER B 150 -48.52 -4.21 5.58
CA SER B 150 -48.21 -4.08 6.99
C SER B 150 -47.35 -5.25 7.41
N GLN B 151 -46.26 -4.95 8.11
CA GLN B 151 -45.48 -5.96 8.81
C GLN B 151 -45.88 -5.88 10.29
N SER B 152 -46.54 -6.92 10.78
CA SER B 152 -47.06 -6.95 12.14
C SER B 152 -46.08 -7.51 13.15
N PHE B 153 -44.94 -8.04 12.72
CA PHE B 153 -43.99 -8.69 13.61
C PHE B 153 -42.56 -8.25 13.35
N THR B 154 -41.93 -7.68 14.39
CA THR B 154 -40.53 -7.29 14.27
C THR B 154 -39.65 -8.48 13.90
N ALA B 155 -39.97 -9.64 14.46
CA ALA B 155 -39.22 -10.85 14.13
C ALA B 155 -39.33 -11.18 12.64
N GLN B 156 -40.44 -10.80 11.99
CA GLN B 156 -40.57 -11.11 10.57
C GLN B 156 -39.82 -10.10 9.73
N ALA B 157 -39.68 -8.88 10.21
CA ALA B 157 -38.70 -7.97 9.62
C ALA B 157 -37.27 -8.51 9.78
N ALA B 158 -36.94 -9.07 10.95
CA ALA B 158 -35.57 -9.57 11.17
C ALA B 158 -35.22 -10.72 10.23
N SER B 159 -36.19 -11.53 9.82
CA SER B 159 -35.93 -12.64 8.91
C SER B 159 -35.95 -12.24 7.44
N GLY B 160 -36.37 -11.02 7.14
CA GLY B 160 -36.41 -10.54 5.78
C GLY B 160 -35.10 -9.88 5.37
N ALA B 161 -35.18 -9.07 4.33
CA ALA B 161 -34.06 -8.35 3.80
C ALA B 161 -34.49 -6.98 3.33
N ASN B 162 -33.59 -6.01 3.48
CA ASN B 162 -33.75 -4.64 3.01
C ASN B 162 -34.92 -3.93 3.68
N TYR B 163 -35.31 -4.33 4.89
CA TYR B 163 -36.04 -3.44 5.76
C TYR B 163 -35.10 -2.31 6.21
N PRO B 164 -35.61 -1.08 6.30
CA PRO B 164 -34.75 0.02 6.77
C PRO B 164 -34.40 -0.08 8.25
N ILE B 165 -35.21 -0.79 9.02
CA ILE B 165 -35.04 -0.97 10.45
C ILE B 165 -35.77 -2.24 10.81
N VAL B 166 -35.19 -3.01 11.73
CA VAL B 166 -35.83 -4.25 12.17
C VAL B 166 -36.99 -3.88 13.08
N ARG B 167 -38.13 -3.57 12.50
CA ARG B 167 -39.33 -3.22 13.24
C ARG B 167 -40.56 -3.57 12.40
N ALA B 168 -41.63 -3.95 13.07
CA ALA B 168 -42.93 -3.93 12.46
C ALA B 168 -43.21 -2.51 11.96
N GLY B 169 -43.99 -2.42 10.91
CA GLY B 169 -44.21 -1.10 10.32
C GLY B 169 -45.06 -1.17 9.07
N LEU B 170 -45.21 -0.01 8.45
CA LEU B 170 -46.13 0.21 7.32
C LEU B 170 -45.34 0.57 6.08
N LEU B 171 -45.47 -0.27 5.04
CA LEU B 171 -44.80 -0.07 3.76
C LEU B 171 -45.77 0.48 2.72
N HIS B 172 -45.42 1.62 2.12
CA HIS B 172 -46.08 2.12 0.92
C HIS B 172 -45.16 1.89 -0.28
N VAL B 173 -45.74 1.45 -1.40
CA VAL B 173 -45.03 1.32 -2.66
C VAL B 173 -45.76 2.16 -3.69
N TYR B 174 -45.02 3.04 -4.36
CA TYR B 174 -45.54 3.85 -5.47
C TYR B 174 -44.72 3.51 -6.70
N ALA B 175 -45.26 2.63 -7.57
CA ALA B 175 -44.52 2.17 -8.76
C ALA B 175 -44.84 3.09 -9.94
N ALA B 176 -44.18 4.25 -9.94
CA ALA B 176 -44.45 5.22 -10.99
C ALA B 176 -44.17 4.60 -12.35
N SER B 177 -43.08 3.87 -12.45
CA SER B 177 -42.76 3.06 -13.64
C SER B 177 -41.70 2.07 -13.20
N SER B 178 -41.35 1.13 -14.09
CA SER B 178 -40.31 0.17 -13.74
C SER B 178 -38.97 0.86 -13.55
N ASN B 179 -38.78 2.06 -14.09
CA ASN B 179 -37.56 2.82 -13.86
C ASN B 179 -37.57 3.60 -12.54
N PHE B 180 -38.72 3.81 -11.93
CA PHE B 180 -38.81 4.61 -10.71
C PHE B 180 -39.83 3.92 -9.80
N ILE B 181 -39.35 3.13 -8.84
CA ILE B 181 -40.16 2.50 -7.82
C ILE B 181 -39.85 3.20 -6.49
N TYR B 182 -40.83 3.88 -5.92
CA TYR B 182 -40.67 4.61 -4.68
C TYR B 182 -41.23 3.78 -3.53
N GLN B 183 -40.56 3.84 -2.39
CA GLN B 183 -41.07 3.19 -1.16
C GLN B 183 -40.93 4.14 0.03
N THR B 184 -41.87 4.00 0.99
CA THR B 184 -41.76 4.58 2.32
C THR B 184 -42.05 3.51 3.36
N TYR B 185 -41.48 3.68 4.54
CA TYR B 185 -41.66 2.75 5.66
C TYR B 185 -41.78 3.54 6.95
N GLN B 186 -42.88 3.30 7.68
CA GLN B 186 -43.15 3.94 8.95
C GLN B 186 -43.10 2.86 10.03
N ALA B 187 -42.08 2.93 10.89
CA ALA B 187 -41.96 1.94 11.97
C ALA B 187 -43.11 2.11 12.97
N TYR B 188 -43.61 0.97 13.48
CA TYR B 188 -44.79 1.00 14.36
C TYR B 188 -44.52 1.77 15.64
N ASP B 189 -43.32 1.71 16.16
CA ASP B 189 -42.96 2.36 17.41
C ASP B 189 -42.34 3.73 17.20
N GLY B 190 -42.42 4.25 15.99
CA GLY B 190 -41.86 5.54 15.69
C GLY B 190 -40.36 5.61 15.75
N GLU B 191 -39.69 4.46 15.64
CA GLU B 191 -38.23 4.47 15.54
C GLU B 191 -37.77 5.51 14.54
N SER B 192 -38.40 5.51 13.34
CA SER B 192 -38.36 6.63 12.43
C SER B 192 -39.22 6.36 11.20
N PHE B 193 -39.11 7.24 10.22
CA PHE B 193 -39.78 7.18 8.90
C PHE B 193 -38.67 7.13 7.85
N TYR B 194 -38.84 6.24 6.88
CA TYR B 194 -37.83 6.01 5.89
C TYR B 194 -38.41 6.12 4.48
N PHE B 195 -37.54 6.43 3.52
CA PHE B 195 -37.94 6.48 2.11
C PHE B 195 -36.76 6.14 1.21
N ARG B 196 -37.05 5.58 0.03
CA ARG B 196 -36.04 5.23 -0.95
C ARG B 196 -36.71 5.00 -2.30
N CYS B 197 -35.88 4.83 -3.32
CA CYS B 197 -36.38 4.64 -4.68
C CYS B 197 -35.46 3.70 -5.44
N ARG B 198 -36.05 2.86 -6.27
CA ARG B 198 -35.33 2.01 -7.21
C ARG B 198 -35.27 2.72 -8.56
N HIS B 199 -34.09 3.13 -8.95
CA HIS B 199 -33.92 3.86 -10.20
C HIS B 199 -33.11 3.00 -11.15
N SER B 200 -33.65 2.75 -12.32
N SER B 200 -33.65 2.74 -12.32
CA SER B 200 -32.98 1.94 -13.33
CA SER B 200 -32.98 1.92 -13.32
C SER B 200 -32.55 0.60 -12.75
C SER B 200 -32.56 0.58 -12.72
N ASN B 201 -33.44 0.01 -11.93
N ASN B 201 -33.46 -0.02 -11.95
CA ASN B 201 -33.30 -1.33 -11.36
CA ASN B 201 -33.31 -1.35 -11.35
C ASN B 201 -32.26 -1.40 -10.25
C ASN B 201 -32.24 -1.41 -10.27
N THR B 202 -31.76 -0.27 -9.79
CA THR B 202 -30.86 -0.22 -8.65
C THR B 202 -31.45 0.63 -7.53
N TRP B 203 -31.48 0.06 -6.32
CA TRP B 203 -32.05 0.78 -5.19
C TRP B 203 -31.05 1.75 -4.58
N PHE B 204 -31.47 2.99 -4.43
CA PHE B 204 -30.74 3.92 -3.56
C PHE B 204 -30.91 3.48 -2.11
N PRO B 205 -30.02 3.91 -1.22
CA PRO B 205 -30.18 3.58 0.19
C PRO B 205 -31.42 4.21 0.80
N TRP B 206 -31.97 3.52 1.80
CA TRP B 206 -33.01 4.11 2.61
C TRP B 206 -32.49 5.40 3.26
N ARG B 207 -33.29 6.44 3.16
CA ARG B 207 -33.08 7.65 3.92
C ARG B 207 -33.87 7.56 5.20
N ARG B 208 -33.21 7.94 6.30
CA ARG B 208 -33.82 7.90 7.62
C ARG B 208 -34.09 9.32 8.11
N MET B 209 -35.36 9.62 8.39
CA MET B 209 -35.71 10.89 8.96
C MET B 209 -35.07 11.08 10.33
N TRP B 210 -34.55 12.30 10.57
CA TRP B 210 -34.18 12.74 11.92
C TRP B 210 -35.41 13.33 12.60
N HIS B 211 -35.66 12.94 13.85
CA HIS B 211 -36.79 13.44 14.58
C HIS B 211 -36.40 13.77 16.01
N GLY B 212 -37.35 14.29 16.77
CA GLY B 212 -37.06 14.77 18.11
C GLY B 212 -36.65 13.69 19.09
N GLY B 213 -37.01 12.44 18.84
CA GLY B 213 -36.53 11.36 19.67
C GLY B 213 -35.05 11.11 19.53
N ASP B 214 -34.45 11.49 18.38
CA ASP B 214 -33.05 11.21 18.13
C ASP B 214 -32.15 12.15 18.93
N PHE B 215 -32.39 13.44 18.82
CA PHE B 215 -31.53 14.45 19.44
C PHE B 215 -32.29 15.76 19.51
N ASN B 216 -31.79 16.66 20.34
CA ASN B 216 -32.30 18.03 20.47
C ASN B 216 -31.15 18.97 20.13
N PRO B 217 -31.28 19.85 19.14
CA PRO B 217 -30.16 20.74 18.82
C PRO B 217 -29.70 21.58 20.00
N SER B 218 -30.57 21.81 20.99
CA SER B 218 -30.21 22.64 22.14
C SER B 218 -29.12 22.02 22.98
N ASP B 219 -28.85 20.72 22.80
CA ASP B 219 -27.77 20.06 23.52
C ASP B 219 -26.40 20.27 22.90
N TYR B 220 -26.33 20.93 21.76
CA TYR B 220 -25.12 21.04 20.96
C TYR B 220 -24.60 22.46 21.00
N LEU B 221 -23.28 22.59 20.87
CA LEU B 221 -22.65 23.89 20.97
C LEU B 221 -22.77 24.64 19.66
N LEU B 222 -23.38 25.80 19.71
CA LEU B 222 -23.38 26.70 18.57
C LEU B 222 -21.98 27.23 18.30
N LYS B 223 -21.68 27.45 17.02
CA LYS B 223 -20.43 28.11 16.67
C LYS B 223 -20.26 29.42 17.44
N SER B 224 -21.34 30.17 17.62
CA SER B 224 -21.24 31.46 18.31
C SER B 224 -20.91 31.31 19.80
N GLY B 225 -21.00 30.12 20.36
CA GLY B 225 -20.63 29.85 21.74
C GLY B 225 -19.21 29.41 21.93
N PHE B 226 -18.42 29.38 20.86
CA PHE B 226 -17.08 28.80 20.85
C PHE B 226 -16.07 29.95 20.88
N TYR B 227 -15.63 30.31 22.08
CA TYR B 227 -14.60 31.32 22.21
C TYR B 227 -14.01 31.29 23.62
N TRP B 228 -12.87 31.96 23.77
CA TRP B 228 -12.06 31.83 24.98
C TRP B 228 -12.87 32.10 26.25
N ASN B 229 -13.56 33.25 26.30
CA ASN B 229 -14.25 33.62 27.53
C ASN B 229 -15.34 32.64 27.92
N ALA B 230 -15.95 31.97 26.93
CA ALA B 230 -17.03 31.04 27.23
C ALA B 230 -16.54 29.65 27.61
N LEU B 231 -15.29 29.32 27.35
CA LEU B 231 -14.78 27.98 27.63
C LEU B 231 -14.71 27.73 29.12
N PRO B 232 -15.44 26.77 29.66
CA PRO B 232 -15.37 26.50 31.10
C PRO B 232 -14.15 25.68 31.46
N GLY B 233 -13.81 25.74 32.75
CA GLY B 233 -12.74 24.95 33.32
C GLY B 233 -11.35 25.51 33.10
N LYS B 234 -11.22 26.75 32.67
CA LYS B 234 -9.91 27.29 32.38
C LYS B 234 -9.15 27.53 33.69
N PRO B 235 -7.87 27.21 33.73
CA PRO B 235 -7.09 27.44 34.96
C PRO B 235 -6.78 28.91 35.16
N ALA B 236 -6.62 29.29 36.44
CA ALA B 236 -6.32 30.67 36.78
C ALA B 236 -4.89 31.05 36.39
N THR B 237 -3.97 30.11 36.43
CA THR B 237 -2.60 30.35 36.01
C THR B 237 -2.15 29.22 35.11
N PHE B 238 -1.10 29.47 34.35
CA PHE B 238 -0.64 28.59 33.30
C PHE B 238 0.84 28.32 33.45
N PRO B 239 1.30 27.12 33.14
CA PRO B 239 2.74 26.84 33.22
C PRO B 239 3.47 27.66 32.17
N PRO B 240 4.37 28.55 32.59
CA PRO B 240 4.97 29.47 31.63
C PRO B 240 6.00 28.80 30.75
N SER B 241 6.08 29.28 29.51
CA SER B 241 7.16 28.89 28.62
C SER B 241 8.44 29.64 28.98
N ALA B 242 9.55 29.26 28.34
CA ALA B 242 10.85 29.82 28.69
C ALA B 242 10.89 31.33 28.46
N HIS B 243 11.34 32.07 29.47
CA HIS B 243 11.40 33.51 29.35
C HIS B 243 12.59 34.08 30.14
N ASN B 244 12.98 35.29 29.78
CA ASN B 244 14.04 36.04 30.43
C ASN B 244 13.46 37.09 31.37
N HIS B 245 14.29 37.56 32.29
CA HIS B 245 13.88 38.54 33.27
C HIS B 245 14.93 39.62 33.44
N ASP B 246 14.48 40.81 33.83
CA ASP B 246 15.36 41.87 34.31
C ASP B 246 15.49 41.74 35.82
N VAL B 247 16.70 41.97 36.33
CA VAL B 247 16.93 41.83 37.76
C VAL B 247 15.96 42.67 38.57
N GLY B 248 15.49 43.78 38.00
CA GLY B 248 14.53 44.62 38.67
C GLY B 248 13.24 43.91 39.04
N GLN B 249 12.95 42.79 38.38
CA GLN B 249 11.75 42.03 38.70
C GLN B 249 11.94 41.07 39.87
N LEU B 250 13.14 41.00 40.43
CA LEU B 250 13.41 40.28 41.67
C LEU B 250 13.12 41.23 42.82
N THR B 251 11.97 41.06 43.46
CA THR B 251 11.46 42.06 44.39
C THR B 251 11.49 41.62 45.84
N SER B 252 11.96 40.40 46.13
CA SER B 252 12.00 39.94 47.50
C SER B 252 13.03 38.82 47.63
N GLY B 253 13.45 38.57 48.87
CA GLY B 253 14.44 37.56 49.16
C GLY B 253 15.86 38.09 49.05
N ILE B 254 16.81 37.24 49.47
CA ILE B 254 18.23 37.58 49.46
C ILE B 254 19.00 36.45 48.78
N LEU B 255 19.77 36.79 47.75
CA LEU B 255 20.47 35.80 46.97
C LEU B 255 21.60 35.19 47.78
N PRO B 256 21.71 33.87 47.87
CA PRO B 256 22.81 33.24 48.60
C PRO B 256 24.04 33.01 47.72
N LEU B 257 25.16 32.76 48.41
CA LEU B 257 26.42 32.52 47.72
C LEU B 257 26.32 31.36 46.75
N ALA B 258 25.51 30.34 47.05
CA ALA B 258 25.40 29.21 46.14
C ALA B 258 24.94 29.67 44.76
N ARG B 259 24.21 30.78 44.67
CA ARG B 259 23.71 31.30 43.41
C ARG B 259 24.48 32.53 42.93
N GLY B 260 25.62 32.82 43.52
CA GLY B 260 26.40 33.99 43.16
C GLY B 260 26.03 35.27 43.86
N GLY B 261 25.27 35.20 44.95
CA GLY B 261 24.98 36.35 45.77
C GLY B 261 25.94 36.45 46.95
N VAL B 262 25.65 37.42 47.84
CA VAL B 262 26.47 37.64 49.04
C VAL B 262 25.70 37.30 50.31
N GLY B 263 24.56 36.62 50.19
CA GLY B 263 23.85 36.07 51.32
C GLY B 263 23.50 37.02 52.43
N SER B 264 23.31 38.30 52.11
CA SER B 264 22.99 39.30 53.12
C SER B 264 22.53 40.57 52.43
N ASN B 265 21.85 41.42 53.19
CA ASN B 265 21.45 42.75 52.71
C ASN B 265 22.18 43.86 53.45
N THR B 266 23.29 43.54 54.12
CA THR B 266 24.15 44.52 54.79
C THR B 266 25.59 44.37 54.29
N ALA B 267 26.34 45.47 54.36
CA ALA B 267 27.74 45.43 53.99
C ALA B 267 28.49 44.43 54.86
N ALA B 268 28.35 44.55 56.19
CA ALA B 268 29.06 43.65 57.09
C ALA B 268 28.68 42.20 56.85
N GLY B 269 27.38 41.94 56.67
CA GLY B 269 26.95 40.57 56.41
C GLY B 269 27.52 40.02 55.12
N ALA B 270 27.55 40.88 54.08
CA ALA B 270 28.10 40.45 52.80
C ALA B 270 29.59 40.13 52.91
N ARG B 271 30.35 40.96 53.60
CA ARG B 271 31.76 40.66 53.77
C ARG B 271 31.93 39.35 54.53
N SER B 272 31.09 39.12 55.55
CA SER B 272 31.18 37.88 56.30
C SER B 272 30.98 36.69 55.37
N THR B 273 30.02 36.80 54.44
CA THR B 273 29.71 35.68 53.54
C THR B 273 30.91 35.30 52.68
N ILE B 274 31.63 36.29 52.14
CA ILE B 274 32.76 36.02 51.25
C ILE B 274 34.09 36.18 51.98
N GLY B 275 34.07 36.39 53.29
CA GLY B 275 35.32 36.44 54.05
C GLY B 275 36.24 37.56 53.63
N ALA B 276 35.70 38.76 53.40
CA ALA B 276 36.50 39.88 52.96
C ALA B 276 36.82 40.83 54.11
N GLY B 277 37.98 41.46 54.01
CA GLY B 277 38.35 42.51 54.95
C GLY B 277 37.87 43.89 54.50
N VAL B 278 38.09 44.88 55.37
CA VAL B 278 37.70 46.26 55.10
C VAL B 278 38.94 47.06 54.72
N PRO B 279 38.77 48.26 54.15
CA PRO B 279 39.93 49.03 53.70
C PRO B 279 40.73 49.56 54.89
N ALA B 280 42.03 49.52 54.78
CA ALA B 280 42.85 50.30 55.69
C ALA B 280 42.64 51.79 55.38
N THR B 281 42.92 52.64 56.35
CA THR B 281 42.83 54.08 56.18
C THR B 281 44.16 54.71 56.61
N ALA B 282 44.40 55.94 56.14
CA ALA B 282 45.69 56.54 56.47
C ALA B 282 45.70 58.04 56.21
N SER B 283 46.69 58.70 56.80
CA SER B 283 47.11 60.05 56.42
C SER B 283 48.62 59.95 56.21
N LEU B 284 49.05 59.93 54.96
CA LEU B 284 50.45 59.54 54.68
C LEU B 284 51.36 60.75 54.46
N GLY B 285 51.27 61.74 55.34
CA GLY B 285 52.20 62.88 55.29
C GLY B 285 53.51 62.60 56.02
N ALA B 286 54.42 63.57 55.95
CA ALA B 286 55.72 63.44 56.58
C ALA B 286 55.59 63.00 58.04
N SER B 287 54.55 63.47 58.74
CA SER B 287 54.08 62.88 59.97
C SER B 287 52.68 62.38 59.69
N GLY B 288 52.36 61.16 60.15
CA GLY B 288 51.07 60.61 59.78
C GLY B 288 50.77 59.32 60.53
N TRP B 289 49.77 58.62 60.01
CA TRP B 289 49.26 57.43 60.66
C TRP B 289 48.64 56.52 59.60
N TRP B 290 48.56 55.25 59.96
CA TRP B 290 47.98 54.20 59.14
C TRP B 290 47.23 53.26 60.06
N ARG B 291 46.04 52.83 59.62
CA ARG B 291 45.15 52.06 60.48
C ARG B 291 44.63 50.87 59.72
N ASP B 292 44.88 49.67 60.24
CA ASP B 292 44.22 48.45 59.78
C ASP B 292 42.87 48.36 60.48
N ASN B 293 41.79 48.65 59.78
CA ASN B 293 40.47 48.64 60.41
C ASN B 293 39.91 47.24 60.62
N ASP B 294 40.53 46.20 60.06
CA ASP B 294 40.19 44.84 60.45
C ASP B 294 40.46 44.59 61.93
N THR B 295 41.68 44.89 62.38
CA THR B 295 42.13 44.54 63.72
C THR B 295 42.18 45.74 64.67
N GLY B 296 42.21 46.95 64.13
CA GLY B 296 42.40 48.13 64.94
C GLY B 296 43.84 48.57 65.12
N LEU B 297 44.81 47.82 64.58
CA LEU B 297 46.21 48.22 64.69
C LEU B 297 46.47 49.56 64.02
N ILE B 298 47.19 50.44 64.72
CA ILE B 298 47.56 51.76 64.21
C ILE B 298 49.09 51.91 64.28
N ARG B 299 49.68 52.38 63.20
CA ARG B 299 51.07 52.79 63.17
C ARG B 299 51.14 54.29 62.88
N GLN B 300 52.02 54.99 63.61
CA GLN B 300 52.20 56.41 63.40
C GLN B 300 53.68 56.75 63.32
N TRP B 301 53.97 57.97 62.86
CA TRP B 301 55.36 58.39 62.70
C TRP B 301 55.46 59.90 62.67
N GLY B 302 56.68 60.38 62.90
CA GLY B 302 56.96 61.80 62.85
C GLY B 302 58.44 62.02 63.10
N GLN B 303 58.76 63.28 63.36
N GLN B 303 58.80 63.28 63.35
CA GLN B 303 60.14 63.68 63.68
CA GLN B 303 60.17 63.60 63.74
C GLN B 303 60.10 64.66 64.85
C GLN B 303 60.15 64.72 64.76
N VAL B 304 61.24 64.80 65.52
CA VAL B 304 61.33 65.71 66.66
C VAL B 304 62.77 66.16 66.84
N THR B 305 62.93 67.43 67.17
CA THR B 305 64.23 68.00 67.52
C THR B 305 64.46 67.77 69.01
N CYS B 306 65.50 66.99 69.32
CA CYS B 306 65.79 66.68 70.71
C CYS B 306 66.97 67.49 71.22
N PRO B 307 66.93 67.96 72.46
CA PRO B 307 68.13 68.58 73.04
C PRO B 307 69.27 67.57 73.17
N ALA B 308 70.48 68.10 73.28
CA ALA B 308 71.65 67.28 73.51
C ALA B 308 71.48 66.43 74.77
N ASP B 309 71.82 65.15 74.66
CA ASP B 309 71.83 64.24 75.81
C ASP B 309 70.58 64.36 76.67
N ALA B 310 69.40 64.40 76.05
CA ALA B 310 68.18 64.71 76.80
C ALA B 310 66.93 64.27 76.03
N ASP B 311 65.77 64.46 76.69
CA ASP B 311 64.48 64.05 76.17
C ASP B 311 63.77 65.19 75.44
N ALA B 312 62.90 64.81 74.51
CA ALA B 312 61.88 65.69 73.97
C ALA B 312 60.57 64.94 73.92
N SER B 313 59.47 65.64 74.20
CA SER B 313 58.13 65.07 74.10
C SER B 313 57.61 65.13 72.67
N ILE B 314 56.81 64.13 72.30
CA ILE B 314 56.13 64.14 71.01
C ILE B 314 54.62 63.98 71.27
N THR B 315 53.83 64.44 70.32
CA THR B 315 52.39 64.24 70.33
C THR B 315 52.01 63.46 69.08
N PHE B 316 51.31 62.34 69.27
CA PHE B 316 50.99 61.50 68.13
C PHE B 316 50.07 62.24 67.17
N PRO B 317 50.22 62.05 65.86
CA PRO B 317 49.27 62.66 64.91
C PRO B 317 47.81 62.45 65.27
N ILE B 318 47.44 61.25 65.68
CA ILE B 318 46.11 60.97 66.21
C ILE B 318 46.28 60.20 67.51
N PRO B 319 45.35 60.32 68.45
CA PRO B 319 45.45 59.51 69.68
C PRO B 319 45.27 58.05 69.37
N PHE B 320 45.95 57.22 70.15
CA PHE B 320 45.62 55.80 70.16
C PHE B 320 44.32 55.63 70.92
N PRO B 321 43.32 54.95 70.37
CA PRO B 321 42.05 54.82 71.11
C PRO B 321 42.21 54.23 72.50
N THR B 322 43.14 53.30 72.69
CA THR B 322 43.30 52.62 73.96
C THR B 322 44.69 52.72 74.54
N LEU B 323 45.73 52.38 73.78
CA LEU B 323 47.08 52.50 74.32
C LEU B 323 48.13 52.40 73.21
N CYS B 324 49.32 52.87 73.52
CA CYS B 324 50.47 52.69 72.65
C CYS B 324 51.20 51.41 73.05
N LEU B 325 51.46 50.55 72.07
CA LEU B 325 52.07 49.25 72.31
C LEU B 325 53.59 49.27 72.19
N GLY B 326 54.17 50.21 71.43
CA GLY B 326 55.61 50.23 71.25
C GLY B 326 56.02 51.31 70.27
N GLY B 327 57.33 51.47 70.14
CA GLY B 327 57.88 52.51 69.29
C GLY B 327 59.39 52.48 69.35
N TYR B 328 60.00 53.33 68.52
CA TYR B 328 61.44 53.50 68.49
C TYR B 328 61.75 54.88 67.91
N ALA B 329 63.02 55.27 68.02
CA ALA B 329 63.50 56.50 67.38
C ALA B 329 64.79 56.21 66.65
N ASN B 330 65.10 57.10 65.70
CA ASN B 330 66.20 56.93 64.77
C ASN B 330 66.91 58.27 64.56
N GLN B 331 68.24 58.25 64.63
CA GLN B 331 69.02 59.44 64.36
C GLN B 331 68.98 59.73 62.85
N THR B 332 68.56 60.95 62.49
CA THR B 332 68.47 61.34 61.09
C THR B 332 69.67 62.11 60.58
N SER B 333 70.70 62.33 61.40
CA SER B 333 71.80 63.20 61.02
C SER B 333 73.10 62.40 60.85
N ALA B 334 74.10 63.06 60.27
CA ALA B 334 75.42 62.48 60.11
C ALA B 334 76.21 62.68 61.41
N PHE B 335 75.82 61.91 62.43
CA PHE B 335 76.40 62.05 63.75
C PHE B 335 77.85 61.62 63.74
N HIS B 336 78.67 62.31 64.53
CA HIS B 336 80.08 61.95 64.65
C HIS B 336 80.17 60.55 65.23
N PRO B 337 80.82 59.60 64.54
CA PRO B 337 80.79 58.21 64.97
C PRO B 337 81.77 57.88 66.09
N GLY B 338 82.54 58.86 66.57
CA GLY B 338 83.40 58.66 67.71
C GLY B 338 82.74 58.80 69.04
N THR B 339 81.43 58.94 69.09
CA THR B 339 80.69 59.04 70.33
C THR B 339 79.37 58.31 70.16
N ASP B 340 78.68 58.13 71.28
CA ASP B 340 77.36 57.50 71.29
C ASP B 340 76.30 58.42 70.70
N ALA B 341 75.37 57.81 69.97
CA ALA B 341 74.22 58.55 69.40
C ALA B 341 72.98 57.71 69.62
N SER B 342 72.78 57.25 70.85
CA SER B 342 71.70 56.32 71.15
C SER B 342 70.36 57.03 71.10
N THR B 343 69.29 56.22 71.13
CA THR B 343 67.94 56.70 71.05
C THR B 343 67.08 55.96 72.08
N GLY B 344 65.95 56.54 72.38
CA GLY B 344 64.98 55.88 73.23
C GLY B 344 63.58 56.36 72.94
N PHE B 345 62.62 55.45 73.12
CA PHE B 345 61.19 55.70 73.01
C PHE B 345 60.56 55.13 74.26
N ARG B 346 59.85 55.96 75.03
CA ARG B 346 59.30 55.50 76.30
C ARG B 346 58.20 56.44 76.75
N GLY B 347 57.53 56.05 77.83
CA GLY B 347 56.55 56.90 78.50
C GLY B 347 55.35 57.25 77.67
N ALA B 348 54.97 56.37 76.75
CA ALA B 348 53.90 56.66 75.81
C ALA B 348 52.54 56.55 76.48
N THR B 349 51.72 57.58 76.29
CA THR B 349 50.31 57.52 76.62
C THR B 349 49.51 57.29 75.33
N THR B 350 48.20 57.54 75.36
CA THR B 350 47.42 57.49 74.13
C THR B 350 47.72 58.68 73.21
N THR B 351 48.32 59.75 73.74
CA THR B 351 48.53 60.96 72.97
C THR B 351 49.97 61.39 72.82
N THR B 352 50.88 60.95 73.70
CA THR B 352 52.25 61.45 73.70
C THR B 352 53.26 60.37 74.05
N ALA B 353 54.55 60.71 73.90
CA ALA B 353 55.65 59.84 74.28
C ALA B 353 56.90 60.68 74.49
N VAL B 354 57.96 60.02 74.95
CA VAL B 354 59.23 60.69 75.26
C VAL B 354 60.32 60.06 74.42
N ILE B 355 61.00 60.88 73.63
CA ILE B 355 62.08 60.47 72.75
C ILE B 355 63.39 60.96 73.37
N ARG B 356 64.33 60.05 73.56
CA ARG B 356 65.59 60.34 74.20
C ARG B 356 66.71 60.34 73.19
N ASN B 357 67.55 61.37 73.24
CA ASN B 357 68.67 61.55 72.33
C ASN B 357 69.97 61.44 73.13
N GLY B 358 70.75 60.38 72.87
CA GLY B 358 72.01 60.16 73.54
C GLY B 358 73.19 60.89 72.92
N TYR B 359 72.98 61.52 71.75
CA TYR B 359 74.04 62.26 71.08
C TYR B 359 74.37 63.54 71.85
N PHE B 360 75.65 63.92 71.81
CA PHE B 360 76.12 65.02 72.64
C PHE B 360 75.63 66.38 72.18
N ALA B 361 75.02 66.46 71.01
CA ALA B 361 74.50 67.73 70.49
C ALA B 361 73.01 67.58 70.15
N GLN B 362 72.32 68.71 70.04
CA GLN B 362 70.94 68.72 69.57
C GLN B 362 70.87 67.99 68.24
N ALA B 363 69.76 67.27 68.01
CA ALA B 363 69.66 66.48 66.80
C ALA B 363 68.20 66.15 66.52
N VAL B 364 67.90 65.96 65.26
CA VAL B 364 66.55 65.58 64.84
C VAL B 364 66.47 64.07 64.82
N LEU B 365 65.48 63.54 65.55
CA LEU B 365 65.22 62.11 65.57
C LEU B 365 63.84 61.83 64.94
N SER B 366 63.79 60.82 64.08
CA SER B 366 62.53 60.32 63.57
C SER B 366 62.07 59.20 64.47
N TRP B 367 60.75 58.96 64.45
CA TRP B 367 60.19 57.95 65.34
C TRP B 367 59.01 57.26 64.65
N GLU B 368 58.73 56.07 65.13
CA GLU B 368 57.51 55.33 64.81
C GLU B 368 56.88 54.81 66.10
N ALA B 369 55.56 54.74 66.13
CA ALA B 369 54.84 54.14 67.25
C ALA B 369 53.68 53.33 66.73
N PHE B 370 53.28 52.32 67.49
CA PHE B 370 52.13 51.51 67.09
C PHE B 370 51.31 51.17 68.32
N GLY B 371 50.03 50.87 68.09
CA GLY B 371 49.13 50.65 69.18
C GLY B 371 47.72 50.43 68.67
N ARG B 372 46.76 50.65 69.55
CA ARG B 372 45.36 50.40 69.23
C ARG B 372 44.43 51.23 70.11
N ALA C 9 -116.43 -14.29 -38.37
CA ALA C 9 -115.32 -13.71 -37.62
C ALA C 9 -114.40 -14.80 -37.09
N LEU C 10 -113.09 -14.59 -37.19
CA LEU C 10 -112.11 -15.52 -36.67
C LEU C 10 -111.85 -15.26 -35.19
N ALA C 11 -111.65 -16.33 -34.44
CA ALA C 11 -111.26 -16.26 -33.04
C ALA C 11 -109.80 -16.68 -32.90
N ALA C 12 -109.17 -16.27 -31.80
CA ALA C 12 -107.76 -16.59 -31.59
C ALA C 12 -107.54 -18.09 -31.53
N THR C 13 -108.53 -18.84 -31.06
CA THR C 13 -108.38 -20.30 -30.99
C THR C 13 -108.39 -20.96 -32.36
N ASP C 14 -108.73 -20.23 -33.42
CA ASP C 14 -108.65 -20.77 -34.77
C ASP C 14 -107.26 -20.58 -35.38
N ILE C 15 -106.49 -19.62 -34.91
CA ILE C 15 -105.17 -19.33 -35.46
C ILE C 15 -104.18 -20.39 -34.93
N PRO C 16 -103.38 -21.00 -35.78
CA PRO C 16 -102.40 -21.98 -35.29
C PRO C 16 -101.14 -21.29 -34.75
N GLY C 17 -100.30 -22.10 -34.13
CA GLY C 17 -99.02 -21.59 -33.65
C GLY C 17 -98.22 -20.96 -34.77
N LEU C 18 -97.54 -19.86 -34.44
CA LEU C 18 -96.87 -19.04 -35.42
C LEU C 18 -95.38 -18.96 -35.12
N ASP C 19 -94.58 -18.83 -36.19
CA ASP C 19 -93.18 -18.51 -36.02
C ASP C 19 -93.03 -17.01 -35.79
N ALA C 20 -91.95 -16.64 -35.10
CA ALA C 20 -91.70 -15.23 -34.84
C ALA C 20 -91.57 -14.43 -36.13
N SER C 21 -91.19 -15.09 -37.23
CA SER C 21 -91.07 -14.42 -38.52
C SER C 21 -92.41 -13.97 -39.08
N LYS C 22 -93.53 -14.41 -38.51
CA LYS C 22 -94.83 -13.94 -38.96
C LYS C 22 -95.06 -12.48 -38.56
N LEU C 23 -94.37 -11.97 -37.55
CA LEU C 23 -94.41 -10.54 -37.28
C LEU C 23 -93.43 -9.86 -38.25
N VAL C 24 -93.95 -8.99 -39.13
CA VAL C 24 -93.18 -8.39 -40.21
C VAL C 24 -93.03 -6.90 -40.05
N SER C 25 -93.65 -6.29 -39.04
CA SER C 25 -93.62 -4.85 -38.88
C SER C 25 -93.96 -4.51 -37.43
N GLY C 26 -93.66 -3.26 -37.07
CA GLY C 26 -94.10 -2.70 -35.81
C GLY C 26 -93.18 -3.05 -34.65
N VAL C 27 -93.47 -2.43 -33.51
CA VAL C 27 -92.70 -2.60 -32.29
C VAL C 27 -93.62 -3.20 -31.25
N LEU C 28 -93.19 -4.30 -30.64
CA LEU C 28 -93.98 -4.92 -29.57
C LEU C 28 -94.25 -3.93 -28.45
N ALA C 29 -95.44 -4.01 -27.87
CA ALA C 29 -95.66 -3.36 -26.58
C ALA C 29 -94.68 -3.95 -25.57
N GLU C 30 -94.12 -3.09 -24.72
CA GLU C 30 -93.09 -3.57 -23.79
C GLU C 30 -93.66 -4.63 -22.85
N GLN C 31 -94.95 -4.58 -22.55
CA GLN C 31 -95.54 -5.56 -21.64
C GLN C 31 -95.50 -6.98 -22.22
N ARG C 32 -95.20 -7.13 -23.51
CA ARG C 32 -95.05 -8.47 -24.07
C ARG C 32 -93.68 -9.09 -23.77
N LEU C 33 -92.72 -8.31 -23.30
CA LEU C 33 -91.36 -8.78 -23.05
C LEU C 33 -91.30 -9.47 -21.69
N PRO C 34 -90.51 -10.54 -21.57
CA PRO C 34 -90.14 -11.03 -20.25
C PRO C 34 -89.68 -9.87 -19.38
N VAL C 35 -89.97 -9.97 -18.08
CA VAL C 35 -89.89 -8.78 -17.23
C VAL C 35 -88.47 -8.23 -17.16
N PHE C 36 -87.46 -9.10 -17.24
CA PHE C 36 -86.08 -8.64 -17.11
C PHE C 36 -85.67 -7.79 -18.29
N ALA C 37 -86.25 -8.03 -19.48
CA ALA C 37 -85.96 -7.19 -20.62
C ALA C 37 -86.57 -5.78 -20.49
N ARG C 38 -87.46 -5.60 -19.54
CA ARG C 38 -88.01 -4.30 -19.20
C ARG C 38 -87.25 -3.62 -18.08
N GLY C 39 -86.16 -4.23 -17.62
CA GLY C 39 -85.50 -3.76 -16.41
C GLY C 39 -86.19 -4.08 -15.12
N LEU C 40 -87.22 -4.93 -15.15
CA LEU C 40 -87.93 -5.28 -13.93
C LEU C 40 -87.24 -6.47 -13.26
N ALA C 41 -86.84 -6.29 -12.01
CA ALA C 41 -86.14 -7.33 -11.23
C ALA C 41 -87.10 -8.23 -10.46
N THR C 42 -88.05 -8.81 -11.18
CA THR C 42 -89.14 -9.58 -10.61
C THR C 42 -89.24 -11.02 -11.14
N ALA C 43 -88.40 -11.41 -12.08
CA ALA C 43 -88.53 -12.71 -12.73
C ALA C 43 -88.34 -13.86 -11.76
N VAL C 44 -87.55 -13.67 -10.71
CA VAL C 44 -87.39 -14.63 -9.63
C VAL C 44 -87.59 -13.88 -8.32
N SER C 45 -87.65 -14.65 -7.24
N SER C 45 -87.67 -14.65 -7.24
CA SER C 45 -87.98 -14.08 -5.96
CA SER C 45 -87.99 -14.09 -5.95
C SER C 45 -86.80 -13.32 -5.36
C SER C 45 -86.79 -13.33 -5.35
N ASN C 46 -87.10 -12.49 -4.34
CA ASN C 46 -86.10 -11.72 -3.63
C ASN C 46 -85.24 -12.55 -2.71
N SER C 47 -85.41 -13.87 -2.70
N SER C 47 -85.41 -13.88 -2.70
CA SER C 47 -84.54 -14.79 -1.98
CA SER C 47 -84.55 -14.81 -1.98
C SER C 47 -83.73 -15.67 -2.91
C SER C 47 -83.73 -15.68 -2.93
N SER C 48 -83.82 -15.46 -4.23
CA SER C 48 -83.14 -16.29 -5.22
C SER C 48 -81.61 -16.28 -5.04
N ASP C 49 -80.98 -17.42 -5.35
CA ASP C 49 -79.54 -17.61 -5.16
C ASP C 49 -78.79 -17.14 -6.42
N PRO C 50 -77.93 -16.11 -6.34
CA PRO C 50 -77.22 -15.68 -7.56
C PRO C 50 -76.21 -16.71 -8.05
N ASN C 51 -75.73 -17.62 -7.21
CA ASN C 51 -74.82 -18.67 -7.69
C ASN C 51 -75.47 -19.54 -8.75
N THR C 52 -76.78 -19.73 -8.68
CA THR C 52 -77.51 -20.56 -9.62
C THR C 52 -78.31 -19.74 -10.60
N ALA C 53 -77.91 -18.49 -10.82
CA ALA C 53 -78.67 -17.60 -11.69
C ALA C 53 -78.76 -18.16 -13.10
N THR C 54 -79.98 -18.08 -13.67
CA THR C 54 -80.19 -18.35 -15.09
C THR C 54 -80.92 -17.22 -15.80
N VAL C 55 -81.29 -16.16 -15.11
CA VAL C 55 -81.95 -15.00 -15.69
C VAL C 55 -81.01 -13.82 -15.60
N PRO C 56 -81.11 -12.85 -16.52
CA PRO C 56 -80.14 -11.76 -16.56
C PRO C 56 -80.34 -10.64 -15.53
N LEU C 57 -81.42 -10.67 -14.76
CA LEU C 57 -81.63 -9.64 -13.76
C LEU C 57 -82.47 -10.20 -12.61
N MET C 58 -82.00 -9.97 -11.38
CA MET C 58 -82.73 -10.33 -10.19
C MET C 58 -82.43 -9.31 -9.11
N LEU C 59 -83.19 -9.40 -8.02
CA LEU C 59 -83.01 -8.57 -6.83
C LEU C 59 -83.13 -9.49 -5.63
N THR C 60 -82.07 -9.60 -4.83
CA THR C 60 -81.98 -10.64 -3.82
C THR C 60 -81.10 -10.22 -2.67
N ASN C 61 -81.39 -10.74 -1.50
CA ASN C 61 -80.53 -10.58 -0.32
C ASN C 61 -79.88 -11.90 0.08
N HIS C 62 -79.85 -12.87 -0.84
CA HIS C 62 -79.27 -14.17 -0.57
C HIS C 62 -77.81 -14.01 -0.12
N ALA C 63 -77.37 -14.94 0.72
CA ALA C 63 -76.03 -14.87 1.30
C ALA C 63 -74.92 -14.79 0.25
N ASN C 64 -75.15 -15.36 -0.94
CA ASN C 64 -74.12 -15.40 -1.98
C ASN C 64 -73.97 -14.07 -2.73
N GLY C 65 -74.80 -13.09 -2.44
CA GLY C 65 -74.59 -11.75 -2.90
C GLY C 65 -73.38 -11.10 -2.23
N PRO C 66 -73.17 -9.83 -2.51
CA PRO C 66 -71.92 -9.22 -2.07
C PRO C 66 -71.87 -8.80 -0.61
N VAL C 67 -73.00 -8.49 0.01
CA VAL C 67 -73.00 -7.98 1.38
C VAL C 67 -74.09 -8.70 2.16
N ALA C 68 -73.67 -9.37 3.23
CA ALA C 68 -74.61 -10.14 4.03
C ALA C 68 -75.73 -9.26 4.54
N GLY C 69 -76.96 -9.73 4.39
CA GLY C 69 -78.14 -9.05 4.88
C GLY C 69 -78.70 -7.97 3.99
N ARG C 70 -78.04 -7.62 2.89
CA ARG C 70 -78.44 -6.50 2.06
C ARG C 70 -78.96 -6.96 0.72
N TYR C 71 -80.00 -6.28 0.25
CA TYR C 71 -80.53 -6.50 -1.09
C TYR C 71 -79.67 -5.81 -2.11
N PHE C 72 -79.36 -6.53 -3.19
CA PHE C 72 -78.71 -5.98 -4.36
C PHE C 72 -79.44 -6.42 -5.62
N TYR C 73 -79.57 -5.50 -6.57
CA TYR C 73 -79.86 -5.85 -7.95
C TYR C 73 -78.66 -6.55 -8.55
N ILE C 74 -78.87 -7.70 -9.20
CA ILE C 74 -77.77 -8.47 -9.78
C ILE C 74 -78.07 -8.75 -11.24
N GLN C 75 -77.22 -8.24 -12.13
CA GLN C 75 -77.28 -8.56 -13.52
C GLN C 75 -76.36 -9.73 -13.77
N SER C 76 -76.78 -10.63 -14.66
CA SER C 76 -75.97 -11.76 -15.06
C SER C 76 -75.82 -11.76 -16.57
N MET C 77 -74.61 -12.09 -17.01
CA MET C 77 -74.27 -12.28 -18.44
C MET C 77 -73.63 -13.64 -18.55
N PHE C 78 -74.11 -14.45 -19.50
CA PHE C 78 -73.84 -15.88 -19.50
C PHE C 78 -73.14 -16.29 -20.80
N TYR C 79 -72.31 -17.34 -20.71
CA TYR C 79 -71.71 -18.01 -21.84
C TYR C 79 -71.30 -19.41 -21.45
N PRO C 80 -71.58 -20.42 -22.29
CA PRO C 80 -72.20 -20.46 -23.62
C PRO C 80 -73.72 -20.53 -23.55
N ASP C 81 -74.26 -20.79 -22.36
CA ASP C 81 -75.69 -20.78 -22.17
C ASP C 81 -75.97 -20.33 -20.72
N GLN C 82 -77.25 -20.26 -20.38
CA GLN C 82 -77.64 -19.68 -19.12
C GLN C 82 -77.31 -20.55 -17.92
N ASN C 83 -76.83 -21.78 -18.13
CA ASN C 83 -76.34 -22.59 -17.02
C ASN C 83 -74.83 -22.51 -16.85
N GLY C 84 -74.14 -21.79 -17.72
CA GLY C 84 -72.69 -21.91 -17.86
C GLY C 84 -71.94 -20.81 -17.15
N ASN C 85 -70.82 -20.38 -17.74
CA ASN C 85 -70.02 -19.33 -17.14
C ASN C 85 -70.84 -18.05 -17.07
N ALA C 86 -70.45 -17.18 -16.14
CA ALA C 86 -71.23 -15.97 -15.94
C ALA C 86 -70.40 -14.86 -15.30
N SER C 87 -70.75 -13.63 -15.68
CA SER C 87 -70.31 -12.42 -15.01
C SER C 87 -71.53 -11.78 -14.35
N GLN C 88 -71.34 -11.24 -13.16
CA GLN C 88 -72.40 -10.59 -12.45
C GLN C 88 -71.98 -9.23 -11.96
N ILE C 89 -72.90 -8.27 -12.10
CA ILE C 89 -72.76 -6.93 -11.56
C ILE C 89 -73.87 -6.72 -10.54
N ALA C 90 -73.50 -6.27 -9.34
CA ALA C 90 -74.45 -6.04 -8.26
C ALA C 90 -74.48 -4.58 -7.92
N THR C 91 -75.69 -4.01 -7.82
CA THR C 91 -75.85 -2.63 -7.40
C THR C 91 -76.85 -2.58 -6.26
N SER C 92 -76.57 -1.69 -5.31
CA SER C 92 -77.32 -1.65 -4.06
C SER C 92 -78.77 -1.31 -4.31
N TYR C 93 -79.63 -1.78 -3.40
CA TYR C 93 -81.06 -1.54 -3.44
C TYR C 93 -81.50 -0.38 -2.56
N ASN C 94 -80.73 -0.01 -1.54
CA ASN C 94 -81.11 1.01 -0.60
C ASN C 94 -79.89 1.44 0.22
N ALA C 95 -80.09 2.49 1.02
CA ALA C 95 -79.17 2.94 2.08
C ALA C 95 -77.93 3.61 1.50
N THR C 96 -77.27 2.96 0.57
CA THR C 96 -76.07 3.53 -0.05
C THR C 96 -76.04 3.16 -1.51
N SER C 97 -75.13 3.80 -2.24
CA SER C 97 -74.93 3.58 -3.68
C SER C 97 -73.60 2.85 -3.86
N GLU C 98 -73.67 1.56 -4.17
CA GLU C 98 -72.52 0.67 -4.22
C GLU C 98 -72.67 -0.29 -5.40
N MET C 99 -71.52 -0.74 -5.91
CA MET C 99 -71.49 -1.67 -7.02
C MET C 99 -70.40 -2.68 -6.77
N TYR C 100 -70.65 -3.91 -7.19
CA TYR C 100 -69.70 -5.00 -7.09
C TYR C 100 -69.75 -5.82 -8.37
N VAL C 101 -68.67 -6.58 -8.64
CA VAL C 101 -68.62 -7.45 -9.79
C VAL C 101 -68.00 -8.77 -9.36
N ARG C 102 -68.43 -9.86 -10.01
CA ARG C 102 -67.80 -11.17 -9.82
C ARG C 102 -67.95 -11.99 -11.08
N VAL C 103 -67.43 -13.21 -11.04
CA VAL C 103 -67.41 -14.08 -12.21
C VAL C 103 -67.38 -15.54 -11.80
N SER C 104 -67.97 -16.39 -12.64
CA SER C 104 -67.83 -17.83 -12.53
C SER C 104 -67.22 -18.34 -13.82
N TYR C 105 -66.15 -19.10 -13.69
CA TYR C 105 -65.54 -19.75 -14.83
C TYR C 105 -65.07 -21.15 -14.45
N ALA C 106 -65.39 -22.13 -15.29
CA ALA C 106 -64.92 -23.50 -15.10
C ALA C 106 -64.86 -24.18 -16.45
N ALA C 107 -63.89 -25.11 -16.58
CA ALA C 107 -63.74 -25.84 -17.84
C ALA C 107 -65.02 -26.57 -18.21
N ASN C 108 -65.75 -27.08 -17.21
CA ASN C 108 -67.12 -27.50 -17.40
C ASN C 108 -67.99 -26.36 -16.91
N PRO C 109 -68.54 -25.54 -17.79
CA PRO C 109 -69.15 -24.28 -17.32
C PRO C 109 -70.33 -24.49 -16.39
N SER C 110 -71.03 -25.63 -16.47
CA SER C 110 -72.18 -25.85 -15.62
C SER C 110 -71.82 -26.18 -14.18
N ILE C 111 -70.58 -26.56 -13.92
CA ILE C 111 -70.14 -26.80 -12.54
C ILE C 111 -69.40 -25.52 -12.13
N ARG C 112 -70.17 -24.57 -11.65
CA ARG C 112 -69.67 -23.20 -11.53
C ARG C 112 -68.62 -23.11 -10.42
N GLU C 113 -67.69 -22.18 -10.61
CA GLU C 113 -66.65 -21.85 -9.62
C GLU C 113 -66.63 -20.33 -9.50
N TRP C 114 -67.30 -19.80 -8.49
CA TRP C 114 -67.45 -18.36 -8.34
C TRP C 114 -66.24 -17.75 -7.67
N LEU C 115 -65.75 -16.64 -8.22
CA LEU C 115 -64.73 -15.83 -7.56
C LEU C 115 -65.40 -14.83 -6.63
N PRO C 116 -64.66 -14.32 -5.66
CA PRO C 116 -65.28 -13.42 -4.67
C PRO C 116 -65.73 -12.13 -5.34
N TRP C 117 -66.77 -11.52 -4.77
CA TRP C 117 -67.21 -10.19 -5.21
C TRP C 117 -66.12 -9.13 -4.98
N GLN C 118 -65.92 -8.27 -5.98
CA GLN C 118 -64.94 -7.18 -5.95
C GLN C 118 -65.68 -5.86 -6.09
N ARG C 119 -65.36 -4.92 -5.23
CA ARG C 119 -66.04 -3.63 -5.23
C ARG C 119 -65.65 -2.82 -6.45
N CYS C 120 -66.61 -2.07 -6.96
CA CYS C 120 -66.40 -1.23 -8.13
C CYS C 120 -66.53 0.26 -7.87
N ASP C 121 -67.26 0.69 -6.86
CA ASP C 121 -67.32 2.10 -6.57
C ASP C 121 -66.13 2.50 -5.68
N ILE C 122 -65.83 3.80 -5.70
CA ILE C 122 -64.64 4.29 -5.00
C ILE C 122 -64.87 4.46 -3.50
N GLY C 123 -66.07 4.13 -3.00
CA GLY C 123 -66.33 4.21 -1.58
C GLY C 123 -65.41 3.39 -0.69
N GLY C 124 -64.86 2.31 -1.21
CA GLY C 124 -63.90 1.52 -0.46
C GLY C 124 -62.46 1.86 -0.75
N SER C 125 -62.19 2.99 -1.42
N SER C 125 -62.18 2.97 -1.41
CA SER C 125 -60.86 3.36 -1.82
CA SER C 125 -60.80 3.28 -1.76
C SER C 125 -60.44 4.65 -1.15
C SER C 125 -60.45 4.67 -1.27
N PHE C 126 -59.16 4.95 -1.25
CA PHE C 126 -58.65 6.27 -0.96
C PHE C 126 -59.11 7.15 -2.11
N THR C 127 -59.94 8.13 -1.82
CA THR C 127 -60.54 8.97 -2.83
C THR C 127 -59.81 10.29 -3.03
N LYS C 128 -59.93 10.83 -4.25
CA LYS C 128 -59.35 12.14 -4.54
C LYS C 128 -60.02 13.23 -3.71
N GLU C 129 -61.28 13.05 -3.36
CA GLU C 129 -61.98 13.85 -2.37
C GLU C 129 -61.64 13.38 -0.97
N ALA C 130 -61.40 14.34 -0.08
CA ALA C 130 -61.09 14.00 1.31
C ALA C 130 -62.30 13.36 1.96
N ASP C 131 -62.03 12.44 2.90
CA ASP C 131 -63.10 11.79 3.63
C ASP C 131 -63.97 12.78 4.38
N GLY C 132 -63.41 13.88 4.81
CA GLY C 132 -64.19 14.82 5.57
C GLY C 132 -63.32 15.94 6.12
N GLU C 133 -64.02 16.94 6.65
CA GLU C 133 -63.46 18.06 7.39
C GLU C 133 -63.65 17.80 8.88
N LEU C 134 -62.58 17.85 9.63
CA LEU C 134 -62.68 17.62 11.08
C LEU C 134 -63.33 18.83 11.74
N PRO C 135 -64.39 18.65 12.55
CA PRO C 135 -64.88 19.80 13.35
C PRO C 135 -63.99 20.05 14.53
N GLY C 136 -64.45 20.90 15.43
CA GLY C 136 -63.79 21.03 16.72
C GLY C 136 -64.04 19.81 17.58
N GLY C 137 -63.32 19.76 18.70
CA GLY C 137 -63.52 18.77 19.75
C GLY C 137 -63.26 17.33 19.37
N VAL C 138 -62.50 17.07 18.31
CA VAL C 138 -62.21 15.70 17.90
C VAL C 138 -60.98 15.20 18.67
N ASN C 139 -61.11 14.05 19.32
CA ASN C 139 -59.97 13.29 19.82
C ASN C 139 -59.44 12.40 18.70
N LEU C 140 -58.19 12.64 18.25
CA LEU C 140 -57.66 11.89 17.13
C LEU C 140 -57.47 10.39 17.43
N ASP C 141 -57.42 10.00 18.68
CA ASP C 141 -57.46 8.59 19.05
C ASP C 141 -58.71 7.90 18.54
N SER C 142 -59.78 8.65 18.30
CA SER C 142 -61.00 8.04 17.80
C SER C 142 -60.97 7.73 16.30
N MET C 143 -59.94 8.19 15.59
CA MET C 143 -59.91 8.08 14.13
C MET C 143 -59.11 6.83 13.78
N VAL C 144 -59.80 5.70 13.66
CA VAL C 144 -59.17 4.41 13.48
C VAL C 144 -59.61 3.74 12.18
N THR C 145 -60.17 4.51 11.25
CA THR C 145 -60.61 4.04 9.95
C THR C 145 -59.74 4.69 8.88
N SER C 146 -59.22 3.87 7.96
CA SER C 146 -58.38 4.38 6.89
C SER C 146 -59.06 5.51 6.14
N GLY C 147 -58.27 6.50 5.75
CA GLY C 147 -58.78 7.63 5.00
C GLY C 147 -57.88 8.85 5.19
N TRP C 148 -58.42 10.00 4.80
CA TRP C 148 -57.71 11.26 5.06
C TRP C 148 -58.73 12.36 5.28
N TRP C 149 -58.41 13.21 6.25
CA TRP C 149 -59.30 14.22 6.77
C TRP C 149 -58.50 15.51 6.88
N SER C 150 -59.21 16.63 6.84
CA SER C 150 -58.61 17.94 6.90
C SER C 150 -59.13 18.71 8.09
N GLN C 151 -58.21 19.25 8.89
CA GLN C 151 -58.59 20.22 9.93
C GLN C 151 -58.32 21.63 9.37
N SER C 152 -59.38 22.36 9.06
CA SER C 152 -59.25 23.67 8.46
C SER C 152 -59.10 24.80 9.46
N PHE C 153 -59.18 24.53 10.76
CA PHE C 153 -59.12 25.61 11.73
C PHE C 153 -58.21 25.23 12.87
N THR C 154 -57.21 26.07 13.11
CA THR C 154 -56.34 25.86 14.27
C THR C 154 -57.15 25.86 15.57
N ALA C 155 -58.18 26.68 15.66
CA ALA C 155 -58.99 26.72 16.87
C ALA C 155 -59.76 25.42 17.07
N GLN C 156 -60.06 24.70 15.99
CA GLN C 156 -60.74 23.43 16.11
C GLN C 156 -59.78 22.32 16.49
N ALA C 157 -58.51 22.48 16.18
CA ALA C 157 -57.51 21.58 16.74
C ALA C 157 -57.33 21.84 18.23
N ALA C 158 -57.42 23.11 18.65
CA ALA C 158 -57.19 23.47 20.03
C ALA C 158 -58.28 22.93 20.94
N SER C 159 -59.49 22.76 20.41
CA SER C 159 -60.59 22.21 21.20
C SER C 159 -60.62 20.69 21.19
N GLY C 160 -59.80 20.05 20.38
CA GLY C 160 -59.76 18.60 20.30
C GLY C 160 -58.76 18.00 21.25
N ALA C 161 -58.34 16.79 20.92
CA ALA C 161 -57.36 16.09 21.75
C ALA C 161 -56.46 15.23 20.84
N ASN C 162 -55.24 15.07 21.29
CA ASN C 162 -54.25 14.21 20.67
C ASN C 162 -53.86 14.66 19.27
N TYR C 163 -54.08 15.93 18.95
CA TYR C 163 -53.38 16.53 17.83
C TYR C 163 -51.89 16.68 18.17
N PRO C 164 -51.00 16.46 17.21
CA PRO C 164 -49.57 16.57 17.51
C PRO C 164 -49.10 17.98 17.71
N ILE C 165 -49.80 18.93 17.12
CA ILE C 165 -49.51 20.36 17.23
C ILE C 165 -50.84 21.07 17.08
N VAL C 166 -51.05 22.14 17.83
CA VAL C 166 -52.30 22.89 17.66
C VAL C 166 -52.16 23.71 16.39
N ARG C 167 -52.51 23.09 15.27
CA ARG C 167 -52.43 23.72 13.96
C ARG C 167 -53.44 23.03 13.04
N ALA C 168 -54.09 23.79 12.16
CA ALA C 168 -54.76 23.20 11.02
C ALA C 168 -53.77 22.29 10.31
N GLY C 169 -54.27 21.26 9.66
CA GLY C 169 -53.38 20.30 9.01
C GLY C 169 -54.14 19.13 8.46
N LEU C 170 -53.37 18.22 7.85
CA LEU C 170 -53.87 17.10 7.07
C LEU C 170 -53.57 15.78 7.81
N LEU C 171 -54.63 15.06 8.14
CA LEU C 171 -54.52 13.77 8.82
C LEU C 171 -54.75 12.63 7.85
N HIS C 172 -53.80 11.70 7.82
CA HIS C 172 -53.99 10.42 7.14
C HIS C 172 -54.10 9.32 8.20
N VAL C 173 -54.99 8.35 7.94
CA VAL C 173 -55.11 7.15 8.75
C VAL C 173 -54.93 5.95 7.86
N TYR C 174 -54.04 5.03 8.26
CA TYR C 174 -53.86 3.74 7.62
C TYR C 174 -54.13 2.64 8.65
N ALA C 175 -55.33 2.09 8.59
CA ALA C 175 -55.75 1.09 9.57
C ALA C 175 -55.33 -0.27 9.01
N ALA C 176 -54.05 -0.59 9.20
CA ALA C 176 -53.52 -1.83 8.68
C ALA C 176 -54.22 -3.03 9.29
N SER C 177 -54.44 -3.03 10.60
CA SER C 177 -55.20 -4.06 11.27
C SER C 177 -55.69 -3.49 12.60
N SER C 178 -56.45 -4.30 13.35
CA SER C 178 -56.93 -3.81 14.66
C SER C 178 -55.76 -3.57 15.60
N ASN C 179 -54.64 -4.29 15.41
CA ASN C 179 -53.48 -4.13 16.29
C ASN C 179 -52.52 -3.03 15.85
N PHE C 180 -52.69 -2.48 14.64
CA PHE C 180 -51.80 -1.42 14.15
C PHE C 180 -52.60 -0.36 13.40
N ILE C 181 -52.78 0.82 13.99
CA ILE C 181 -53.47 1.93 13.33
C ILE C 181 -52.44 3.06 13.16
N TYR C 182 -52.03 3.33 11.92
CA TYR C 182 -51.05 4.36 11.63
C TYR C 182 -51.70 5.71 11.29
N GLN C 183 -51.08 6.78 11.78
CA GLN C 183 -51.51 8.14 11.48
C GLN C 183 -50.31 9.01 11.13
N THR C 184 -50.56 9.96 10.21
CA THR C 184 -49.62 11.01 9.90
C THR C 184 -50.39 12.31 9.90
N TYR C 185 -49.68 13.42 10.21
CA TYR C 185 -50.27 14.74 10.27
C TYR C 185 -49.32 15.75 9.66
N GLN C 186 -49.80 16.49 8.66
CA GLN C 186 -49.05 17.55 8.00
C GLN C 186 -49.65 18.90 8.35
N ALA C 187 -48.88 19.72 9.07
CA ALA C 187 -49.34 21.05 9.42
C ALA C 187 -49.51 21.93 8.20
N TYR C 188 -50.58 22.76 8.21
CA TYR C 188 -50.86 23.59 7.02
C TYR C 188 -49.74 24.63 6.80
N ASP C 189 -49.13 25.10 7.87
CA ASP C 189 -48.09 26.10 7.79
C ASP C 189 -46.71 25.48 7.83
N GLY C 190 -46.59 24.18 7.63
CA GLY C 190 -45.33 23.53 7.67
C GLY C 190 -44.63 23.54 9.00
N GLU C 191 -45.35 23.75 10.10
CA GLU C 191 -44.70 23.71 11.40
C GLU C 191 -43.85 22.46 11.52
N SER C 192 -44.42 21.30 11.17
CA SER C 192 -43.68 20.09 10.88
C SER C 192 -44.65 19.05 10.35
N PHE C 193 -44.14 17.83 10.25
CA PHE C 193 -44.83 16.62 9.85
C PHE C 193 -44.62 15.60 10.96
N TYR C 194 -45.69 14.93 11.30
CA TYR C 194 -45.75 14.02 12.46
C TYR C 194 -46.29 12.65 12.10
N PHE C 195 -45.90 11.65 12.91
CA PHE C 195 -46.47 10.33 12.75
C PHE C 195 -46.51 9.55 14.05
N ARG C 196 -47.50 8.64 14.14
CA ARG C 196 -47.66 7.79 15.30
C ARG C 196 -48.43 6.54 14.87
N CYS C 197 -48.56 5.59 15.81
CA CYS C 197 -49.26 4.33 15.57
C CYS C 197 -49.93 3.90 16.87
N ARG C 198 -51.12 3.33 16.76
CA ARG C 198 -51.80 2.69 17.88
C ARG C 198 -51.51 1.19 17.79
N HIS C 199 -50.74 0.70 18.74
CA HIS C 199 -50.37 -0.71 18.79
C HIS C 199 -51.01 -1.32 20.03
N SER C 200 -51.80 -2.40 19.84
CA SER C 200 -52.52 -3.04 20.95
C SER C 200 -53.28 -2.03 21.81
N ASN C 201 -53.99 -1.11 21.13
CA ASN C 201 -54.85 -0.13 21.73
C ASN C 201 -54.09 0.90 22.55
N THR C 202 -52.78 1.01 22.36
CA THR C 202 -51.99 2.08 22.99
C THR C 202 -51.33 2.90 21.90
N TRP C 203 -51.61 4.20 21.92
CA TRP C 203 -50.99 5.14 20.97
C TRP C 203 -49.58 5.48 21.41
N PHE C 204 -48.59 5.21 20.55
CA PHE C 204 -47.26 5.78 20.77
C PHE C 204 -47.34 7.30 20.66
N PRO C 205 -46.42 8.02 21.31
CA PRO C 205 -46.39 9.47 21.10
C PRO C 205 -46.06 9.80 19.65
N TRP C 206 -46.61 10.93 19.19
CA TRP C 206 -46.27 11.43 17.88
C TRP C 206 -44.77 11.74 17.81
N ARG C 207 -44.14 11.32 16.74
CA ARG C 207 -42.82 11.77 16.35
C ARG C 207 -42.91 13.04 15.51
N ARG C 208 -41.96 13.95 15.71
CA ARG C 208 -41.92 15.23 15.02
C ARG C 208 -40.68 15.31 14.13
N MET C 209 -40.91 15.45 12.82
CA MET C 209 -39.80 15.60 11.89
C MET C 209 -38.97 16.85 12.20
N TRP C 210 -37.63 16.69 12.15
CA TRP C 210 -36.71 17.82 12.08
C TRP C 210 -36.56 18.28 10.63
N HIS C 211 -36.75 19.57 10.38
CA HIS C 211 -36.59 20.10 9.03
C HIS C 211 -35.83 21.41 9.04
N GLY C 212 -35.55 21.91 7.83
CA GLY C 212 -34.72 23.08 7.62
C GLY C 212 -35.24 24.38 8.23
N GLY C 213 -36.53 24.45 8.55
CA GLY C 213 -37.05 25.60 9.28
C GLY C 213 -36.71 25.60 10.75
N ASP C 214 -36.32 24.44 11.27
CA ASP C 214 -36.06 24.29 12.70
C ASP C 214 -34.67 24.75 13.08
N PHE C 215 -33.66 24.34 12.31
CA PHE C 215 -32.27 24.65 12.61
C PHE C 215 -31.48 24.30 11.36
N ASN C 216 -30.23 24.75 11.32
CA ASN C 216 -29.28 24.35 10.30
C ASN C 216 -28.03 23.82 11.00
N PRO C 217 -27.57 22.61 10.65
CA PRO C 217 -26.38 22.07 11.33
C PRO C 217 -25.13 22.93 11.16
N SER C 218 -25.08 23.79 10.15
CA SER C 218 -23.88 24.59 9.93
C SER C 218 -23.76 25.70 10.96
N ASP C 219 -24.78 25.91 11.78
CA ASP C 219 -24.66 26.82 12.91
C ASP C 219 -24.00 26.19 14.13
N TYR C 220 -23.73 24.89 14.10
CA TYR C 220 -23.19 24.17 15.25
C TYR C 220 -21.74 23.78 14.99
N LEU C 221 -20.97 23.62 16.07
CA LEU C 221 -19.56 23.34 15.95
C LEU C 221 -19.32 21.86 15.67
N LEU C 222 -18.65 21.59 14.54
CA LEU C 222 -18.15 20.23 14.29
C LEU C 222 -17.08 19.88 15.31
N LYS C 223 -17.05 18.61 15.74
CA LYS C 223 -15.94 18.18 16.59
C LYS C 223 -14.59 18.42 15.90
N SER C 224 -14.54 18.33 14.57
CA SER C 224 -13.30 18.57 13.84
C SER C 224 -12.84 20.02 13.88
N GLY C 225 -13.70 20.94 14.25
CA GLY C 225 -13.34 22.33 14.44
C GLY C 225 -13.00 22.70 15.87
N PHE C 226 -13.02 21.75 16.78
CA PHE C 226 -12.84 21.97 18.21
C PHE C 226 -11.38 21.66 18.54
N TYR C 227 -10.51 22.67 18.43
CA TYR C 227 -9.13 22.51 18.82
C TYR C 227 -8.53 23.88 19.18
N TRP C 228 -7.35 23.83 19.79
CA TRP C 228 -6.75 25.02 20.40
C TRP C 228 -6.59 26.16 19.41
N ASN C 229 -5.94 25.90 18.29
CA ASN C 229 -5.64 26.98 17.34
C ASN C 229 -6.93 27.58 16.77
N ALA C 230 -8.00 26.79 16.65
CA ALA C 230 -9.23 27.31 16.10
C ALA C 230 -10.01 28.17 17.09
N LEU C 231 -9.82 27.97 18.38
CA LEU C 231 -10.56 28.72 19.40
C LEU C 231 -10.22 30.21 19.30
N PRO C 232 -11.20 31.08 19.06
CA PRO C 232 -10.90 32.51 18.97
C PRO C 232 -10.91 33.20 20.33
N GLY C 233 -10.27 34.37 20.35
CA GLY C 233 -10.28 35.19 21.53
C GLY C 233 -9.22 34.84 22.54
N LYS C 234 -8.23 34.04 22.16
CA LYS C 234 -7.22 33.60 23.12
C LYS C 234 -6.30 34.76 23.46
N PRO C 235 -5.91 34.93 24.72
CA PRO C 235 -5.00 36.04 25.06
C PRO C 235 -3.61 35.81 24.49
N ALA C 236 -2.87 36.92 24.36
CA ALA C 236 -1.51 36.83 23.84
C ALA C 236 -0.54 36.35 24.90
N THR C 237 -0.80 36.67 26.17
CA THR C 237 0.03 36.18 27.28
C THR C 237 -0.89 35.65 28.38
N PHE C 238 -0.28 34.84 29.27
CA PHE C 238 -1.03 34.11 30.29
C PHE C 238 -0.41 34.29 31.65
N PRO C 239 -1.21 34.52 32.69
CA PRO C 239 -0.66 34.65 34.03
C PRO C 239 0.02 33.36 34.45
N PRO C 240 1.29 33.43 34.83
CA PRO C 240 2.06 32.21 35.06
C PRO C 240 1.78 31.59 36.41
N SER C 241 1.89 30.27 36.46
CA SER C 241 1.90 29.55 37.71
C SER C 241 3.30 29.65 38.33
N ALA C 242 3.42 29.22 39.58
CA ALA C 242 4.70 29.31 40.28
C ALA C 242 5.75 28.51 39.51
N HIS C 243 6.92 29.11 39.35
CA HIS C 243 7.99 28.47 38.60
C HIS C 243 9.33 28.99 39.10
N ASN C 244 10.39 28.29 38.72
CA ASN C 244 11.76 28.62 39.09
C ASN C 244 12.55 29.00 37.85
N HIS C 245 13.68 29.66 38.08
CA HIS C 245 14.54 30.12 37.01
C HIS C 245 15.99 29.75 37.29
N ASP C 246 16.73 29.49 36.22
CA ASP C 246 18.18 29.53 36.25
C ASP C 246 18.63 30.96 36.09
N VAL C 247 19.69 31.36 36.81
CA VAL C 247 20.14 32.75 36.74
C VAL C 247 20.50 33.14 35.32
N GLY C 248 20.76 32.17 34.44
CA GLY C 248 21.03 32.48 33.05
C GLY C 248 19.90 33.24 32.37
N GLN C 249 18.67 33.08 32.85
CA GLN C 249 17.56 33.83 32.29
C GLN C 249 17.44 35.24 32.88
N LEU C 250 18.32 35.62 33.78
CA LEU C 250 18.45 37.01 34.21
C LEU C 250 19.42 37.64 33.23
N THR C 251 18.90 38.34 32.24
CA THR C 251 19.67 38.81 31.10
C THR C 251 19.99 40.29 31.15
N SER C 252 19.43 41.02 32.11
CA SER C 252 19.67 42.46 32.20
C SER C 252 19.46 42.92 33.64
N GLY C 253 19.97 44.11 33.95
CA GLY C 253 19.84 44.68 35.27
C GLY C 253 21.02 44.31 36.16
N ILE C 254 21.04 44.95 37.33
CA ILE C 254 22.15 44.80 38.30
C ILE C 254 21.53 44.59 39.68
N LEU C 255 21.83 43.46 40.31
CA LEU C 255 21.19 43.14 41.57
C LEU C 255 21.71 44.05 42.69
N PRO C 256 20.85 44.71 43.44
CA PRO C 256 21.32 45.55 44.55
C PRO C 256 21.56 44.74 45.81
N LEU C 257 22.22 45.39 46.79
CA LEU C 257 22.52 44.74 48.05
C LEU C 257 21.26 44.32 48.80
N ALA C 258 20.15 45.05 48.61
CA ALA C 258 18.90 44.68 49.27
C ALA C 258 18.45 43.28 48.91
N ARG C 259 18.87 42.76 47.75
CA ARG C 259 18.50 41.45 47.27
C ARG C 259 19.68 40.48 47.26
N GLY C 260 20.76 40.81 47.94
CA GLY C 260 21.92 39.94 47.98
C GLY C 260 22.88 40.13 46.83
N GLY C 261 22.80 41.25 46.12
CA GLY C 261 23.74 41.58 45.07
C GLY C 261 24.78 42.58 45.60
N VAL C 262 25.71 42.94 44.71
CA VAL C 262 26.76 43.89 45.04
C VAL C 262 26.50 45.27 44.48
N GLY C 263 25.34 45.49 43.87
CA GLY C 263 24.95 46.83 43.45
C GLY C 263 25.81 47.45 42.36
N SER C 264 26.53 46.63 41.60
CA SER C 264 27.47 47.17 40.62
C SER C 264 27.84 46.08 39.65
N ASN C 265 28.35 46.48 38.48
CA ASN C 265 28.94 45.55 37.53
C ASN C 265 30.43 45.76 37.36
N THR C 266 31.08 46.49 38.25
CA THR C 266 32.52 46.60 38.26
C THR C 266 33.08 46.12 39.59
N ALA C 267 34.29 45.61 39.56
CA ALA C 267 34.94 45.17 40.80
C ALA C 267 34.98 46.30 41.83
N ALA C 268 35.42 47.50 41.40
CA ALA C 268 35.54 48.60 42.33
C ALA C 268 34.20 49.00 42.93
N GLY C 269 33.14 49.03 42.10
CA GLY C 269 31.84 49.40 42.63
C GLY C 269 31.30 48.38 43.61
N ALA C 270 31.49 47.09 43.30
CA ALA C 270 31.05 46.05 44.22
C ALA C 270 31.76 46.20 45.56
N ARG C 271 33.07 46.40 45.54
CA ARG C 271 33.79 46.61 46.79
C ARG C 271 33.20 47.79 47.55
N SER C 272 32.88 48.86 46.83
CA SER C 272 32.29 50.02 47.48
C SER C 272 30.96 49.68 48.12
N THR C 273 30.15 48.86 47.45
CA THR C 273 28.84 48.54 47.98
C THR C 273 28.93 47.81 49.31
N ILE C 274 29.87 46.87 49.45
CA ILE C 274 29.99 46.09 50.68
C ILE C 274 31.15 46.57 51.54
N GLY C 275 31.79 47.67 51.18
CA GLY C 275 32.86 48.20 52.03
C GLY C 275 34.03 47.26 52.21
N ALA C 276 34.48 46.63 51.12
CA ALA C 276 35.61 45.73 51.18
C ALA C 276 36.88 46.41 50.68
N GLY C 277 38.02 45.97 51.23
CA GLY C 277 39.31 46.42 50.77
C GLY C 277 39.90 45.49 49.74
N VAL C 278 41.05 45.88 49.20
CA VAL C 278 41.73 45.10 48.16
C VAL C 278 42.92 44.37 48.76
N PRO C 279 43.47 43.37 48.06
CA PRO C 279 44.55 42.59 48.64
C PRO C 279 45.84 43.40 48.76
N ALA C 280 46.54 43.16 49.85
CA ALA C 280 47.93 43.61 49.93
C ALA C 280 48.78 42.75 49.01
N THR C 281 49.89 43.31 48.56
CA THR C 281 50.84 42.58 47.75
C THR C 281 52.21 42.67 48.38
N ALA C 282 53.08 41.76 47.99
CA ALA C 282 54.38 41.72 48.67
C ALA C 282 55.34 40.84 47.88
N SER C 283 56.62 40.99 48.21
CA SER C 283 57.68 40.08 47.81
C SER C 283 58.47 39.79 49.09
N LEU C 284 58.06 38.75 49.81
CA LEU C 284 58.59 38.54 51.17
C LEU C 284 59.91 37.79 51.17
N GLY C 285 60.89 38.28 50.40
CA GLY C 285 62.21 37.69 50.37
C GLY C 285 63.12 38.25 51.46
N ALA C 286 64.37 37.78 51.46
CA ALA C 286 65.34 38.22 52.45
C ALA C 286 65.45 39.73 52.47
N SER C 287 65.48 40.36 51.30
CA SER C 287 65.15 41.76 51.12
C SER C 287 63.86 41.80 50.31
N GLY C 288 62.96 42.70 50.67
CA GLY C 288 61.68 42.69 49.99
C GLY C 288 60.84 43.90 50.35
N TRP C 289 59.56 43.79 50.01
CA TRP C 289 58.63 44.89 50.20
C TRP C 289 57.24 44.33 50.46
N TRP C 290 56.42 45.18 51.04
CA TRP C 290 55.01 44.89 51.31
C TRP C 290 54.23 46.16 51.06
N ARG C 291 53.06 46.02 50.44
CA ARG C 291 52.28 47.18 50.01
C ARG C 291 50.82 47.01 50.39
N ASP C 292 50.29 47.97 51.14
CA ASP C 292 48.86 48.05 51.41
C ASP C 292 48.24 48.79 50.24
N ASN C 293 47.55 48.07 49.37
CA ASN C 293 46.98 48.73 48.20
C ASN C 293 45.71 49.51 48.50
N ASP C 294 45.18 49.43 49.72
CA ASP C 294 44.10 50.32 50.12
C ASP C 294 44.57 51.77 50.17
N THR C 295 45.73 52.02 50.79
CA THR C 295 46.24 53.37 51.00
C THR C 295 47.49 53.69 50.21
N GLY C 296 48.19 52.68 49.68
CA GLY C 296 49.45 52.91 49.00
C GLY C 296 50.69 52.85 49.90
N LEU C 297 50.53 52.62 51.19
CA LEU C 297 51.69 52.50 52.07
C LEU C 297 52.55 51.31 51.69
N ILE C 298 53.86 51.52 51.63
CA ILE C 298 54.84 50.51 51.25
C ILE C 298 55.86 50.40 52.37
N ARG C 299 56.20 49.17 52.77
CA ARG C 299 57.32 48.89 53.67
C ARG C 299 58.34 48.00 52.97
N GLN C 300 59.62 48.31 53.18
CA GLN C 300 60.68 47.56 52.54
C GLN C 300 61.77 47.30 53.57
N TRP C 301 62.65 46.35 53.25
CA TRP C 301 63.68 45.95 54.19
C TRP C 301 64.83 45.29 53.44
N GLY C 302 65.99 45.31 54.08
CA GLY C 302 67.17 44.65 53.55
C GLY C 302 68.31 44.75 54.53
N GLN C 303 69.51 44.39 54.03
CA GLN C 303 70.72 44.42 54.83
C GLN C 303 71.79 45.14 54.03
N VAL C 304 72.81 45.61 54.73
CA VAL C 304 73.93 46.30 54.08
C VAL C 304 75.14 46.19 54.98
N THR C 305 76.31 46.01 54.35
CA THR C 305 77.58 45.99 55.04
C THR C 305 78.19 47.38 55.02
N CYS C 306 78.41 47.95 56.23
CA CYS C 306 78.96 49.31 56.38
C CYS C 306 80.42 49.25 56.83
N PRO C 307 81.25 50.16 56.38
CA PRO C 307 82.59 50.29 56.97
C PRO C 307 82.45 50.76 58.42
N ALA C 308 83.56 50.66 59.15
CA ALA C 308 83.61 51.15 60.51
C ALA C 308 83.34 52.65 60.51
N ASP C 309 82.52 53.10 61.45
CA ASP C 309 82.33 54.53 61.71
C ASP C 309 82.09 55.31 60.41
N ALA C 310 81.19 54.79 59.58
CA ALA C 310 81.03 55.36 58.24
C ALA C 310 79.67 54.99 57.66
N ASP C 311 79.35 55.61 56.55
CA ASP C 311 78.09 55.44 55.84
C ASP C 311 78.18 54.31 54.84
N ALA C 312 77.00 53.77 54.49
CA ALA C 312 76.85 52.94 53.31
C ALA C 312 75.49 53.24 52.71
N SER C 313 75.44 53.29 51.37
CA SER C 313 74.20 53.58 50.67
C SER C 313 73.42 52.28 50.42
N ILE C 314 72.09 52.40 50.43
CA ILE C 314 71.22 51.29 50.11
C ILE C 314 70.34 51.69 48.93
N THR C 315 69.89 50.67 48.19
CA THR C 315 68.92 50.84 47.12
C THR C 315 67.68 50.02 47.47
N PHE C 316 66.52 50.66 47.49
CA PHE C 316 65.32 49.97 47.93
C PHE C 316 64.96 48.88 46.91
N PRO C 317 64.45 47.73 47.38
CA PRO C 317 64.00 46.69 46.43
C PRO C 317 63.16 47.24 45.29
N ILE C 318 62.19 48.09 45.59
CA ILE C 318 61.44 48.80 44.56
C ILE C 318 61.45 50.29 44.91
N PRO C 319 61.28 51.15 43.92
CA PRO C 319 61.19 52.57 44.22
C PRO C 319 59.88 52.88 44.91
N PHE C 320 59.93 53.78 45.88
CA PHE C 320 58.70 54.37 46.37
C PHE C 320 58.13 55.21 45.25
N PRO C 321 56.85 55.06 44.91
CA PRO C 321 56.30 55.85 43.80
C PRO C 321 56.41 57.36 44.00
N THR C 322 56.35 57.84 45.24
CA THR C 322 56.35 59.26 45.52
C THR C 322 57.45 59.69 46.49
N LEU C 323 57.57 59.02 47.63
CA LEU C 323 58.59 59.46 48.58
C LEU C 323 58.79 58.40 49.65
N CYS C 324 59.95 58.46 50.29
CA CYS C 324 60.24 57.68 51.47
C CYS C 324 59.85 58.49 52.71
N LEU C 325 59.00 57.92 53.56
CA LEU C 325 58.56 58.64 54.75
C LEU C 325 59.47 58.45 55.96
N GLY C 326 60.24 57.36 56.03
CA GLY C 326 61.12 57.16 57.16
C GLY C 326 61.79 55.81 57.10
N GLY C 327 62.66 55.57 58.07
CA GLY C 327 63.35 54.29 58.16
C GLY C 327 64.21 54.24 59.42
N TYR C 328 64.89 53.11 59.58
CA TYR C 328 65.80 52.89 60.70
C TYR C 328 66.80 51.83 60.27
N ALA C 329 67.86 51.67 61.06
CA ALA C 329 68.80 50.60 60.87
C ALA C 329 69.09 49.93 62.20
N ASN C 330 69.59 48.70 62.12
CA ASN C 330 69.77 47.83 63.28
C ASN C 330 71.07 47.07 63.16
N GLN C 331 71.87 47.07 64.23
CA GLN C 331 73.08 46.25 64.28
C GLN C 331 72.71 44.78 64.37
N THR C 332 73.26 43.97 63.46
CA THR C 332 72.97 42.54 63.43
C THR C 332 74.07 41.70 64.08
N SER C 333 75.15 42.32 64.54
CA SER C 333 76.29 41.57 65.08
C SER C 333 76.36 41.72 66.59
N ALA C 334 77.19 40.88 67.19
CA ALA C 334 77.42 40.94 68.63
C ALA C 334 78.50 41.99 68.87
N PHE C 335 78.07 43.26 68.83
CA PHE C 335 79.02 44.35 68.91
C PHE C 335 79.63 44.41 70.32
N HIS C 336 80.90 44.80 70.38
CA HIS C 336 81.56 44.95 71.65
C HIS C 336 80.81 45.97 72.48
N PRO C 337 80.30 45.63 73.67
CA PRO C 337 79.47 46.59 74.42
C PRO C 337 80.28 47.57 75.24
N GLY C 338 81.59 47.56 75.12
CA GLY C 338 82.41 48.60 75.71
C GLY C 338 82.58 49.82 74.83
N THR C 339 81.93 49.88 73.66
CA THR C 339 82.07 51.00 72.75
C THR C 339 80.67 51.40 72.26
N ASP C 340 80.61 52.43 71.42
CA ASP C 340 79.35 52.84 70.82
C ASP C 340 79.10 52.07 69.51
N ALA C 341 77.83 51.84 69.24
CA ALA C 341 77.40 51.06 68.10
C ALA C 341 76.10 51.64 67.56
N SER C 342 76.03 52.97 67.48
CA SER C 342 74.80 53.62 67.05
C SER C 342 74.55 53.41 65.57
N THR C 343 73.31 53.68 65.16
CA THR C 343 72.91 53.54 63.77
C THR C 343 72.25 54.82 63.30
N GLY C 344 72.10 54.95 61.99
CA GLY C 344 71.34 56.04 61.42
C GLY C 344 70.74 55.65 60.08
N PHE C 345 69.58 56.24 59.80
CA PHE C 345 68.90 56.14 58.51
C PHE C 345 68.57 57.56 58.08
N ARG C 346 69.07 57.97 56.90
CA ARG C 346 68.82 59.34 56.46
C ARG C 346 68.97 59.47 54.96
N GLY C 347 68.66 60.69 54.47
CA GLY C 347 68.87 61.03 53.07
C GLY C 347 68.09 60.19 52.09
N ALA C 348 66.89 59.78 52.47
CA ALA C 348 66.10 58.88 51.63
C ALA C 348 65.50 59.66 50.46
N THR C 349 65.60 59.07 49.26
CA THR C 349 64.88 59.46 48.06
C THR C 349 63.86 58.35 47.73
N THR C 350 63.35 58.33 46.49
CA THR C 350 62.45 57.26 46.10
C THR C 350 63.19 55.94 45.88
N THR C 351 64.51 55.98 45.70
CA THR C 351 65.25 54.78 45.32
C THR C 351 66.42 54.41 46.24
N THR C 352 66.96 55.32 47.04
CA THR C 352 68.12 55.03 47.86
C THR C 352 68.02 55.72 49.21
N ALA C 353 68.93 55.33 50.11
CA ALA C 353 69.06 56.00 51.42
C ALA C 353 70.47 55.78 51.92
N VAL C 354 70.80 56.45 53.04
CA VAL C 354 72.12 56.35 53.65
C VAL C 354 72.00 55.72 55.02
N ILE C 355 72.79 54.67 55.25
CA ILE C 355 72.84 53.97 56.53
C ILE C 355 74.18 54.28 57.19
N ARG C 356 74.14 54.78 58.42
CA ARG C 356 75.35 55.14 59.16
C ARG C 356 75.63 54.12 60.24
N ASN C 357 76.90 53.75 60.37
CA ASN C 357 77.37 52.76 61.33
C ASN C 357 78.39 53.39 62.27
N GLY C 358 78.00 53.58 63.53
CA GLY C 358 78.89 54.14 64.54
C GLY C 358 79.79 53.14 65.25
N TYR C 359 79.61 51.85 64.94
CA TYR C 359 80.49 50.82 65.50
C TYR C 359 81.87 50.89 64.86
N PHE C 360 82.91 50.64 65.65
CA PHE C 360 84.28 50.86 65.20
C PHE C 360 84.83 49.70 64.40
N ALA C 361 83.97 48.93 63.77
CA ALA C 361 84.37 47.86 62.86
C ALA C 361 83.35 47.75 61.73
N GLN C 362 83.80 47.18 60.62
CA GLN C 362 82.87 46.80 59.56
C GLN C 362 81.78 45.90 60.14
N ALA C 363 80.54 46.16 59.77
CA ALA C 363 79.43 45.46 60.38
C ALA C 363 78.24 45.46 59.44
N VAL C 364 77.39 44.46 59.59
CA VAL C 364 76.18 44.32 58.78
C VAL C 364 75.03 44.91 59.57
N LEU C 365 74.36 45.87 58.96
CA LEU C 365 73.18 46.50 59.52
C LEU C 365 71.98 46.13 58.66
N SER C 366 70.92 45.68 59.31
CA SER C 366 69.64 45.53 58.62
C SER C 366 68.89 46.86 58.68
N TRP C 367 67.91 47.03 57.80
CA TRP C 367 67.15 48.27 57.78
C TRP C 367 65.72 47.98 57.34
N GLU C 368 64.80 48.87 57.75
CA GLU C 368 63.48 48.97 57.16
C GLU C 368 63.27 50.41 56.73
N ALA C 369 62.38 50.60 55.76
CA ALA C 369 61.99 51.93 55.30
C ALA C 369 60.53 51.83 54.86
N PHE C 370 59.80 52.93 54.99
CA PHE C 370 58.41 52.96 54.59
C PHE C 370 58.15 54.24 53.81
N GLY C 371 57.08 54.21 53.03
CA GLY C 371 56.79 55.33 52.15
C GLY C 371 55.57 55.05 51.29
N ARG C 372 55.43 55.83 50.22
CA ARG C 372 54.31 55.66 49.30
C ARG C 372 54.62 56.24 47.92
N ALA D 9 -72.69 -53.06 -80.12
CA ALA D 9 -71.34 -52.94 -79.59
C ALA D 9 -71.31 -52.02 -78.37
N LEU D 10 -70.74 -52.52 -77.27
CA LEU D 10 -70.70 -51.75 -76.03
C LEU D 10 -69.78 -50.54 -76.16
N ALA D 11 -70.23 -49.41 -75.62
CA ALA D 11 -69.43 -48.20 -75.54
C ALA D 11 -69.03 -47.97 -74.10
N ALA D 12 -67.91 -47.25 -73.91
CA ALA D 12 -67.45 -46.98 -72.55
C ALA D 12 -68.60 -46.40 -71.71
N THR D 13 -69.38 -45.48 -72.30
CA THR D 13 -70.46 -44.84 -71.57
C THR D 13 -71.52 -45.84 -71.08
N ASP D 14 -71.56 -47.03 -71.66
CA ASP D 14 -72.49 -48.07 -71.21
C ASP D 14 -71.87 -49.02 -70.18
N ILE D 15 -70.62 -48.79 -69.78
CA ILE D 15 -69.99 -49.57 -68.73
C ILE D 15 -70.21 -48.87 -67.41
N PRO D 16 -70.67 -49.55 -66.37
CA PRO D 16 -70.87 -48.89 -65.08
C PRO D 16 -69.55 -48.73 -64.33
N GLY D 17 -69.62 -47.92 -63.28
CA GLY D 17 -68.45 -47.73 -62.41
C GLY D 17 -67.98 -49.06 -61.84
N LEU D 18 -66.67 -49.24 -61.82
CA LEU D 18 -66.06 -50.50 -61.44
C LEU D 18 -65.18 -50.35 -60.20
N ASP D 19 -65.12 -51.41 -59.41
CA ASP D 19 -64.17 -51.51 -58.33
C ASP D 19 -62.81 -51.91 -58.89
N ALA D 20 -61.76 -51.49 -58.19
CA ALA D 20 -60.41 -51.81 -58.63
C ALA D 20 -60.18 -53.32 -58.69
N SER D 21 -60.94 -54.10 -57.92
CA SER D 21 -60.82 -55.56 -57.96
C SER D 21 -61.17 -56.13 -59.33
N LYS D 22 -61.84 -55.34 -60.17
CA LYS D 22 -62.17 -55.81 -61.51
C LYS D 22 -60.94 -55.92 -62.40
N LEU D 23 -59.81 -55.32 -62.02
CA LEU D 23 -58.57 -55.47 -62.78
C LEU D 23 -57.81 -56.65 -62.17
N VAL D 24 -57.85 -57.79 -62.84
CA VAL D 24 -57.37 -59.05 -62.29
C VAL D 24 -56.03 -59.47 -62.84
N SER D 25 -55.53 -58.81 -63.88
CA SER D 25 -54.29 -59.21 -64.53
C SER D 25 -53.63 -58.01 -65.19
N GLY D 26 -52.36 -58.18 -65.52
CA GLY D 26 -51.65 -57.19 -66.29
C GLY D 26 -51.03 -56.11 -65.40
N VAL D 27 -50.12 -55.34 -66.00
CA VAL D 27 -49.45 -54.23 -65.35
C VAL D 27 -49.88 -52.93 -66.01
N LEU D 28 -50.39 -51.99 -65.21
CA LEU D 28 -50.79 -50.69 -65.72
C LEU D 28 -49.67 -50.00 -66.48
N ALA D 29 -50.02 -49.34 -67.57
CA ALA D 29 -49.09 -48.42 -68.21
C ALA D 29 -48.79 -47.29 -67.24
N GLU D 30 -47.52 -46.88 -67.16
CA GLU D 30 -47.18 -45.91 -66.12
C GLU D 30 -47.95 -44.60 -66.31
N GLN D 31 -48.36 -44.29 -67.53
CA GLN D 31 -49.11 -43.06 -67.78
C GLN D 31 -50.44 -43.01 -67.00
N ARG D 32 -50.96 -44.16 -66.57
CA ARG D 32 -52.20 -44.20 -65.79
C ARG D 32 -51.97 -43.80 -64.34
N LEU D 33 -50.70 -43.72 -63.88
CA LEU D 33 -50.35 -43.44 -62.50
C LEU D 33 -50.33 -41.94 -62.24
N PRO D 34 -50.75 -41.50 -61.06
CA PRO D 34 -50.46 -40.12 -60.63
C PRO D 34 -48.97 -39.84 -60.78
N VAL D 35 -48.65 -38.59 -61.11
CA VAL D 35 -47.31 -38.34 -61.63
C VAL D 35 -46.26 -38.63 -60.57
N PHE D 36 -46.59 -38.42 -59.28
CA PHE D 36 -45.58 -38.64 -58.26
C PHE D 36 -45.11 -40.09 -58.19
N ALA D 37 -45.99 -41.03 -58.54
CA ALA D 37 -45.62 -42.44 -58.52
C ALA D 37 -44.73 -42.82 -59.69
N ARG D 38 -44.56 -41.94 -60.66
CA ARG D 38 -43.61 -42.13 -61.77
C ARG D 38 -42.26 -41.44 -61.54
N GLY D 39 -42.02 -40.88 -60.35
CA GLY D 39 -40.83 -40.08 -60.11
C GLY D 39 -40.90 -38.66 -60.65
N LEU D 40 -42.06 -38.20 -61.08
CA LEU D 40 -42.24 -36.86 -61.61
C LEU D 40 -42.63 -35.89 -60.52
N ALA D 41 -41.82 -34.84 -60.34
CA ALA D 41 -42.04 -33.84 -59.29
C ALA D 41 -42.91 -32.69 -59.78
N THR D 42 -44.03 -33.04 -60.40
CA THR D 42 -44.86 -32.10 -61.12
C THR D 42 -46.31 -31.97 -60.61
N ALA D 43 -46.69 -32.64 -59.53
CA ALA D 43 -48.09 -32.67 -59.16
C ALA D 43 -48.61 -31.34 -58.58
N VAL D 44 -47.74 -30.51 -57.98
CA VAL D 44 -48.13 -29.22 -57.46
C VAL D 44 -47.14 -28.18 -57.96
N SER D 45 -47.57 -26.91 -57.97
CA SER D 45 -46.72 -25.85 -58.49
C SER D 45 -45.43 -25.79 -57.69
N ASN D 46 -44.40 -25.23 -58.34
N ASN D 46 -44.40 -25.25 -58.33
CA ASN D 46 -43.04 -25.22 -57.78
CA ASN D 46 -43.06 -25.26 -57.76
C ASN D 46 -42.84 -24.17 -56.70
C ASN D 46 -42.81 -24.10 -56.78
N SER D 47 -43.87 -23.47 -56.30
CA SER D 47 -43.79 -22.54 -55.18
C SER D 47 -44.60 -23.07 -53.98
N SER D 48 -45.11 -24.30 -54.05
CA SER D 48 -45.96 -24.85 -53.01
C SER D 48 -45.20 -25.01 -51.70
N ASP D 49 -45.93 -24.80 -50.60
CA ASP D 49 -45.45 -24.92 -49.24
C ASP D 49 -45.29 -26.39 -48.84
N PRO D 50 -44.09 -26.85 -48.53
CA PRO D 50 -43.93 -28.23 -48.06
C PRO D 50 -44.54 -28.50 -46.72
N ASN D 51 -44.85 -27.46 -45.93
CA ASN D 51 -45.50 -27.67 -44.66
C ASN D 51 -46.90 -28.26 -44.82
N THR D 52 -47.56 -27.96 -45.93
CA THR D 52 -48.91 -28.48 -46.19
C THR D 52 -48.91 -29.58 -47.25
N ALA D 53 -47.76 -30.23 -47.45
CA ALA D 53 -47.65 -31.29 -48.44
C ALA D 53 -48.64 -32.45 -48.22
N THR D 54 -49.19 -32.94 -49.33
CA THR D 54 -50.08 -34.08 -49.29
C THR D 54 -49.76 -35.11 -50.36
N VAL D 55 -48.74 -34.90 -51.17
CA VAL D 55 -48.33 -35.87 -52.16
C VAL D 55 -46.90 -36.27 -51.85
N PRO D 56 -46.47 -37.47 -52.23
CA PRO D 56 -45.16 -37.95 -51.76
C PRO D 56 -43.96 -37.40 -52.50
N LEU D 57 -44.13 -36.63 -53.57
CA LEU D 57 -43.00 -36.01 -54.29
C LEU D 57 -43.41 -34.66 -54.86
N MET D 58 -42.66 -33.61 -54.53
CA MET D 58 -42.87 -32.29 -55.09
C MET D 58 -41.51 -31.64 -55.34
N LEU D 59 -41.52 -30.54 -56.09
CA LEU D 59 -40.34 -29.70 -56.30
C LEU D 59 -40.70 -28.26 -55.96
N THR D 60 -39.96 -27.64 -55.03
CA THR D 60 -40.35 -26.30 -54.61
C THR D 60 -39.16 -25.52 -54.06
N ASN D 61 -39.22 -24.18 -54.23
CA ASN D 61 -38.30 -23.26 -53.58
C ASN D 61 -38.93 -22.46 -52.47
N HIS D 62 -40.09 -22.89 -51.96
CA HIS D 62 -40.73 -22.24 -50.83
C HIS D 62 -39.76 -22.13 -49.67
N ALA D 63 -39.91 -21.02 -48.90
CA ALA D 63 -38.99 -20.73 -47.81
C ALA D 63 -39.06 -21.76 -46.68
N ASN D 64 -40.15 -22.52 -46.59
CA ASN D 64 -40.18 -23.58 -45.57
C ASN D 64 -39.35 -24.81 -45.94
N GLY D 65 -38.75 -24.84 -47.14
CA GLY D 65 -37.79 -25.84 -47.46
C GLY D 65 -36.49 -25.58 -46.72
N PRO D 66 -35.46 -26.44 -47.01
CA PRO D 66 -34.24 -26.35 -46.19
C PRO D 66 -33.34 -25.15 -46.46
N VAL D 67 -33.34 -24.61 -47.67
CA VAL D 67 -32.41 -23.52 -48.05
C VAL D 67 -33.21 -22.47 -48.83
N ALA D 68 -33.52 -21.35 -48.18
CA ALA D 68 -34.35 -20.33 -48.81
C ALA D 68 -33.69 -19.83 -50.08
N GLY D 69 -34.54 -19.59 -51.09
CA GLY D 69 -34.08 -19.20 -52.39
C GLY D 69 -33.70 -20.33 -53.29
N ARG D 70 -33.74 -21.58 -52.82
CA ARG D 70 -33.29 -22.71 -53.61
C ARG D 70 -34.38 -23.76 -53.75
N TYR D 71 -34.44 -24.35 -54.94
CA TYR D 71 -35.35 -25.45 -55.23
C TYR D 71 -34.79 -26.76 -54.67
N PHE D 72 -35.67 -27.54 -54.06
CA PHE D 72 -35.37 -28.88 -53.61
C PHE D 72 -36.50 -29.82 -54.02
N TYR D 73 -36.14 -31.02 -54.45
CA TYR D 73 -37.09 -32.13 -54.48
C TYR D 73 -37.41 -32.56 -53.05
N ILE D 74 -38.69 -32.70 -52.74
CA ILE D 74 -39.10 -33.08 -51.42
C ILE D 74 -39.99 -34.31 -51.50
N GLN D 75 -39.48 -35.41 -50.97
CA GLN D 75 -40.27 -36.62 -50.73
C GLN D 75 -40.97 -36.54 -49.40
N SER D 76 -42.22 -37.01 -49.35
CA SER D 76 -43.01 -37.01 -48.13
C SER D 76 -43.59 -38.40 -47.87
N MET D 77 -43.59 -38.77 -46.58
CA MET D 77 -44.17 -40.00 -46.07
C MET D 77 -45.12 -39.61 -44.95
N PHE D 78 -46.29 -40.26 -44.92
CA PHE D 78 -47.41 -39.80 -44.12
C PHE D 78 -47.99 -40.87 -43.20
N TYR D 79 -48.51 -40.41 -42.04
CA TYR D 79 -49.28 -41.25 -41.16
C TYR D 79 -50.23 -40.43 -40.29
N PRO D 80 -51.51 -40.80 -40.16
CA PRO D 80 -52.16 -41.97 -40.79
C PRO D 80 -52.74 -41.73 -42.17
N ASP D 81 -52.75 -40.48 -42.64
CA ASP D 81 -53.14 -40.19 -44.02
C ASP D 81 -52.34 -38.98 -44.49
N GLN D 82 -52.60 -38.56 -45.72
CA GLN D 82 -51.76 -37.54 -46.32
C GLN D 82 -51.91 -36.17 -45.68
N ASN D 83 -52.89 -35.98 -44.78
CA ASN D 83 -53.04 -34.75 -44.02
C ASN D 83 -52.40 -34.77 -42.63
N GLY D 84 -51.80 -35.89 -42.23
CA GLY D 84 -51.39 -36.10 -40.85
C GLY D 84 -49.90 -35.89 -40.62
N ASN D 85 -49.35 -36.71 -39.72
CA ASN D 85 -47.93 -36.65 -39.41
C ASN D 85 -47.12 -36.97 -40.67
N ALA D 86 -45.90 -36.44 -40.74
CA ALA D 86 -45.10 -36.65 -41.93
C ALA D 86 -43.61 -36.60 -41.69
N SER D 87 -42.88 -37.35 -42.51
CA SER D 87 -41.44 -37.24 -42.65
C SER D 87 -41.13 -36.74 -44.06
N GLN D 88 -40.11 -35.88 -44.17
CA GLN D 88 -39.68 -35.32 -45.46
C GLN D 88 -38.18 -35.43 -45.64
N ILE D 89 -37.78 -35.81 -46.87
CA ILE D 89 -36.40 -35.84 -47.31
C ILE D 89 -36.29 -34.85 -48.47
N ALA D 90 -35.36 -33.91 -48.38
CA ALA D 90 -35.16 -32.91 -49.42
C ALA D 90 -33.82 -33.13 -50.08
N THR D 91 -33.81 -33.08 -51.39
CA THR D 91 -32.60 -33.17 -52.16
C THR D 91 -32.51 -32.04 -53.17
N SER D 92 -31.30 -31.58 -53.40
CA SER D 92 -31.11 -30.35 -54.15
C SER D 92 -31.48 -30.54 -55.63
N TYR D 93 -31.91 -29.45 -56.24
CA TYR D 93 -32.30 -29.39 -57.65
C TYR D 93 -31.17 -28.95 -58.57
N ASN D 94 -30.18 -28.24 -58.06
CA ASN D 94 -29.11 -27.70 -58.87
C ASN D 94 -27.97 -27.22 -57.99
N ALA D 95 -26.86 -26.89 -58.63
CA ALA D 95 -25.72 -26.16 -58.07
C ALA D 95 -24.83 -27.02 -57.20
N THR D 96 -25.41 -27.69 -56.21
CA THR D 96 -24.67 -28.60 -55.34
C THR D 96 -25.55 -29.82 -55.09
N SER D 97 -24.95 -30.82 -54.47
CA SER D 97 -25.63 -32.08 -54.11
C SER D 97 -25.78 -32.12 -52.60
N GLU D 98 -27.00 -31.84 -52.12
CA GLU D 98 -27.31 -31.75 -50.70
C GLU D 98 -28.57 -32.55 -50.37
N MET D 99 -28.63 -33.05 -49.15
CA MET D 99 -29.80 -33.75 -48.62
C MET D 99 -30.09 -33.26 -47.21
N TYR D 100 -31.37 -33.16 -46.89
CA TYR D 100 -31.89 -32.75 -45.60
C TYR D 100 -33.10 -33.63 -45.23
N VAL D 101 -33.39 -33.67 -43.94
CA VAL D 101 -34.54 -34.44 -43.42
C VAL D 101 -35.23 -33.63 -42.33
N ARG D 102 -36.56 -33.77 -42.25
CA ARG D 102 -37.34 -33.17 -41.18
C ARG D 102 -38.60 -34.01 -40.93
N VAL D 103 -39.40 -33.58 -39.96
CA VAL D 103 -40.54 -34.38 -39.50
C VAL D 103 -41.58 -33.46 -38.87
N SER D 104 -42.83 -33.82 -39.06
CA SER D 104 -43.94 -33.22 -38.31
C SER D 104 -44.62 -34.32 -37.50
N TYR D 105 -44.74 -34.08 -36.20
CA TYR D 105 -45.51 -34.93 -35.33
C TYR D 105 -46.36 -34.07 -34.40
N ALA D 106 -47.64 -34.41 -34.28
CA ALA D 106 -48.53 -33.75 -33.35
C ALA D 106 -49.62 -34.71 -32.91
N ALA D 107 -50.07 -34.53 -31.66
CA ALA D 107 -51.11 -35.39 -31.12
C ALA D 107 -52.35 -35.39 -32.01
N ASN D 108 -52.74 -34.20 -32.51
CA ASN D 108 -53.73 -34.12 -33.57
C ASN D 108 -52.93 -34.01 -34.87
N PRO D 109 -52.74 -35.10 -35.61
CA PRO D 109 -51.70 -35.07 -36.65
C PRO D 109 -51.94 -34.03 -37.73
N SER D 110 -53.21 -33.65 -37.97
N SER D 110 -53.21 -33.65 -37.97
CA SER D 110 -53.55 -32.67 -38.99
CA SER D 110 -53.55 -32.67 -38.99
C SER D 110 -53.19 -31.25 -38.60
C SER D 110 -53.21 -31.25 -38.59
N ILE D 111 -52.85 -31.00 -37.34
CA ILE D 111 -52.39 -29.68 -36.93
C ILE D 111 -50.88 -29.84 -36.78
N ARG D 112 -50.15 -29.71 -37.90
CA ARG D 112 -48.76 -30.14 -37.98
C ARG D 112 -47.84 -29.29 -37.11
N GLU D 113 -46.78 -29.91 -36.61
CA GLU D 113 -45.77 -29.22 -35.82
C GLU D 113 -44.43 -29.63 -36.41
N TRP D 114 -43.90 -28.82 -37.32
CA TRP D 114 -42.68 -29.22 -38.04
C TRP D 114 -41.43 -28.93 -37.22
N LEU D 115 -40.52 -29.88 -37.18
CA LEU D 115 -39.19 -29.67 -36.62
C LEU D 115 -38.23 -29.16 -37.69
N PRO D 116 -37.10 -28.59 -37.30
CA PRO D 116 -36.21 -28.00 -38.28
C PRO D 116 -35.55 -29.04 -39.19
N TRP D 117 -35.24 -28.60 -40.39
CA TRP D 117 -34.50 -29.45 -41.32
C TRP D 117 -33.11 -29.74 -40.74
N GLN D 118 -32.71 -31.00 -40.83
CA GLN D 118 -31.39 -31.44 -40.45
C GLN D 118 -30.66 -31.91 -41.69
N ARG D 119 -29.41 -31.50 -41.79
CA ARG D 119 -28.62 -31.85 -42.94
C ARG D 119 -28.21 -33.32 -42.84
N CYS D 120 -28.17 -33.98 -43.99
CA CYS D 120 -27.73 -35.37 -44.09
C CYS D 120 -26.38 -35.54 -44.79
N ASP D 121 -26.10 -34.80 -45.85
CA ASP D 121 -24.85 -35.00 -46.56
C ASP D 121 -23.67 -34.48 -45.71
N ILE D 122 -22.50 -35.08 -45.91
CA ILE D 122 -21.33 -34.79 -45.07
C ILE D 122 -20.76 -33.40 -45.38
N GLY D 123 -21.34 -32.71 -46.36
CA GLY D 123 -21.05 -31.31 -46.59
C GLY D 123 -21.22 -30.43 -45.37
N GLY D 124 -22.05 -30.88 -44.42
CA GLY D 124 -22.26 -30.18 -43.18
C GLY D 124 -21.36 -30.60 -42.02
N SER D 125 -20.35 -31.42 -42.26
N SER D 125 -20.35 -31.42 -42.25
CA SER D 125 -19.56 -31.99 -41.17
CA SER D 125 -19.55 -31.96 -41.15
C SER D 125 -18.07 -31.81 -41.43
C SER D 125 -18.07 -31.80 -41.43
N PHE D 126 -17.28 -32.05 -40.39
CA PHE D 126 -15.85 -32.26 -40.54
C PHE D 126 -15.64 -33.65 -41.13
N THR D 127 -15.10 -33.71 -42.35
CA THR D 127 -15.06 -34.94 -43.10
C THR D 127 -13.69 -35.63 -42.98
N LYS D 128 -13.70 -36.94 -43.22
CA LYS D 128 -12.44 -37.67 -43.12
C LYS D 128 -11.49 -37.39 -44.29
N GLU D 129 -12.01 -36.93 -45.41
CA GLU D 129 -11.14 -36.34 -46.44
C GLU D 129 -11.08 -34.82 -46.21
N ALA D 130 -9.93 -34.24 -46.44
CA ALA D 130 -9.80 -32.81 -46.27
C ALA D 130 -10.77 -32.06 -47.18
N ASP D 131 -11.16 -30.85 -46.74
CA ASP D 131 -11.99 -30.00 -47.60
C ASP D 131 -11.29 -29.65 -48.90
N GLY D 132 -9.97 -29.53 -48.89
CA GLY D 132 -9.28 -29.19 -50.09
C GLY D 132 -7.82 -28.97 -49.88
N GLU D 133 -7.10 -28.93 -51.02
CA GLU D 133 -5.70 -28.51 -51.09
C GLU D 133 -5.64 -27.00 -51.32
N LEU D 134 -4.81 -26.34 -50.56
CA LEU D 134 -4.64 -24.89 -50.75
C LEU D 134 -3.68 -24.59 -51.89
N PRO D 135 -4.10 -23.80 -52.89
CA PRO D 135 -3.17 -23.40 -53.94
C PRO D 135 -2.22 -22.31 -53.40
N GLY D 136 -1.41 -21.72 -54.27
CA GLY D 136 -0.67 -20.53 -53.89
C GLY D 136 -1.59 -19.32 -53.80
N GLY D 137 -1.07 -18.24 -53.22
CA GLY D 137 -1.77 -16.96 -53.18
C GLY D 137 -2.94 -16.85 -52.24
N VAL D 138 -3.16 -17.82 -51.36
CA VAL D 138 -4.31 -17.79 -50.50
C VAL D 138 -4.03 -16.89 -49.31
N ASN D 139 -4.98 -16.02 -49.01
CA ASN D 139 -4.96 -15.24 -47.77
C ASN D 139 -5.75 -16.03 -46.74
N LEU D 140 -5.07 -16.51 -45.70
CA LEU D 140 -5.74 -17.34 -44.68
C LEU D 140 -6.83 -16.57 -43.93
N ASP D 141 -6.80 -15.22 -43.97
CA ASP D 141 -7.89 -14.44 -43.42
C ASP D 141 -9.20 -14.69 -44.16
N SER D 142 -9.16 -15.22 -45.38
CA SER D 142 -10.37 -15.52 -46.15
C SER D 142 -10.95 -16.90 -45.83
N MET D 143 -10.26 -17.69 -45.01
CA MET D 143 -10.70 -19.03 -44.68
C MET D 143 -11.55 -18.95 -43.42
N VAL D 144 -12.83 -18.64 -43.61
CA VAL D 144 -13.71 -18.38 -42.47
C VAL D 144 -14.87 -19.36 -42.40
N THR D 145 -14.76 -20.48 -43.09
CA THR D 145 -15.73 -21.55 -43.00
C THR D 145 -15.12 -22.79 -42.35
N SER D 146 -15.89 -23.45 -41.51
CA SER D 146 -15.37 -24.59 -40.77
C SER D 146 -14.92 -25.70 -41.72
N GLY D 147 -13.83 -26.35 -41.35
CA GLY D 147 -13.27 -27.43 -42.13
C GLY D 147 -11.79 -27.54 -41.90
N TRP D 148 -11.14 -28.35 -42.72
CA TRP D 148 -9.69 -28.40 -42.67
C TRP D 148 -9.12 -28.52 -44.08
N TRP D 149 -7.96 -27.89 -44.28
CA TRP D 149 -7.35 -27.71 -45.59
C TRP D 149 -5.86 -27.97 -45.45
N SER D 150 -5.29 -28.45 -46.53
CA SER D 150 -3.88 -28.82 -46.56
C SER D 150 -3.11 -27.95 -47.54
N GLN D 151 -1.98 -27.40 -47.08
CA GLN D 151 -1.01 -26.75 -47.96
C GLN D 151 0.14 -27.70 -48.16
N SER D 152 0.28 -28.24 -49.38
CA SER D 152 1.29 -29.25 -49.67
C SER D 152 2.61 -28.68 -50.12
N PHE D 153 2.70 -27.35 -50.31
CA PHE D 153 3.89 -26.72 -50.87
C PHE D 153 4.31 -25.50 -50.06
N THR D 154 5.52 -25.56 -49.50
CA THR D 154 6.07 -24.41 -48.81
C THR D 154 6.04 -23.18 -49.68
N ALA D 155 6.32 -23.35 -50.98
CA ALA D 155 6.35 -22.23 -51.89
C ALA D 155 4.98 -21.58 -52.06
N GLN D 156 3.90 -22.35 -51.87
CA GLN D 156 2.55 -21.78 -51.94
C GLN D 156 2.15 -21.11 -50.64
N ALA D 157 2.73 -21.54 -49.52
CA ALA D 157 2.62 -20.75 -48.31
C ALA D 157 3.31 -19.41 -48.49
N ALA D 158 4.48 -19.42 -49.17
CA ALA D 158 5.25 -18.20 -49.37
C ALA D 158 4.48 -17.17 -50.19
N SER D 159 3.75 -17.61 -51.22
CA SER D 159 3.04 -16.67 -52.09
C SER D 159 1.70 -16.23 -51.50
N GLY D 160 1.29 -16.83 -50.38
CA GLY D 160 0.04 -16.49 -49.73
C GLY D 160 0.21 -15.42 -48.68
N ALA D 161 -0.84 -15.24 -47.89
CA ALA D 161 -0.86 -14.21 -46.88
C ALA D 161 -1.43 -14.77 -45.61
N ASN D 162 -0.91 -14.25 -44.48
CA ASN D 162 -1.36 -14.58 -43.14
C ASN D 162 -1.16 -16.05 -42.78
N TYR D 163 -0.24 -16.74 -43.46
CA TYR D 163 0.31 -17.97 -42.91
C TYR D 163 1.18 -17.64 -41.70
N PRO D 164 1.16 -18.45 -40.67
CA PRO D 164 2.02 -18.15 -39.48
C PRO D 164 3.50 -18.44 -39.66
N ILE D 165 3.83 -19.26 -40.65
CA ILE D 165 5.19 -19.69 -40.95
C ILE D 165 5.19 -20.05 -42.43
N VAL D 166 6.33 -19.82 -43.10
CA VAL D 166 6.42 -20.18 -44.50
C VAL D 166 6.74 -21.66 -44.59
N ARG D 167 5.69 -22.50 -44.51
CA ARG D 167 5.84 -23.94 -44.49
C ARG D 167 4.52 -24.54 -44.93
N ALA D 168 4.59 -25.63 -45.66
CA ALA D 168 3.46 -26.52 -45.82
C ALA D 168 2.93 -26.92 -44.44
N GLY D 169 1.65 -27.24 -44.38
CA GLY D 169 1.01 -27.49 -43.08
C GLY D 169 -0.48 -27.74 -43.21
N LEU D 170 -1.08 -28.02 -42.06
CA LEU D 170 -2.49 -28.34 -41.96
C LEU D 170 -3.23 -27.20 -41.30
N LEU D 171 -4.22 -26.65 -42.00
CA LEU D 171 -5.11 -25.62 -41.46
C LEU D 171 -6.41 -26.21 -40.99
N HIS D 172 -6.79 -25.91 -39.76
CA HIS D 172 -8.15 -26.17 -39.27
C HIS D 172 -8.86 -24.84 -39.05
N VAL D 173 -10.12 -24.79 -39.44
CA VAL D 173 -10.98 -23.64 -39.20
C VAL D 173 -12.16 -24.14 -38.37
N TYR D 174 -12.36 -23.51 -37.21
CA TYR D 174 -13.55 -23.71 -36.38
C TYR D 174 -14.32 -22.39 -36.36
N ALA D 175 -15.29 -22.26 -37.27
CA ALA D 175 -16.09 -21.04 -37.37
C ALA D 175 -17.21 -21.10 -36.33
N ALA D 176 -16.85 -20.83 -35.09
CA ALA D 176 -17.82 -20.92 -34.00
C ALA D 176 -18.97 -19.96 -34.23
N SER D 177 -18.68 -18.73 -34.60
CA SER D 177 -19.69 -17.76 -34.95
C SER D 177 -19.00 -16.66 -35.75
N SER D 178 -19.81 -15.75 -36.26
CA SER D 178 -19.31 -14.64 -37.05
C SER D 178 -18.30 -13.81 -36.29
N ASN D 179 -18.47 -13.67 -34.98
CA ASN D 179 -17.56 -12.86 -34.18
C ASN D 179 -16.46 -13.66 -33.52
N PHE D 180 -16.35 -14.98 -33.81
CA PHE D 180 -15.32 -15.84 -33.22
C PHE D 180 -14.99 -16.93 -34.25
N ILE D 181 -14.00 -16.67 -35.12
CA ILE D 181 -13.53 -17.66 -36.10
C ILE D 181 -12.16 -18.13 -35.65
N TYR D 182 -12.06 -19.40 -35.24
CA TYR D 182 -10.80 -19.95 -34.72
C TYR D 182 -10.04 -20.67 -35.83
N GLN D 183 -8.71 -20.56 -35.80
CA GLN D 183 -7.84 -21.30 -36.70
C GLN D 183 -6.68 -21.93 -35.94
N THR D 184 -6.24 -23.08 -36.44
CA THR D 184 -4.98 -23.67 -36.02
C THR D 184 -4.21 -24.09 -37.28
N TYR D 185 -2.88 -24.11 -37.15
CA TYR D 185 -2.00 -24.47 -38.24
C TYR D 185 -0.87 -25.32 -37.69
N GLN D 186 -0.74 -26.52 -38.21
CA GLN D 186 0.28 -27.48 -37.82
C GLN D 186 1.26 -27.61 -38.98
N ALA D 187 2.49 -27.15 -38.78
CA ALA D 187 3.49 -27.21 -39.87
C ALA D 187 3.88 -28.65 -40.15
N TYR D 188 4.11 -28.97 -41.43
CA TYR D 188 4.37 -30.36 -41.82
C TYR D 188 5.67 -30.89 -41.20
N ASP D 189 6.69 -30.03 -41.10
CA ASP D 189 7.97 -30.44 -40.55
C ASP D 189 8.07 -30.23 -39.06
N GLY D 190 6.94 -29.92 -38.40
CA GLY D 190 6.95 -29.66 -36.99
C GLY D 190 7.64 -28.38 -36.57
N GLU D 191 7.79 -27.41 -37.46
CA GLU D 191 8.40 -26.13 -37.06
C GLU D 191 7.71 -25.62 -35.78
N SER D 192 6.40 -25.66 -35.77
CA SER D 192 5.58 -25.54 -34.58
C SER D 192 4.10 -25.71 -34.92
N PHE D 193 3.24 -25.39 -33.95
CA PHE D 193 1.79 -25.49 -33.98
C PHE D 193 1.30 -24.11 -33.57
N TYR D 194 0.41 -23.53 -34.37
CA TYR D 194 -0.02 -22.15 -34.20
C TYR D 194 -1.54 -22.05 -34.07
N PHE D 195 -2.00 -21.02 -33.35
CA PHE D 195 -3.43 -20.79 -33.27
C PHE D 195 -3.74 -19.30 -33.23
N ARG D 196 -4.95 -18.96 -33.68
CA ARG D 196 -5.47 -17.58 -33.61
C ARG D 196 -6.98 -17.59 -33.75
N CYS D 197 -7.57 -16.40 -33.55
CA CYS D 197 -9.00 -16.22 -33.64
C CYS D 197 -9.29 -14.87 -34.28
N ARG D 198 -10.28 -14.84 -35.17
CA ARG D 198 -10.85 -13.58 -35.64
C ARG D 198 -11.98 -13.19 -34.67
N HIS D 199 -11.78 -12.10 -33.95
CA HIS D 199 -12.73 -11.63 -32.96
C HIS D 199 -13.35 -10.34 -33.44
N SER D 200 -14.67 -10.35 -33.60
CA SER D 200 -15.40 -9.20 -34.13
C SER D 200 -14.71 -8.62 -35.35
N ASN D 201 -14.35 -9.50 -36.28
CA ASN D 201 -13.81 -9.20 -37.61
C ASN D 201 -12.38 -8.67 -37.62
N THR D 202 -11.67 -8.75 -36.51
CA THR D 202 -10.25 -8.43 -36.45
C THR D 202 -9.49 -9.67 -35.98
N TRP D 203 -8.46 -10.05 -36.71
CA TRP D 203 -7.66 -11.20 -36.34
C TRP D 203 -6.65 -10.85 -35.26
N PHE D 204 -6.67 -11.62 -34.18
CA PHE D 204 -5.59 -11.66 -33.21
C PHE D 204 -4.34 -12.23 -33.84
N PRO D 205 -3.17 -11.91 -33.27
CA PRO D 205 -1.93 -12.50 -33.79
C PRO D 205 -1.91 -14.00 -33.59
N TRP D 206 -1.24 -14.68 -34.50
CA TRP D 206 -0.94 -16.10 -34.28
C TRP D 206 -0.12 -16.27 -33.01
N ARG D 207 -0.46 -17.29 -32.22
CA ARG D 207 0.35 -17.75 -31.11
C ARG D 207 1.16 -18.96 -31.56
N ARG D 208 2.45 -18.98 -31.25
CA ARG D 208 3.35 -20.06 -31.64
C ARG D 208 3.70 -20.88 -30.42
N MET D 209 3.35 -22.18 -30.47
CA MET D 209 3.72 -23.09 -29.38
C MET D 209 5.23 -23.16 -29.20
N TRP D 210 5.68 -23.14 -27.92
CA TRP D 210 7.05 -23.52 -27.61
C TRP D 210 7.11 -25.04 -27.45
N HIS D 211 8.07 -25.69 -28.10
CA HIS D 211 8.20 -27.14 -28.01
C HIS D 211 9.66 -27.52 -27.83
N GLY D 212 9.87 -28.82 -27.62
CA GLY D 212 11.19 -29.35 -27.27
C GLY D 212 12.22 -29.20 -28.36
N GLY D 213 11.80 -29.03 -29.61
CA GLY D 213 12.73 -28.72 -30.68
C GLY D 213 13.23 -27.29 -30.66
N ASP D 214 12.54 -26.39 -29.95
CA ASP D 214 12.95 -24.99 -29.89
C ASP D 214 14.08 -24.78 -28.91
N PHE D 215 13.91 -25.29 -27.68
CA PHE D 215 14.90 -25.12 -26.62
C PHE D 215 14.65 -26.14 -25.51
N ASN D 216 15.65 -26.29 -24.65
CA ASN D 216 15.60 -27.13 -23.47
C ASN D 216 15.82 -26.21 -22.26
N PRO D 217 14.85 -26.11 -21.34
CA PRO D 217 15.05 -25.21 -20.19
C PRO D 217 16.24 -25.59 -19.33
N SER D 218 16.69 -26.86 -19.40
CA SER D 218 17.88 -27.25 -18.65
C SER D 218 19.15 -26.62 -19.19
N ASP D 219 19.10 -26.00 -20.38
CA ASP D 219 20.27 -25.28 -20.85
C ASP D 219 20.39 -23.90 -20.21
N TYR D 220 19.41 -23.48 -19.40
CA TYR D 220 19.36 -22.14 -18.82
C TYR D 220 19.58 -22.17 -17.32
N LEU D 221 20.11 -21.06 -16.80
CA LEU D 221 20.52 -21.02 -15.40
C LEU D 221 19.32 -20.80 -14.50
N LEU D 222 19.12 -21.71 -13.55
CA LEU D 222 18.13 -21.49 -12.49
C LEU D 222 18.60 -20.37 -11.57
N LYS D 223 17.63 -19.60 -11.07
CA LYS D 223 17.89 -18.60 -10.04
C LYS D 223 18.60 -19.21 -8.85
N SER D 224 18.26 -20.46 -8.53
CA SER D 224 18.86 -21.16 -7.40
C SER D 224 20.32 -21.55 -7.67
N GLY D 225 20.75 -21.51 -8.93
CA GLY D 225 22.13 -21.78 -9.27
C GLY D 225 22.96 -20.54 -9.42
N PHE D 226 22.38 -19.36 -9.13
CA PHE D 226 23.04 -18.08 -9.35
C PHE D 226 23.64 -17.63 -8.02
N TYR D 227 24.90 -17.98 -7.80
CA TYR D 227 25.60 -17.52 -6.60
C TYR D 227 27.10 -17.64 -6.78
N TRP D 228 27.82 -16.93 -5.90
CA TRP D 228 29.27 -16.73 -6.03
C TRP D 228 30.03 -18.05 -6.20
N ASN D 229 29.86 -18.99 -5.26
CA ASN D 229 30.56 -20.26 -5.34
C ASN D 229 30.24 -21.06 -6.60
N ALA D 230 29.09 -20.83 -7.22
CA ALA D 230 28.75 -21.56 -8.44
C ALA D 230 29.32 -20.92 -9.69
N LEU D 231 29.72 -19.66 -9.61
CA LEU D 231 30.24 -18.96 -10.78
C LEU D 231 31.57 -19.52 -11.23
N PRO D 232 31.68 -20.12 -12.40
CA PRO D 232 32.98 -20.65 -12.85
C PRO D 232 33.88 -19.54 -13.36
N GLY D 233 35.17 -19.89 -13.42
CA GLY D 233 36.18 -19.00 -13.98
C GLY D 233 36.73 -17.94 -13.05
N LYS D 234 36.35 -17.95 -11.77
CA LYS D 234 36.80 -16.89 -10.88
C LYS D 234 38.29 -17.01 -10.63
N PRO D 235 39.02 -15.89 -10.60
CA PRO D 235 40.46 -15.95 -10.33
C PRO D 235 40.75 -16.42 -8.93
N ALA D 236 41.97 -16.95 -8.75
CA ALA D 236 42.41 -17.34 -7.41
C ALA D 236 42.70 -16.13 -6.53
N THR D 237 43.21 -15.05 -7.13
CA THR D 237 43.49 -13.81 -6.40
C THR D 237 42.92 -12.62 -7.16
N PHE D 238 42.76 -11.52 -6.44
CA PHE D 238 42.10 -10.31 -6.90
C PHE D 238 42.99 -9.09 -6.68
N PRO D 239 43.03 -8.16 -7.62
CA PRO D 239 43.87 -6.95 -7.42
C PRO D 239 43.31 -6.10 -6.30
N PRO D 240 44.08 -5.82 -5.26
CA PRO D 240 43.51 -5.15 -4.09
C PRO D 240 43.33 -3.66 -4.30
N SER D 241 42.37 -3.11 -3.54
CA SER D 241 42.23 -1.68 -3.39
C SER D 241 43.18 -1.21 -2.30
N ALA D 242 43.44 0.10 -2.28
CA ALA D 242 44.42 0.68 -1.36
C ALA D 242 44.09 0.32 0.09
N HIS D 243 45.11 -0.07 0.83
CA HIS D 243 44.93 -0.51 2.20
C HIS D 243 46.23 -0.31 2.98
N ASN D 244 46.10 -0.24 4.30
CA ASN D 244 47.25 -0.12 5.19
C ASN D 244 47.61 -1.47 5.81
N HIS D 245 48.67 -1.47 6.61
CA HIS D 245 49.18 -2.70 7.21
C HIS D 245 49.78 -2.38 8.57
N ASP D 246 49.76 -3.38 9.44
CA ASP D 246 50.57 -3.40 10.65
C ASP D 246 51.88 -4.09 10.30
N VAL D 247 52.99 -3.61 10.91
CA VAL D 247 54.28 -4.18 10.55
C VAL D 247 54.34 -5.66 10.90
N GLY D 248 53.48 -6.13 11.82
CA GLY D 248 53.40 -7.55 12.11
C GLY D 248 53.10 -8.40 10.89
N GLN D 249 52.42 -7.84 9.90
CA GLN D 249 52.13 -8.59 8.68
C GLN D 249 53.33 -8.69 7.75
N LEU D 250 54.44 -8.03 8.07
CA LEU D 250 55.70 -8.22 7.34
C LEU D 250 56.40 -9.43 7.96
N THR D 251 56.37 -10.56 7.27
CA THR D 251 56.77 -11.84 7.84
C THR D 251 58.05 -12.43 7.23
N SER D 252 58.61 -11.82 6.20
CA SER D 252 59.85 -12.31 5.62
C SER D 252 60.62 -11.13 5.01
N GLY D 253 61.90 -11.36 4.76
CA GLY D 253 62.75 -10.33 4.19
C GLY D 253 63.36 -9.43 5.25
N ILE D 254 64.30 -8.59 4.81
CA ILE D 254 65.05 -7.70 5.68
C ILE D 254 65.02 -6.29 5.10
N LEU D 255 64.46 -5.35 5.85
CA LEU D 255 64.27 -3.99 5.36
C LEU D 255 65.62 -3.31 5.13
N PRO D 256 65.84 -2.71 3.96
CA PRO D 256 67.12 -2.05 3.70
C PRO D 256 67.11 -0.60 4.12
N LEU D 257 68.32 -0.02 4.17
CA LEU D 257 68.46 1.38 4.56
C LEU D 257 67.66 2.30 3.61
N ALA D 258 67.59 1.95 2.33
CA ALA D 258 66.82 2.76 1.39
C ALA D 258 65.39 2.97 1.85
N ARG D 259 64.85 2.04 2.64
CA ARG D 259 63.47 2.14 3.14
C ARG D 259 63.43 2.50 4.62
N GLY D 260 64.54 2.94 5.19
CA GLY D 260 64.54 3.22 6.61
C GLY D 260 64.74 2.01 7.49
N GLY D 261 65.26 0.90 6.94
CA GLY D 261 65.68 -0.25 7.73
C GLY D 261 67.19 -0.24 8.00
N VAL D 262 67.65 -1.27 8.71
CA VAL D 262 69.06 -1.40 9.05
C VAL D 262 69.76 -2.47 8.22
N GLY D 263 69.09 -3.04 7.23
CA GLY D 263 69.75 -3.89 6.26
C GLY D 263 70.35 -5.17 6.78
N SER D 264 69.89 -5.67 7.91
CA SER D 264 70.48 -6.85 8.52
C SER D 264 69.54 -7.35 9.61
N ASN D 265 69.68 -8.63 9.97
CA ASN D 265 68.97 -9.16 11.13
C ASN D 265 69.90 -9.39 12.34
N THR D 266 71.12 -8.89 12.31
CA THR D 266 72.02 -8.96 13.46
C THR D 266 72.37 -7.55 13.93
N ALA D 267 72.65 -7.43 15.23
CA ALA D 267 73.08 -6.14 15.77
C ALA D 267 74.35 -5.64 15.08
N ALA D 268 75.34 -6.53 14.93
CA ALA D 268 76.58 -6.14 14.26
C ALA D 268 76.31 -5.70 12.84
N GLY D 269 75.55 -6.50 12.07
CA GLY D 269 75.21 -6.12 10.72
C GLY D 269 74.42 -4.82 10.66
N ALA D 270 73.50 -4.63 11.59
CA ALA D 270 72.78 -3.36 11.67
C ALA D 270 73.74 -2.21 11.88
N ARG D 271 74.72 -2.37 12.76
CA ARG D 271 75.67 -1.29 13.01
C ARG D 271 76.49 -0.97 11.77
N SER D 272 76.90 -2.00 11.03
CA SER D 272 77.68 -1.74 9.82
C SER D 272 76.88 -0.94 8.81
N THR D 273 75.58 -1.19 8.73
CA THR D 273 74.76 -0.52 7.72
C THR D 273 74.66 0.98 7.99
N ILE D 274 74.53 1.37 9.28
CA ILE D 274 74.40 2.77 9.59
C ILE D 274 75.70 3.35 10.15
N GLY D 275 76.80 2.60 10.07
CA GLY D 275 78.09 3.11 10.53
C GLY D 275 78.13 3.49 12.00
N ALA D 276 77.51 2.70 12.85
CA ALA D 276 77.47 2.99 14.28
C ALA D 276 78.53 2.18 15.01
N GLY D 277 79.00 2.75 16.13
CA GLY D 277 79.92 2.06 17.01
C GLY D 277 79.22 1.46 18.22
N VAL D 278 80.00 0.73 19.01
CA VAL D 278 79.48 0.05 20.19
C VAL D 278 79.82 0.83 21.47
N PRO D 279 79.11 0.59 22.56
CA PRO D 279 79.38 1.35 23.77
C PRO D 279 80.75 1.03 24.36
N ALA D 280 81.39 2.06 24.88
CA ALA D 280 82.55 1.86 25.73
C ALA D 280 82.09 1.35 27.09
N THR D 281 82.97 0.61 27.75
CA THR D 281 82.71 0.11 29.10
C THR D 281 83.84 0.58 30.02
N ALA D 282 83.58 0.53 31.32
CA ALA D 282 84.57 1.05 32.27
C ALA D 282 84.18 0.67 33.69
N SER D 283 85.18 0.76 34.58
CA SER D 283 84.98 0.74 36.03
C SER D 283 85.69 1.98 36.56
N LEU D 284 84.93 3.01 36.90
CA LEU D 284 85.50 4.34 37.15
C LEU D 284 85.69 4.59 38.65
N GLY D 285 86.36 3.66 39.32
CA GLY D 285 86.76 3.85 40.69
C GLY D 285 88.12 4.53 40.77
N ALA D 286 88.57 4.71 42.02
CA ALA D 286 89.89 5.27 42.25
C ALA D 286 90.96 4.46 41.54
N SER D 287 90.85 3.14 41.59
CA SER D 287 91.56 2.24 40.70
C SER D 287 90.55 1.72 39.68
N GLY D 288 90.83 1.92 38.41
CA GLY D 288 89.80 1.61 37.42
C GLY D 288 90.38 1.46 36.04
N TRP D 289 89.47 1.21 35.10
CA TRP D 289 89.82 1.02 33.70
C TRP D 289 88.68 1.54 32.83
N TRP D 290 89.02 1.75 31.56
CA TRP D 290 88.09 2.20 30.53
C TRP D 290 88.48 1.49 29.26
N ARG D 291 87.48 1.06 28.49
CA ARG D 291 87.72 0.25 27.30
C ARG D 291 86.88 0.75 26.15
N ASP D 292 87.55 1.11 25.07
CA ASP D 292 86.87 1.42 23.80
C ASP D 292 86.66 0.10 23.09
N ASN D 293 85.42 -0.40 23.10
CA ASN D 293 85.15 -1.70 22.48
C ASN D 293 85.11 -1.63 20.96
N ASP D 294 85.12 -0.44 20.35
CA ASP D 294 85.30 -0.34 18.91
C ASP D 294 86.68 -0.86 18.49
N THR D 295 87.72 -0.45 19.22
CA THR D 295 89.09 -0.79 18.86
C THR D 295 89.78 -1.75 19.83
N GLY D 296 89.28 -1.89 21.05
CA GLY D 296 89.94 -2.67 22.07
C GLY D 296 90.96 -1.90 22.91
N LEU D 297 91.11 -0.60 22.68
CA LEU D 297 92.02 0.20 23.50
C LEU D 297 91.52 0.25 24.93
N ILE D 298 92.42 0.01 25.88
CA ILE D 298 92.12 0.04 27.30
C ILE D 298 93.04 1.06 27.97
N ARG D 299 92.47 1.88 28.86
CA ARG D 299 93.24 2.75 29.74
C ARG D 299 92.92 2.40 31.18
N GLN D 300 93.96 2.41 32.02
CA GLN D 300 93.80 2.04 33.41
C GLN D 300 94.59 3.04 34.27
N TRP D 301 94.28 3.06 35.57
CA TRP D 301 94.93 3.99 36.49
C TRP D 301 94.85 3.44 37.92
N GLY D 302 95.68 4.02 38.78
CA GLY D 302 95.76 3.63 40.18
C GLY D 302 96.79 4.49 40.89
N GLN D 303 97.06 4.12 42.14
CA GLN D 303 98.08 4.82 42.95
C GLN D 303 98.90 3.75 43.67
N VAL D 304 100.12 4.11 44.05
CA VAL D 304 101.04 3.18 44.69
C VAL D 304 101.99 3.95 45.59
N THR D 305 102.32 3.35 46.74
CA THR D 305 103.32 3.92 47.63
C THR D 305 104.68 3.40 47.23
N CYS D 306 105.61 4.31 46.92
CA CYS D 306 106.94 3.94 46.53
C CYS D 306 107.92 4.30 47.63
N PRO D 307 108.99 3.53 47.81
CA PRO D 307 110.05 3.93 48.73
C PRO D 307 110.88 5.04 48.11
N ALA D 308 111.67 5.69 48.97
CA ALA D 308 112.58 6.73 48.54
C ALA D 308 113.54 6.20 47.49
N ASP D 309 113.72 6.95 46.41
CA ASP D 309 114.74 6.66 45.41
C ASP D 309 114.72 5.19 44.95
N ALA D 310 113.52 4.64 44.68
CA ALA D 310 113.39 3.21 44.46
C ALA D 310 112.08 2.88 43.76
N ASP D 311 111.90 1.59 43.46
CA ASP D 311 110.77 1.07 42.69
C ASP D 311 109.65 0.52 43.56
N ALA D 312 108.46 0.50 43.01
CA ALA D 312 107.35 -0.28 43.55
C ALA D 312 106.62 -0.94 42.40
N SER D 313 106.10 -2.14 42.64
CA SER D 313 105.35 -2.84 41.61
C SER D 313 103.88 -2.49 41.70
N ILE D 314 103.20 -2.46 40.56
CA ILE D 314 101.77 -2.26 40.51
C ILE D 314 101.13 -3.41 39.77
N THR D 315 99.86 -3.64 40.08
CA THR D 315 99.03 -4.61 39.37
C THR D 315 97.84 -3.89 38.76
N PHE D 316 97.65 -4.10 37.47
CA PHE D 316 96.59 -3.38 36.74
C PHE D 316 95.21 -3.80 37.25
N PRO D 317 94.26 -2.87 37.30
CA PRO D 317 92.89 -3.26 37.70
C PRO D 317 92.36 -4.47 36.94
N ILE D 318 92.55 -4.53 35.62
CA ILE D 318 92.27 -5.73 34.84
C ILE D 318 93.51 -6.06 34.02
N PRO D 319 93.72 -7.32 33.64
CA PRO D 319 94.85 -7.63 32.75
C PRO D 319 94.62 -7.08 31.36
N PHE D 320 95.68 -6.61 30.74
CA PHE D 320 95.63 -6.31 29.32
C PHE D 320 95.54 -7.62 28.53
N PRO D 321 94.57 -7.77 27.63
CA PRO D 321 94.44 -9.05 26.91
C PRO D 321 95.69 -9.45 26.15
N THR D 322 96.45 -8.51 25.59
CA THR D 322 97.64 -8.84 24.82
C THR D 322 98.89 -8.15 25.35
N LEU D 323 98.89 -6.83 25.47
CA LEU D 323 100.08 -6.16 25.97
C LEU D 323 99.75 -4.77 26.47
N CYS D 324 100.58 -4.29 27.39
CA CYS D 324 100.54 -2.91 27.81
C CYS D 324 101.34 -2.08 26.80
N LEU D 325 100.73 -1.00 26.31
CA LEU D 325 101.38 -0.19 25.28
C LEU D 325 102.20 0.96 25.86
N GLY D 326 101.96 1.35 27.09
CA GLY D 326 102.68 2.46 27.67
C GLY D 326 102.03 2.94 28.95
N GLY D 327 102.69 3.91 29.57
CA GLY D 327 102.18 4.45 30.82
C GLY D 327 103.10 5.52 31.34
N TYR D 328 102.67 6.15 32.45
CA TYR D 328 103.43 7.16 33.14
C TYR D 328 103.04 7.15 34.62
N ALA D 329 103.84 7.85 35.43
CA ALA D 329 103.52 8.07 36.83
C ALA D 329 103.67 9.55 37.19
N ASN D 330 103.06 9.92 38.29
CA ASN D 330 102.95 11.30 38.72
C ASN D 330 103.07 11.40 40.23
N GLN D 331 103.88 12.36 40.71
CA GLN D 331 103.99 12.63 42.14
C GLN D 331 102.71 13.30 42.65
N THR D 332 102.10 12.74 43.69
CA THR D 332 100.88 13.29 44.23
C THR D 332 101.09 14.10 45.51
N SER D 333 102.33 14.26 45.97
CA SER D 333 102.59 14.96 47.21
C SER D 333 103.29 16.30 46.96
N ALA D 334 103.38 17.09 48.03
CA ALA D 334 104.05 18.38 47.99
C ALA D 334 105.54 18.13 48.23
N PHE D 335 106.18 17.52 47.23
CA PHE D 335 107.59 17.17 47.33
C PHE D 335 108.47 18.40 47.49
N HIS D 336 109.53 18.24 48.27
CA HIS D 336 110.50 19.32 48.47
C HIS D 336 111.10 19.72 47.12
N PRO D 337 110.92 20.96 46.68
CA PRO D 337 111.36 21.32 45.32
C PRO D 337 112.86 21.54 45.20
N GLY D 338 113.61 21.38 46.30
CA GLY D 338 115.04 21.48 46.24
C GLY D 338 115.76 20.24 45.78
N THR D 339 115.02 19.17 45.46
CA THR D 339 115.62 17.92 45.04
C THR D 339 114.84 17.37 43.86
N ASP D 340 115.37 16.31 43.24
CA ASP D 340 114.67 15.66 42.15
C ASP D 340 113.46 14.89 42.66
N ALA D 341 112.38 14.90 41.86
CA ALA D 341 111.19 14.14 42.19
C ALA D 341 110.67 13.49 40.91
N SER D 342 111.58 12.88 40.17
CA SER D 342 111.27 12.25 38.90
C SER D 342 110.44 10.99 39.12
N THR D 343 109.87 10.51 38.01
CA THR D 343 109.05 9.32 38.01
C THR D 343 109.45 8.45 36.83
N GLY D 344 109.00 7.19 36.89
CA GLY D 344 109.23 6.26 35.82
C GLY D 344 108.14 5.19 35.77
N PHE D 345 107.78 4.80 34.55
CA PHE D 345 106.88 3.68 34.29
C PHE D 345 107.60 2.79 33.32
N ARG D 346 107.78 1.51 33.68
CA ARG D 346 108.52 0.58 32.84
C ARG D 346 108.16 -0.86 33.19
N GLY D 347 108.70 -1.77 32.40
CA GLY D 347 108.64 -3.19 32.72
C GLY D 347 107.24 -3.76 32.70
N ALA D 348 106.36 -3.21 31.85
CA ALA D 348 104.97 -3.61 31.87
C ALA D 348 104.79 -4.99 31.24
N THR D 349 103.99 -5.82 31.90
CA THR D 349 103.44 -7.05 31.32
C THR D 349 101.96 -6.84 31.08
N THR D 350 101.23 -7.93 30.86
CA THR D 350 99.77 -7.80 30.76
C THR D 350 99.14 -7.49 32.11
N THR D 351 99.84 -7.77 33.23
CA THR D 351 99.24 -7.65 34.56
C THR D 351 99.97 -6.70 35.52
N THR D 352 101.25 -6.41 35.28
CA THR D 352 102.01 -5.59 36.23
C THR D 352 102.91 -4.60 35.51
N ALA D 353 103.42 -3.64 36.29
CA ALA D 353 104.43 -2.71 35.83
C ALA D 353 105.25 -2.27 37.03
N VAL D 354 106.32 -1.52 36.75
CA VAL D 354 107.27 -1.05 37.76
C VAL D 354 107.24 0.47 37.74
N ILE D 355 106.95 1.07 38.91
CA ILE D 355 106.88 2.51 39.08
C ILE D 355 108.13 2.95 39.85
N ARG D 356 108.90 3.85 39.26
CA ARG D 356 110.13 4.33 39.88
C ARG D 356 109.88 5.70 40.48
N ASN D 357 110.32 5.88 41.73
CA ASN D 357 110.20 7.14 42.45
C ASN D 357 111.57 7.76 42.66
N GLY D 358 111.85 8.84 41.93
CA GLY D 358 113.12 9.54 42.11
C GLY D 358 113.20 10.42 43.32
N TYR D 359 112.09 10.63 44.02
CA TYR D 359 112.09 11.53 45.18
C TYR D 359 112.71 10.81 46.38
N PHE D 360 113.44 11.56 47.20
CA PHE D 360 114.23 10.97 48.29
C PHE D 360 113.42 10.76 49.58
N ALA D 361 112.14 10.40 49.46
CA ALA D 361 111.29 10.05 50.60
C ALA D 361 110.17 9.13 50.09
N GLN D 362 109.65 8.29 50.98
CA GLN D 362 108.48 7.48 50.63
C GLN D 362 107.38 8.40 50.12
N ALA D 363 106.72 7.99 49.03
CA ALA D 363 105.76 8.89 48.42
C ALA D 363 104.75 8.11 47.60
N VAL D 364 103.55 8.65 47.55
CA VAL D 364 102.48 8.08 46.74
C VAL D 364 102.58 8.66 45.34
N LEU D 365 102.68 7.77 44.34
CA LEU D 365 102.66 8.14 42.95
C LEU D 365 101.39 7.60 42.30
N SER D 366 100.75 8.44 41.49
CA SER D 366 99.65 7.97 40.66
C SER D 366 100.23 7.52 39.32
N TRP D 367 99.43 6.76 38.58
CA TRP D 367 99.90 6.23 37.32
C TRP D 367 98.72 6.01 36.39
N GLU D 368 99.02 6.01 35.10
CA GLU D 368 98.09 5.61 34.06
C GLU D 368 98.81 4.69 33.10
N ALA D 369 98.07 3.75 32.53
CA ALA D 369 98.62 2.82 31.58
C ALA D 369 97.56 2.56 30.50
N PHE D 370 98.02 2.27 29.29
CA PHE D 370 97.10 1.99 28.20
C PHE D 370 97.60 0.78 27.40
N GLY D 371 96.66 0.13 26.74
CA GLY D 371 97.03 -1.05 25.98
C GLY D 371 95.83 -1.69 25.31
N ARG D 372 95.95 -2.98 25.06
CA ARG D 372 94.92 -3.74 24.38
C ARG D 372 95.03 -5.22 24.72
N ALA E 9 -73.41 -63.95 -71.63
CA ALA E 9 -72.43 -63.51 -70.64
C ALA E 9 -71.29 -62.73 -71.30
N LEU E 10 -71.04 -61.53 -70.80
CA LEU E 10 -70.01 -60.67 -71.38
C LEU E 10 -68.62 -61.20 -71.07
N ALA E 11 -67.80 -61.36 -72.11
CA ALA E 11 -66.40 -61.68 -71.94
C ALA E 11 -65.59 -60.39 -71.91
N ALA E 12 -64.36 -60.50 -71.38
CA ALA E 12 -63.49 -59.33 -71.30
C ALA E 12 -63.35 -58.66 -72.66
N THR E 13 -63.30 -59.48 -73.72
CA THR E 13 -63.13 -58.96 -75.07
C THR E 13 -64.31 -58.12 -75.55
N ASP E 14 -65.46 -58.21 -74.87
CA ASP E 14 -66.63 -57.41 -75.26
C ASP E 14 -66.63 -56.01 -74.66
N ILE E 15 -65.76 -55.73 -73.70
CA ILE E 15 -65.73 -54.44 -73.02
C ILE E 15 -64.78 -53.51 -73.77
N PRO E 16 -65.16 -52.27 -74.05
CA PRO E 16 -64.27 -51.37 -74.77
C PRO E 16 -63.19 -50.82 -73.85
N GLY E 17 -62.27 -50.07 -74.45
CA GLY E 17 -61.26 -49.37 -73.67
C GLY E 17 -61.90 -48.39 -72.71
N LEU E 18 -61.36 -48.32 -71.49
CA LEU E 18 -61.95 -47.51 -70.44
C LEU E 18 -60.96 -46.45 -69.99
N ASP E 19 -61.48 -45.31 -69.55
CA ASP E 19 -60.68 -44.29 -68.91
C ASP E 19 -60.45 -44.65 -67.45
N ALA E 20 -59.34 -44.18 -66.89
CA ALA E 20 -59.02 -44.51 -65.51
C ALA E 20 -60.15 -44.09 -64.58
N SER E 21 -60.92 -43.07 -64.97
CA SER E 21 -62.06 -42.62 -64.15
C SER E 21 -63.16 -43.67 -64.04
N LYS E 22 -63.13 -44.74 -64.84
CA LYS E 22 -64.15 -45.78 -64.68
C LYS E 22 -63.98 -46.55 -63.39
N LEU E 23 -62.78 -46.53 -62.79
CA LEU E 23 -62.57 -47.15 -61.49
C LEU E 23 -63.01 -46.17 -60.41
N VAL E 24 -64.12 -46.47 -59.78
CA VAL E 24 -64.75 -45.57 -58.81
C VAL E 24 -64.56 -46.02 -57.37
N SER E 25 -63.90 -47.16 -57.13
CA SER E 25 -63.72 -47.61 -55.75
C SER E 25 -62.64 -48.68 -55.68
N GLY E 26 -62.21 -48.96 -54.46
CA GLY E 26 -61.31 -50.06 -54.19
C GLY E 26 -59.84 -49.69 -54.40
N VAL E 27 -58.97 -50.61 -54.00
CA VAL E 27 -57.52 -50.45 -54.09
C VAL E 27 -56.97 -51.52 -55.01
N LEU E 28 -56.25 -51.10 -56.04
CA LEU E 28 -55.62 -52.05 -56.95
C LEU E 28 -54.77 -53.05 -56.19
N ALA E 29 -54.78 -54.29 -56.68
CA ALA E 29 -53.73 -55.23 -56.29
C ALA E 29 -52.39 -54.65 -56.72
N GLU E 30 -51.39 -54.76 -55.85
CA GLU E 30 -50.12 -54.09 -56.15
C GLU E 30 -49.49 -54.68 -57.37
N GLN E 31 -49.84 -55.92 -57.72
CA GLN E 31 -49.32 -56.55 -58.92
C GLN E 31 -49.73 -55.81 -60.17
N ARG E 32 -50.74 -54.94 -60.11
CA ARG E 32 -51.07 -54.13 -61.28
C ARG E 32 -50.12 -52.95 -61.46
N LEU E 33 -49.25 -52.68 -60.49
CA LEU E 33 -48.40 -51.49 -60.59
C LEU E 33 -47.10 -51.81 -61.34
N PRO E 34 -46.58 -50.86 -62.10
CA PRO E 34 -45.20 -50.98 -62.57
C PRO E 34 -44.29 -51.28 -61.38
N VAL E 35 -43.26 -52.10 -61.62
CA VAL E 35 -42.51 -52.68 -60.51
C VAL E 35 -41.82 -51.59 -59.69
N PHE E 36 -41.44 -50.47 -60.31
CA PHE E 36 -40.73 -49.45 -59.54
C PHE E 36 -41.62 -48.83 -58.47
N ALA E 37 -42.94 -48.85 -58.67
CA ALA E 37 -43.87 -48.35 -57.67
C ALA E 37 -44.14 -49.38 -56.58
N ARG E 38 -43.59 -50.58 -56.69
CA ARG E 38 -43.68 -51.60 -55.65
C ARG E 38 -42.39 -51.74 -54.84
N GLY E 39 -41.41 -50.86 -55.06
CA GLY E 39 -40.10 -51.00 -54.47
C GLY E 39 -39.20 -52.01 -55.12
N LEU E 40 -39.62 -52.57 -56.25
CA LEU E 40 -38.86 -53.59 -56.94
C LEU E 40 -37.85 -52.92 -57.86
N ALA E 41 -36.57 -53.20 -57.66
CA ALA E 41 -35.53 -52.60 -58.50
C ALA E 41 -35.29 -53.44 -59.75
N THR E 42 -36.38 -53.82 -60.42
CA THR E 42 -36.34 -54.77 -61.51
C THR E 42 -36.85 -54.20 -62.84
N ALA E 43 -37.07 -52.90 -62.94
CA ALA E 43 -37.64 -52.35 -64.16
C ALA E 43 -36.65 -52.35 -65.32
N VAL E 44 -35.35 -52.29 -65.04
CA VAL E 44 -34.33 -52.20 -66.08
C VAL E 44 -33.21 -53.17 -65.72
N SER E 45 -32.36 -53.44 -66.72
N SER E 45 -32.35 -53.43 -66.71
CA SER E 45 -31.22 -54.31 -66.51
CA SER E 45 -31.20 -54.30 -66.49
C SER E 45 -30.31 -53.73 -65.43
C SER E 45 -30.28 -53.73 -65.42
N ASN E 46 -29.65 -54.61 -64.69
N ASN E 46 -29.66 -54.62 -64.64
CA ASN E 46 -28.89 -54.23 -63.50
CA ASN E 46 -28.89 -54.20 -63.47
C ASN E 46 -27.48 -53.76 -63.83
C ASN E 46 -27.47 -53.72 -63.83
N SER E 47 -27.22 -53.42 -65.09
CA SER E 47 -26.03 -52.72 -65.53
C SER E 47 -26.41 -51.38 -66.17
N SER E 48 -27.66 -50.95 -65.99
CA SER E 48 -28.14 -49.73 -66.64
C SER E 48 -27.36 -48.50 -66.18
N ASP E 49 -27.23 -47.55 -67.09
CA ASP E 49 -26.51 -46.30 -66.81
C ASP E 49 -27.39 -45.35 -66.02
N PRO E 50 -27.04 -45.01 -64.79
CA PRO E 50 -27.88 -44.06 -64.05
C PRO E 50 -27.90 -42.67 -64.68
N ASN E 51 -26.91 -42.33 -65.50
CA ASN E 51 -26.92 -41.02 -66.16
C ASN E 51 -28.11 -40.86 -67.11
N THR E 52 -28.59 -41.96 -67.66
CA THR E 52 -29.69 -41.90 -68.61
C THR E 52 -30.98 -42.40 -68.01
N ALA E 53 -31.06 -42.42 -66.68
CA ALA E 53 -32.26 -42.95 -66.03
C ALA E 53 -33.53 -42.23 -66.47
N THR E 54 -34.57 -43.02 -66.73
CA THR E 54 -35.90 -42.50 -66.89
C THR E 54 -36.91 -43.19 -65.99
N VAL E 55 -36.46 -44.10 -65.14
CA VAL E 55 -37.34 -44.77 -64.19
C VAL E 55 -36.98 -44.33 -62.77
N PRO E 56 -37.91 -44.37 -61.83
CA PRO E 56 -37.62 -43.84 -60.49
C PRO E 56 -36.83 -44.76 -59.60
N LEU E 57 -36.61 -46.02 -59.98
CA LEU E 57 -35.85 -46.95 -59.16
C LEU E 57 -35.14 -47.95 -60.05
N MET E 58 -33.85 -48.11 -59.84
CA MET E 58 -33.07 -49.14 -60.51
C MET E 58 -32.03 -49.66 -59.52
N LEU E 59 -31.39 -50.77 -59.89
CA LEU E 59 -30.29 -51.34 -59.14
C LEU E 59 -29.19 -51.58 -60.16
N THR E 60 -28.01 -51.02 -59.93
CA THR E 60 -27.03 -51.10 -61.00
C THR E 60 -25.61 -50.97 -60.45
N ASN E 61 -24.69 -51.67 -61.12
CA ASN E 61 -23.27 -51.55 -60.83
C ASN E 61 -22.57 -50.75 -61.92
N HIS E 62 -23.32 -49.95 -62.66
CA HIS E 62 -22.72 -49.15 -63.72
C HIS E 62 -21.68 -48.21 -63.12
N ALA E 63 -20.64 -47.95 -63.89
CA ALA E 63 -19.55 -47.09 -63.45
C ALA E 63 -20.01 -45.70 -63.05
N ASN E 64 -21.15 -45.23 -63.55
CA ASN E 64 -21.56 -43.88 -63.24
C ASN E 64 -22.28 -43.78 -61.90
N GLY E 65 -22.46 -44.92 -61.21
CA GLY E 65 -22.81 -44.92 -59.83
C GLY E 65 -21.64 -44.47 -58.98
N PRO E 66 -21.86 -44.47 -57.66
CA PRO E 66 -20.91 -43.78 -56.77
C PRO E 66 -19.64 -44.53 -56.45
N VAL E 67 -19.63 -45.87 -56.49
CA VAL E 67 -18.46 -46.63 -56.09
C VAL E 67 -18.17 -47.70 -57.14
N ALA E 68 -17.01 -47.61 -57.77
CA ALA E 68 -16.66 -48.52 -58.85
C ALA E 68 -16.71 -49.98 -58.39
N GLY E 69 -17.36 -50.82 -59.19
CA GLY E 69 -17.47 -52.23 -58.90
C GLY E 69 -18.55 -52.64 -57.91
N ARG E 70 -19.35 -51.68 -57.43
CA ARG E 70 -20.38 -51.96 -56.42
C ARG E 70 -21.75 -51.63 -56.99
N TYR E 71 -22.73 -52.47 -56.67
CA TYR E 71 -24.12 -52.21 -56.98
C TYR E 71 -24.70 -51.23 -55.97
N PHE E 72 -25.52 -50.32 -56.49
CA PHE E 72 -26.31 -49.43 -55.68
C PHE E 72 -27.74 -49.43 -56.20
N TYR E 73 -28.70 -49.37 -55.29
CA TYR E 73 -30.04 -48.96 -55.64
C TYR E 73 -30.03 -47.47 -55.89
N ILE E 74 -30.59 -47.03 -57.01
CA ILE E 74 -30.61 -45.60 -57.34
C ILE E 74 -32.03 -45.15 -57.53
N GLN E 75 -32.47 -44.23 -56.67
CA GLN E 75 -33.74 -43.57 -56.80
C GLN E 75 -33.57 -42.31 -57.63
N SER E 76 -34.55 -42.01 -58.48
CA SER E 76 -34.51 -40.82 -59.33
C SER E 76 -35.81 -40.05 -59.20
N MET E 77 -35.68 -38.73 -59.16
CA MET E 77 -36.79 -37.79 -59.10
C MET E 77 -36.56 -36.78 -60.21
N PHE E 78 -37.58 -36.52 -61.01
CA PHE E 78 -37.43 -35.85 -62.29
C PHE E 78 -38.26 -34.58 -62.41
N TYR E 79 -37.73 -33.64 -63.19
CA TYR E 79 -38.45 -32.43 -63.56
C TYR E 79 -37.81 -31.81 -64.82
N PRO E 80 -38.59 -31.45 -65.84
CA PRO E 80 -40.06 -31.46 -65.92
C PRO E 80 -40.66 -32.75 -66.46
N ASP E 81 -39.82 -33.65 -66.91
CA ASP E 81 -40.23 -34.98 -67.34
C ASP E 81 -39.07 -35.94 -67.08
N GLN E 82 -39.29 -37.20 -67.43
CA GLN E 82 -38.34 -38.27 -67.11
C GLN E 82 -37.08 -38.20 -67.93
N ASN E 83 -37.02 -37.32 -68.93
CA ASN E 83 -35.80 -37.12 -69.70
C ASN E 83 -34.99 -35.90 -69.22
N GLY E 84 -35.49 -35.18 -68.25
CA GLY E 84 -34.99 -33.87 -67.88
C GLY E 84 -34.12 -33.86 -66.64
N ASN E 85 -34.21 -32.77 -65.88
CA ASN E 85 -33.41 -32.62 -64.67
C ASN E 85 -33.77 -33.72 -63.67
N ALA E 86 -32.79 -34.09 -62.84
CA ALA E 86 -33.02 -35.18 -61.90
C ALA E 86 -32.17 -35.03 -60.66
N SER E 87 -32.67 -35.56 -59.57
CA SER E 87 -31.93 -35.80 -58.35
C SER E 87 -31.96 -37.30 -58.10
N GLN E 88 -30.82 -37.85 -57.66
CA GLN E 88 -30.68 -39.30 -57.43
C GLN E 88 -30.12 -39.54 -56.06
N ILE E 89 -30.65 -40.59 -55.43
CA ILE E 89 -30.19 -41.09 -54.14
C ILE E 89 -29.73 -42.51 -54.36
N ALA E 90 -28.48 -42.77 -54.02
CA ALA E 90 -27.91 -44.11 -54.12
C ALA E 90 -27.72 -44.68 -52.73
N THR E 91 -28.18 -45.93 -52.55
CA THR E 91 -27.94 -46.67 -51.32
C THR E 91 -27.35 -48.03 -51.66
N SER E 92 -26.52 -48.52 -50.77
CA SER E 92 -25.70 -49.71 -51.02
C SER E 92 -26.53 -50.98 -51.15
N TYR E 93 -26.01 -51.91 -51.98
CA TYR E 93 -26.63 -53.22 -52.20
C TYR E 93 -26.05 -54.29 -51.31
N ASN E 94 -24.82 -54.09 -50.82
CA ASN E 94 -24.19 -55.08 -49.99
C ASN E 94 -22.94 -54.46 -49.37
N ALA E 95 -22.29 -55.23 -48.51
CA ALA E 95 -20.95 -54.93 -48.00
C ALA E 95 -20.96 -53.95 -46.85
N THR E 96 -21.50 -52.77 -47.10
CA THR E 96 -21.60 -51.71 -46.11
C THR E 96 -22.95 -51.02 -46.26
N SER E 97 -23.26 -50.18 -45.30
CA SER E 97 -24.49 -49.37 -45.33
C SER E 97 -24.06 -47.95 -45.69
N GLU E 98 -24.27 -47.56 -46.95
CA GLU E 98 -23.82 -46.27 -47.43
C GLU E 98 -24.89 -45.61 -48.27
N MET E 99 -24.88 -44.26 -48.26
CA MET E 99 -25.84 -43.44 -49.01
C MET E 99 -25.11 -42.29 -49.68
N TYR E 100 -25.51 -42.00 -50.91
CA TYR E 100 -24.95 -40.88 -51.70
C TYR E 100 -26.09 -40.16 -52.40
N VAL E 101 -25.83 -38.90 -52.79
CA VAL E 101 -26.79 -38.07 -53.49
C VAL E 101 -26.07 -37.31 -54.60
N ARG E 102 -26.80 -37.03 -55.69
CA ARG E 102 -26.25 -36.21 -56.79
C ARG E 102 -27.42 -35.59 -57.54
N VAL E 103 -27.11 -34.80 -58.56
CA VAL E 103 -28.14 -34.02 -59.26
C VAL E 103 -27.66 -33.72 -60.66
N SER E 104 -28.63 -33.64 -61.59
CA SER E 104 -28.38 -33.17 -62.95
C SER E 104 -29.25 -31.94 -63.16
N TYR E 105 -28.62 -30.84 -63.51
CA TYR E 105 -29.37 -29.64 -63.84
C TYR E 105 -28.75 -28.99 -65.07
N ALA E 106 -29.59 -28.63 -66.04
CA ALA E 106 -29.14 -27.95 -67.25
C ALA E 106 -30.26 -27.06 -67.78
N ALA E 107 -29.86 -25.95 -68.40
CA ALA E 107 -30.80 -25.03 -69.01
C ALA E 107 -31.70 -25.75 -70.01
N ASN E 108 -31.11 -26.60 -70.86
CA ASN E 108 -31.89 -27.56 -71.62
C ASN E 108 -31.91 -28.85 -70.80
N PRO E 109 -32.98 -29.15 -70.07
CA PRO E 109 -32.88 -30.22 -69.05
C PRO E 109 -32.57 -31.59 -69.63
N SER E 110 -32.84 -31.81 -70.92
CA SER E 110 -32.57 -33.10 -71.57
C SER E 110 -31.12 -33.30 -71.94
N ILE E 111 -30.30 -32.25 -71.89
CA ILE E 111 -28.85 -32.40 -72.10
C ILE E 111 -28.23 -32.36 -70.71
N ARG E 112 -28.18 -33.53 -70.08
CA ARG E 112 -27.92 -33.61 -68.66
C ARG E 112 -26.48 -33.22 -68.34
N GLU E 113 -26.31 -32.61 -67.17
CA GLU E 113 -24.99 -32.25 -66.62
C GLU E 113 -24.98 -32.73 -65.18
N TRP E 114 -24.40 -33.89 -64.94
CA TRP E 114 -24.42 -34.49 -63.62
C TRP E 114 -23.33 -33.93 -62.71
N LEU E 115 -23.68 -33.66 -61.48
CA LEU E 115 -22.70 -33.31 -60.47
C LEU E 115 -22.17 -34.56 -59.81
N PRO E 116 -20.96 -34.50 -59.24
CA PRO E 116 -20.38 -35.68 -58.58
C PRO E 116 -21.26 -36.18 -57.45
N TRP E 117 -21.20 -37.51 -57.23
CA TRP E 117 -21.91 -38.06 -56.08
C TRP E 117 -21.34 -37.47 -54.79
N GLN E 118 -22.23 -37.16 -53.87
CA GLN E 118 -21.85 -36.67 -52.55
C GLN E 118 -22.25 -37.69 -51.50
N ARG E 119 -21.33 -38.01 -50.60
CA ARG E 119 -21.63 -38.98 -49.56
C ARG E 119 -22.62 -38.41 -48.57
N CYS E 120 -23.55 -39.26 -48.10
CA CYS E 120 -24.50 -38.83 -47.11
C CYS E 120 -24.32 -39.46 -45.71
N ASP E 121 -23.88 -40.71 -45.61
CA ASP E 121 -23.78 -41.30 -44.28
C ASP E 121 -22.50 -40.84 -43.55
N ILE E 122 -22.52 -40.94 -42.22
CA ILE E 122 -21.45 -40.40 -41.38
C ILE E 122 -20.17 -41.20 -41.48
N GLY E 123 -20.20 -42.29 -42.23
CA GLY E 123 -18.98 -42.98 -42.53
C GLY E 123 -17.92 -42.08 -43.16
N GLY E 124 -18.37 -41.05 -43.85
CA GLY E 124 -17.44 -40.11 -44.45
C GLY E 124 -16.96 -39.00 -43.54
N SER E 125 -17.31 -39.05 -42.25
CA SER E 125 -17.05 -37.93 -41.38
C SER E 125 -16.39 -38.34 -40.08
N PHE E 126 -15.79 -37.33 -39.43
CA PHE E 126 -15.44 -37.43 -38.02
C PHE E 126 -16.71 -37.51 -37.17
N THR E 127 -16.81 -38.51 -36.31
CA THR E 127 -18.03 -38.73 -35.56
C THR E 127 -17.86 -38.47 -34.07
N LYS E 128 -19.00 -38.26 -33.41
CA LYS E 128 -18.96 -38.09 -31.96
C LYS E 128 -18.50 -39.36 -31.26
N GLU E 129 -18.75 -40.52 -31.86
N GLU E 129 -18.72 -40.52 -31.86
CA GLU E 129 -18.18 -41.77 -31.36
CA GLU E 129 -18.18 -41.77 -31.36
C GLU E 129 -16.77 -41.92 -31.91
C GLU E 129 -16.78 -41.96 -31.92
N ALA E 130 -15.82 -42.27 -31.04
CA ALA E 130 -14.47 -42.48 -31.48
C ALA E 130 -14.40 -43.63 -32.50
N ASP E 131 -13.40 -43.58 -33.35
CA ASP E 131 -13.24 -44.66 -34.33
C ASP E 131 -12.84 -45.97 -33.70
N GLY E 132 -12.19 -45.96 -32.55
CA GLY E 132 -11.87 -47.23 -31.92
C GLY E 132 -10.96 -47.06 -30.73
N GLU E 133 -10.80 -48.18 -30.02
CA GLU E 133 -9.83 -48.32 -28.93
C GLU E 133 -8.58 -48.99 -29.49
N LEU E 134 -7.43 -48.44 -29.18
CA LEU E 134 -6.15 -49.04 -29.61
C LEU E 134 -5.76 -50.18 -28.67
N PRO E 135 -5.49 -51.36 -29.20
CA PRO E 135 -5.02 -52.44 -28.33
C PRO E 135 -3.56 -52.29 -27.98
N GLY E 136 -2.98 -53.32 -27.37
CA GLY E 136 -1.55 -53.33 -27.18
C GLY E 136 -0.85 -53.53 -28.52
N GLY E 137 0.45 -53.28 -28.51
CA GLY E 137 1.29 -53.65 -29.64
C GLY E 137 1.12 -52.84 -30.92
N VAL E 138 0.49 -51.68 -30.86
CA VAL E 138 0.29 -50.85 -32.05
C VAL E 138 1.50 -49.97 -32.29
N ASN E 139 2.00 -49.97 -33.52
CA ASN E 139 2.94 -48.98 -34.02
C ASN E 139 2.11 -47.82 -34.58
N LEU E 140 2.24 -46.62 -33.99
CA LEU E 140 1.42 -45.51 -34.42
C LEU E 140 1.74 -45.07 -35.85
N ASP E 141 2.87 -45.50 -36.40
CA ASP E 141 3.14 -45.26 -37.82
C ASP E 141 2.11 -45.97 -38.71
N SER E 142 1.38 -46.97 -38.16
CA SER E 142 0.40 -47.71 -38.94
C SER E 142 -0.95 -47.03 -39.01
N MET E 143 -1.14 -45.96 -38.24
CA MET E 143 -2.42 -45.28 -38.11
C MET E 143 -2.45 -44.15 -39.15
N VAL E 144 -2.90 -44.48 -40.36
CA VAL E 144 -2.85 -43.58 -41.48
C VAL E 144 -4.25 -43.25 -42.02
N THR E 145 -5.30 -43.57 -41.29
CA THR E 145 -6.67 -43.24 -41.68
C THR E 145 -7.18 -42.09 -40.82
N SER E 146 -7.84 -41.13 -41.45
CA SER E 146 -8.40 -40.02 -40.69
C SER E 146 -9.36 -40.56 -39.64
N GLY E 147 -9.31 -39.98 -38.45
CA GLY E 147 -10.21 -40.35 -37.38
C GLY E 147 -9.61 -40.01 -36.03
N TRP E 148 -10.26 -40.52 -34.98
CA TRP E 148 -9.69 -40.36 -33.65
C TRP E 148 -9.85 -41.66 -32.86
N TRP E 149 -8.79 -42.04 -32.17
CA TRP E 149 -8.69 -43.30 -31.45
C TRP E 149 -8.19 -43.06 -30.03
N SER E 150 -8.52 -43.98 -29.15
CA SER E 150 -8.14 -43.88 -27.75
C SER E 150 -7.33 -45.08 -27.31
N GLN E 151 -6.19 -44.81 -26.63
CA GLN E 151 -5.45 -45.82 -25.89
C GLN E 151 -5.87 -45.71 -24.41
N SER E 152 -6.54 -46.73 -23.90
CA SER E 152 -7.05 -46.68 -22.55
C SER E 152 -6.07 -47.26 -21.54
N PHE E 153 -4.96 -47.85 -21.98
CA PHE E 153 -4.00 -48.48 -21.06
C PHE E 153 -2.58 -48.03 -21.35
N THR E 154 -1.93 -47.48 -20.32
CA THR E 154 -0.54 -47.10 -20.44
C THR E 154 0.32 -48.30 -20.82
N ALA E 155 0.01 -49.48 -20.25
CA ALA E 155 0.74 -50.70 -20.58
C ALA E 155 0.63 -51.06 -22.06
N GLN E 156 -0.47 -50.69 -22.71
CA GLN E 156 -0.63 -51.00 -24.12
C GLN E 156 0.11 -50.01 -25.00
N ALA E 157 0.28 -48.78 -24.52
CA ALA E 157 1.26 -47.89 -25.12
C ALA E 157 2.68 -48.45 -24.98
N ALA E 158 3.02 -48.98 -23.80
CA ALA E 158 4.38 -49.50 -23.60
C ALA E 158 4.71 -50.62 -24.55
N SER E 159 3.73 -51.47 -24.90
CA SER E 159 4.01 -52.59 -25.78
C SER E 159 3.95 -52.22 -27.26
N GLY E 160 3.55 -51.00 -27.57
CA GLY E 160 3.45 -50.53 -28.94
C GLY E 160 4.74 -49.87 -29.37
N ALA E 161 4.63 -49.04 -30.41
CA ALA E 161 5.80 -48.35 -30.95
C ALA E 161 5.37 -46.99 -31.44
N ASN E 162 6.30 -46.05 -31.33
CA ASN E 162 6.15 -44.68 -31.81
C ASN E 162 4.99 -43.95 -31.11
N TYR E 163 4.62 -44.37 -29.92
CA TYR E 163 3.88 -43.46 -29.06
C TYR E 163 4.84 -42.34 -28.63
N PRO E 164 4.38 -41.10 -28.60
CA PRO E 164 5.28 -40.00 -28.18
C PRO E 164 5.66 -40.06 -26.72
N ILE E 165 4.85 -40.70 -25.90
CA ILE E 165 5.06 -40.86 -24.48
C ILE E 165 4.28 -42.11 -24.08
N VAL E 166 4.86 -42.90 -23.17
CA VAL E 166 4.20 -44.14 -22.76
C VAL E 166 3.06 -43.75 -21.82
N ARG E 167 1.90 -43.46 -22.40
CA ARG E 167 0.71 -43.11 -21.61
C ARG E 167 -0.53 -43.48 -22.42
N ALA E 168 -1.59 -43.83 -21.71
CA ALA E 168 -2.92 -43.77 -22.30
C ALA E 168 -3.12 -42.38 -22.86
N GLY E 169 -3.91 -42.29 -23.93
CA GLY E 169 -4.08 -40.98 -24.54
C GLY E 169 -4.99 -41.03 -25.74
N LEU E 170 -5.13 -39.86 -26.36
CA LEU E 170 -6.07 -39.63 -27.45
C LEU E 170 -5.30 -39.28 -28.71
N LEU E 171 -5.44 -40.12 -29.75
CA LEU E 171 -4.79 -39.96 -31.03
C LEU E 171 -5.77 -39.40 -32.05
N HIS E 172 -5.42 -38.27 -32.68
CA HIS E 172 -6.10 -37.80 -33.88
C HIS E 172 -5.21 -38.08 -35.08
N VAL E 173 -5.82 -38.54 -36.17
CA VAL E 173 -5.16 -38.69 -37.46
C VAL E 173 -5.93 -37.81 -38.46
N TYR E 174 -5.20 -36.96 -39.16
CA TYR E 174 -5.73 -36.12 -40.24
C TYR E 174 -4.99 -36.51 -41.52
N ALA E 175 -5.62 -37.36 -42.31
CA ALA E 175 -4.97 -37.87 -43.53
C ALA E 175 -5.26 -36.90 -44.67
N ALA E 176 -4.56 -35.77 -44.67
CA ALA E 176 -4.80 -34.71 -45.63
C ALA E 176 -4.62 -35.25 -47.05
N SER E 177 -3.62 -36.06 -47.24
CA SER E 177 -3.43 -36.79 -48.50
C SER E 177 -2.50 -37.92 -48.14
N SER E 178 -2.30 -38.84 -49.08
CA SER E 178 -1.38 -39.92 -48.76
C SER E 178 0.06 -39.40 -48.61
N ASN E 179 0.37 -38.23 -49.18
CA ASN E 179 1.70 -37.61 -49.04
C ASN E 179 1.86 -36.84 -47.73
N PHE E 180 0.75 -36.54 -47.04
CA PHE E 180 0.82 -35.75 -45.78
C PHE E 180 -0.20 -36.33 -44.79
N ILE E 181 0.25 -37.10 -43.81
CA ILE E 181 -0.59 -37.65 -42.75
C ILE E 181 -0.22 -36.94 -41.45
N TYR E 182 -1.13 -36.16 -40.89
CA TYR E 182 -0.86 -35.45 -39.63
C TYR E 182 -1.41 -36.24 -38.44
N GLN E 183 -0.67 -36.22 -37.31
CA GLN E 183 -1.15 -36.85 -36.08
C GLN E 183 -0.95 -35.90 -34.90
N THR E 184 -1.87 -36.00 -33.94
CA THR E 184 -1.71 -35.39 -32.63
C THR E 184 -2.01 -36.44 -31.56
N TYR E 185 -1.41 -36.26 -30.39
CA TYR E 185 -1.58 -37.18 -29.27
C TYR E 185 -1.66 -36.37 -28.00
N GLN E 186 -2.73 -36.59 -27.25
CA GLN E 186 -3.00 -35.92 -25.98
C GLN E 186 -2.93 -36.97 -24.88
N ALA E 187 -1.91 -36.89 -24.03
CA ALA E 187 -1.80 -37.85 -22.93
C ALA E 187 -2.92 -37.66 -21.90
N TYR E 188 -3.46 -38.78 -21.39
CA TYR E 188 -4.58 -38.73 -20.47
C TYR E 188 -4.25 -37.99 -19.19
N ASP E 189 -3.02 -38.08 -18.73
CA ASP E 189 -2.62 -37.43 -17.49
C ASP E 189 -2.00 -36.08 -17.74
N GLY E 190 -2.13 -35.56 -18.95
CA GLY E 190 -1.56 -34.27 -19.31
C GLY E 190 -0.06 -34.24 -19.31
N GLU E 191 0.60 -35.40 -19.38
CA GLU E 191 2.07 -35.44 -19.50
C GLU E 191 2.54 -34.43 -20.53
N SER E 192 1.93 -34.45 -21.71
CA SER E 192 1.98 -33.32 -22.64
C SER E 192 1.08 -33.59 -23.85
N PHE E 193 1.19 -32.71 -24.82
CA PHE E 193 0.50 -32.78 -26.13
C PHE E 193 1.57 -32.80 -27.21
N TYR E 194 1.39 -33.68 -28.20
CA TYR E 194 2.38 -33.96 -29.22
C TYR E 194 1.78 -33.86 -30.62
N PHE E 195 2.63 -33.61 -31.60
CA PHE E 195 2.20 -33.57 -33.00
C PHE E 195 3.36 -33.95 -33.93
N ARG E 196 2.99 -34.49 -35.09
CA ARG E 196 3.94 -34.92 -36.12
C ARG E 196 3.21 -35.14 -37.43
N CYS E 197 3.98 -35.40 -38.46
CA CYS E 197 3.45 -35.56 -39.80
C CYS E 197 4.26 -36.59 -40.55
N ARG E 198 3.57 -37.38 -41.36
CA ARG E 198 4.21 -38.30 -42.30
C ARG E 198 4.25 -37.65 -43.69
N HIS E 199 5.46 -37.34 -44.17
CA HIS E 199 5.65 -36.71 -45.46
C HIS E 199 6.39 -37.64 -46.40
N SER E 200 5.75 -37.95 -47.53
N SER E 200 5.75 -37.95 -47.53
CA SER E 200 6.29 -38.89 -48.51
CA SER E 200 6.29 -38.88 -48.51
C SER E 200 6.73 -40.17 -47.83
C SER E 200 6.73 -40.17 -47.84
N ASN E 201 5.85 -40.69 -46.99
CA ASN E 201 5.97 -41.95 -46.31
C ASN E 201 6.99 -41.96 -45.18
N THR E 202 7.58 -40.80 -44.85
CA THR E 202 8.55 -40.72 -43.76
C THR E 202 8.04 -39.83 -42.64
N TRP E 203 8.03 -40.38 -41.41
CA TRP E 203 7.51 -39.65 -40.27
C TRP E 203 8.57 -38.72 -39.69
N PHE E 204 8.23 -37.45 -39.56
CA PHE E 204 9.03 -36.54 -38.73
C PHE E 204 8.92 -36.92 -37.26
N PRO E 205 9.89 -36.54 -36.45
CA PRO E 205 9.77 -36.81 -35.01
C PRO E 205 8.61 -36.05 -34.41
N TRP E 206 8.04 -36.63 -33.35
CA TRP E 206 7.04 -35.96 -32.54
C TRP E 206 7.62 -34.69 -31.93
N ARG E 207 6.87 -33.60 -32.05
CA ARG E 207 7.13 -32.39 -31.27
C ARG E 207 6.33 -32.49 -29.99
N ARG E 208 6.97 -32.11 -28.87
CA ARG E 208 6.38 -32.10 -27.56
C ARG E 208 6.15 -30.68 -27.09
N MET E 209 4.89 -30.34 -26.78
CA MET E 209 4.58 -29.06 -26.21
C MET E 209 5.28 -28.86 -24.85
N TRP E 210 5.82 -27.63 -24.64
CA TRP E 210 6.21 -27.21 -23.30
C TRP E 210 4.99 -26.61 -22.58
N HIS E 211 4.75 -27.02 -21.33
CA HIS E 211 3.63 -26.47 -20.59
C HIS E 211 4.06 -26.15 -19.17
N GLY E 212 3.12 -25.60 -18.41
CA GLY E 212 3.38 -25.10 -17.08
C GLY E 212 3.74 -26.18 -16.05
N GLY E 213 3.36 -27.41 -16.30
CA GLY E 213 3.83 -28.50 -15.46
C GLY E 213 5.29 -28.82 -15.64
N ASP E 214 5.88 -28.48 -16.81
CA ASP E 214 7.28 -28.78 -17.07
C ASP E 214 8.20 -27.84 -16.32
N PHE E 215 7.96 -26.54 -16.42
CA PHE E 215 8.81 -25.54 -15.80
C PHE E 215 8.05 -24.22 -15.74
N ASN E 216 8.57 -23.31 -14.93
CA ASN E 216 8.08 -21.95 -14.82
C ASN E 216 9.22 -20.99 -15.15
N PRO E 217 9.07 -20.12 -16.15
CA PRO E 217 10.17 -19.18 -16.45
C PRO E 217 10.60 -18.33 -15.27
N SER E 218 9.73 -18.11 -14.27
CA SER E 218 10.08 -17.28 -13.13
C SER E 218 11.17 -17.91 -12.29
N ASP E 219 11.44 -19.20 -12.46
CA ASP E 219 12.50 -19.86 -11.73
C ASP E 219 13.87 -19.67 -12.36
N TYR E 220 13.95 -19.01 -13.51
CA TYR E 220 15.17 -18.91 -14.29
C TYR E 220 15.69 -17.48 -14.29
N LEU E 221 17.01 -17.33 -14.37
CA LEU E 221 17.64 -16.04 -14.29
C LEU E 221 17.51 -15.30 -15.62
N LEU E 222 16.92 -14.12 -15.58
CA LEU E 222 16.93 -13.22 -16.73
C LEU E 222 18.34 -12.68 -16.97
N LYS E 223 18.67 -12.48 -18.24
CA LYS E 223 19.93 -11.82 -18.58
C LYS E 223 20.05 -10.51 -17.84
N SER E 224 18.93 -9.79 -17.69
CA SER E 224 18.97 -8.50 -17.03
C SER E 224 19.29 -8.63 -15.55
N GLY E 225 19.19 -9.83 -14.99
CA GLY E 225 19.52 -10.05 -13.61
C GLY E 225 20.95 -10.46 -13.37
N PHE E 226 21.76 -10.49 -14.43
CA PHE E 226 23.11 -11.04 -14.38
C PHE E 226 24.13 -9.90 -14.34
N TYR E 227 24.52 -9.52 -13.14
CA TYR E 227 25.57 -8.51 -12.97
C TYR E 227 26.11 -8.56 -11.55
N TRP E 228 27.24 -7.88 -11.36
CA TRP E 228 28.00 -8.00 -10.12
C TRP E 228 27.15 -7.70 -8.89
N ASN E 229 26.46 -6.56 -8.88
CA ASN E 229 25.75 -6.16 -7.66
C ASN E 229 24.65 -7.14 -7.28
N ALA E 230 24.06 -7.83 -8.27
CA ALA E 230 22.99 -8.76 -7.97
C ALA E 230 23.48 -10.15 -7.56
N LEU E 231 24.73 -10.47 -7.82
CA LEU E 231 25.24 -11.81 -7.54
C LEU E 231 25.25 -12.05 -6.04
N PRO E 232 24.51 -13.03 -5.52
CA PRO E 232 24.55 -13.31 -4.08
C PRO E 232 25.76 -14.13 -3.66
N GLY E 233 26.03 -14.09 -2.36
CA GLY E 233 27.10 -14.89 -1.78
C GLY E 233 28.49 -14.35 -1.97
N LYS E 234 28.64 -13.11 -2.43
CA LYS E 234 29.97 -12.56 -2.64
C LYS E 234 30.62 -12.32 -1.29
N PRO E 235 31.91 -12.61 -1.16
CA PRO E 235 32.60 -12.35 0.11
C PRO E 235 32.85 -10.87 0.34
N ALA E 236 32.94 -10.50 1.63
CA ALA E 236 33.23 -9.12 1.98
C ALA E 236 34.64 -8.71 1.62
N THR E 237 35.60 -9.64 1.71
CA THR E 237 36.98 -9.36 1.35
C THR E 237 37.49 -10.49 0.47
N PHE E 238 38.56 -10.19 -0.25
CA PHE E 238 39.07 -11.08 -1.28
C PHE E 238 40.55 -11.33 -1.09
N PRO E 239 41.03 -12.53 -1.39
CA PRO E 239 42.47 -12.79 -1.32
C PRO E 239 43.21 -11.96 -2.37
N PRO E 240 44.07 -11.05 -1.94
CA PRO E 240 44.68 -10.13 -2.90
C PRO E 240 45.78 -10.78 -3.72
N SER E 241 45.90 -10.30 -4.95
CA SER E 241 47.03 -10.69 -5.77
C SER E 241 48.26 -9.89 -5.34
N ALA E 242 49.41 -10.23 -5.91
CA ALA E 242 50.67 -9.63 -5.50
C ALA E 242 50.62 -8.13 -5.74
N HIS E 243 51.00 -7.36 -4.72
CA HIS E 243 50.99 -5.92 -4.84
C HIS E 243 52.15 -5.32 -4.05
N ASN E 244 52.54 -4.11 -4.44
CA ASN E 244 53.59 -3.36 -3.76
C ASN E 244 52.98 -2.31 -2.85
N HIS E 245 53.78 -1.86 -1.89
CA HIS E 245 53.33 -0.90 -0.89
C HIS E 245 54.36 0.18 -0.72
N ASP E 246 53.89 1.35 -0.33
CA ASP E 246 54.75 2.42 0.17
C ASP E 246 54.83 2.28 1.68
N VAL E 247 56.01 2.53 2.25
CA VAL E 247 56.20 2.41 3.68
C VAL E 247 55.16 3.25 4.45
N GLY E 248 54.67 4.33 3.85
CA GLY E 248 53.67 5.13 4.52
C GLY E 248 52.40 4.38 4.86
N GLN E 249 52.13 3.28 4.18
CA GLN E 249 50.94 2.48 4.46
C GLN E 249 51.17 1.52 5.63
N LEU E 250 52.36 1.49 6.21
CA LEU E 250 52.64 0.77 7.45
C LEU E 250 52.29 1.70 8.59
N THR E 251 51.11 1.53 9.19
CA THR E 251 50.52 2.51 10.08
C THR E 251 50.43 2.06 11.53
N SER E 252 50.95 0.89 11.88
CA SER E 252 50.89 0.43 13.26
C SER E 252 51.95 -0.62 13.49
N GLY E 253 52.28 -0.82 14.77
CA GLY E 253 53.29 -1.79 15.14
C GLY E 253 54.70 -1.23 15.12
N ILE E 254 55.64 -2.06 15.55
CA ILE E 254 57.05 -1.71 15.62
C ILE E 254 57.86 -2.82 14.96
N LEU E 255 58.65 -2.46 13.94
CA LEU E 255 59.41 -3.44 13.18
C LEU E 255 60.53 -4.02 14.02
N PRO E 256 60.64 -5.35 14.12
CA PRO E 256 61.74 -5.97 14.89
C PRO E 256 62.99 -6.17 14.05
N LEU E 257 64.10 -6.40 14.76
CA LEU E 257 65.38 -6.60 14.10
C LEU E 257 65.35 -7.78 13.15
N ALA E 258 64.56 -8.82 13.43
CA ALA E 258 64.48 -9.95 12.53
C ALA E 258 64.07 -9.52 11.13
N ARG E 259 63.31 -8.43 11.02
CA ARG E 259 62.84 -7.92 9.74
C ARG E 259 63.62 -6.68 9.29
N GLY E 260 64.73 -6.37 9.93
CA GLY E 260 65.50 -5.17 9.60
C GLY E 260 65.05 -3.91 10.28
N GLY E 261 64.25 -4.02 11.36
CA GLY E 261 63.90 -2.89 12.17
C GLY E 261 64.81 -2.76 13.38
N VAL E 262 64.46 -1.82 14.25
CA VAL E 262 65.23 -1.58 15.48
C VAL E 262 64.42 -1.94 16.72
N GLY E 263 63.31 -2.64 16.55
CA GLY E 263 62.58 -3.20 17.67
C GLY E 263 62.20 -2.19 18.73
N SER E 264 62.03 -0.93 18.35
CA SER E 264 61.67 0.10 19.32
C SER E 264 61.23 1.36 18.61
N ASN E 265 60.49 2.20 19.34
CA ASN E 265 60.10 3.52 18.86
C ASN E 265 60.77 4.64 19.65
N THR E 266 61.84 4.33 20.37
CA THR E 266 62.65 5.34 21.05
C THR E 266 64.09 5.20 20.62
N ALA E 267 64.84 6.31 20.69
CA ALA E 267 66.26 6.27 20.36
C ALA E 267 66.99 5.29 21.26
N ALA E 268 66.82 5.42 22.57
CA ALA E 268 67.52 4.55 23.50
C ALA E 268 67.17 3.08 23.26
N GLY E 269 65.88 2.79 23.04
CA GLY E 269 65.49 1.42 22.75
C GLY E 269 66.10 0.89 21.47
N ALA E 270 66.18 1.74 20.45
CA ALA E 270 66.78 1.34 19.19
C ALA E 270 68.25 1.01 19.35
N ARG E 271 68.99 1.85 20.06
CA ARG E 271 70.40 1.57 20.29
C ARG E 271 70.58 0.27 21.05
N SER E 272 69.72 0.02 22.05
CA SER E 272 69.80 -1.22 22.79
C SER E 272 69.64 -2.42 21.87
N THR E 273 68.71 -2.34 20.90
CA THR E 273 68.47 -3.46 20.01
C THR E 273 69.70 -3.79 19.18
N ILE E 274 70.39 -2.77 18.65
CA ILE E 274 71.53 -3.01 17.76
C ILE E 274 72.86 -2.85 18.49
N GLY E 275 72.83 -2.67 19.81
CA GLY E 275 74.07 -2.58 20.59
C GLY E 275 74.95 -1.42 20.23
N ALA E 276 74.37 -0.24 20.03
CA ALA E 276 75.15 0.92 19.62
C ALA E 276 75.40 1.85 20.82
N GLY E 277 76.53 2.53 20.76
CA GLY E 277 76.84 3.57 21.73
C GLY E 277 76.35 4.93 21.29
N VAL E 278 76.51 5.90 22.18
CA VAL E 278 76.13 7.29 21.91
C VAL E 278 77.37 8.12 21.58
N PRO E 279 77.20 9.30 20.99
CA PRO E 279 78.37 10.08 20.57
C PRO E 279 79.12 10.65 21.77
N ALA E 280 80.43 10.65 21.66
CA ALA E 280 81.22 11.47 22.58
C ALA E 280 81.01 12.94 22.26
N THR E 281 81.28 13.80 23.23
CA THR E 281 81.23 15.24 23.06
C THR E 281 82.54 15.84 23.53
N ALA E 282 82.83 17.05 23.08
CA ALA E 282 84.10 17.66 23.46
C ALA E 282 84.09 19.14 23.16
N SER E 283 85.02 19.85 23.82
CA SER E 283 85.36 21.22 23.47
C SER E 283 86.88 21.18 23.26
N LEU E 284 87.32 21.19 22.00
CA LEU E 284 88.72 20.86 21.71
C LEU E 284 89.58 22.09 21.49
N GLY E 285 89.48 23.09 22.36
CA GLY E 285 90.36 24.24 22.32
C GLY E 285 91.68 23.98 23.03
N ALA E 286 92.55 25.00 23.00
CA ALA E 286 93.85 24.89 23.64
C ALA E 286 93.71 24.39 25.08
N SER E 287 92.67 24.83 25.76
CA SER E 287 92.18 24.21 26.98
C SER E 287 90.79 23.67 26.72
N GLY E 288 90.51 22.46 27.18
CA GLY E 288 89.24 21.86 26.82
C GLY E 288 88.98 20.57 27.55
N TRP E 289 87.99 19.84 27.02
CA TRP E 289 87.52 18.64 27.66
C TRP E 289 86.98 17.71 26.59
N TRP E 290 86.93 16.44 26.95
CA TRP E 290 86.35 15.39 26.11
C TRP E 290 85.58 14.45 27.03
N ARG E 291 84.39 14.02 26.59
CA ARG E 291 83.49 13.25 27.43
C ARG E 291 82.97 12.05 26.66
N ASP E 292 83.25 10.86 27.19
CA ASP E 292 82.62 9.64 26.70
C ASP E 292 81.26 9.51 27.37
N ASN E 293 80.20 9.78 26.62
CA ASN E 293 78.86 9.72 27.20
C ASN E 293 78.34 8.30 27.37
N ASP E 294 79.02 7.29 26.82
CA ASP E 294 78.72 5.91 27.20
C ASP E 294 78.95 5.68 28.69
N THR E 295 80.14 6.01 29.19
CA THR E 295 80.55 5.68 30.54
C THR E 295 80.55 6.88 31.49
N GLY E 296 80.56 8.09 30.95
CA GLY E 296 80.70 9.28 31.77
C GLY E 296 82.12 9.72 31.99
N LEU E 297 83.11 8.99 31.47
CA LEU E 297 84.50 9.40 31.61
C LEU E 297 84.74 10.74 30.92
N ILE E 298 85.43 11.64 31.64
CA ILE E 298 85.79 12.96 31.12
C ILE E 298 87.30 13.12 31.22
N ARG E 299 87.93 13.61 30.15
CA ARG E 299 89.32 14.04 30.16
C ARG E 299 89.39 15.54 29.86
N GLN E 300 90.24 16.26 30.59
CA GLN E 300 90.41 17.69 30.42
C GLN E 300 91.88 18.06 30.38
N TRP E 301 92.18 19.27 29.93
CA TRP E 301 93.56 19.69 29.77
C TRP E 301 93.63 21.21 29.75
N GLY E 302 94.83 21.71 30.00
CA GLY E 302 95.11 23.13 29.99
C GLY E 302 96.57 23.38 30.28
N GLN E 303 96.90 24.65 30.50
N GLN E 303 96.90 24.65 30.50
CA GLN E 303 98.25 25.05 30.88
CA GLN E 303 98.24 25.06 30.86
C GLN E 303 98.18 26.06 32.00
C GLN E 303 98.18 26.06 32.01
N VAL E 304 99.28 26.19 32.75
CA VAL E 304 99.33 27.11 33.86
C VAL E 304 100.77 27.60 34.04
N THR E 305 100.93 28.87 34.36
CA THR E 305 102.24 29.42 34.69
C THR E 305 102.48 29.22 36.18
N CYS E 306 103.52 28.46 36.52
CA CYS E 306 103.81 28.16 37.92
C CYS E 306 104.99 28.99 38.44
N PRO E 307 104.92 29.49 39.67
CA PRO E 307 106.10 30.10 40.28
C PRO E 307 107.24 29.10 40.40
N ALA E 308 108.45 29.63 40.52
CA ALA E 308 109.63 28.81 40.74
C ALA E 308 109.47 27.95 41.99
N ASP E 309 109.78 26.67 41.87
CA ASP E 309 109.82 25.76 43.03
C ASP E 309 108.56 25.88 43.89
N ALA E 310 107.40 25.88 43.25
CA ALA E 310 106.18 26.19 43.97
C ALA E 310 104.95 25.71 43.20
N ASP E 311 103.78 25.91 43.83
CA ASP E 311 102.50 25.47 43.30
C ASP E 311 101.81 26.55 42.51
N ALA E 312 100.94 26.13 41.59
CA ALA E 312 99.94 26.99 41.02
C ALA E 312 98.61 26.24 40.98
N SER E 313 97.52 26.94 41.25
CA SER E 313 96.19 26.35 41.20
C SER E 313 95.62 26.42 39.78
N ILE E 314 94.85 25.39 39.40
CA ILE E 314 94.14 25.41 38.13
C ILE E 314 92.66 25.20 38.39
N THR E 315 91.86 25.65 37.44
CA THR E 315 90.41 25.42 37.41
C THR E 315 90.07 24.66 36.14
N PHE E 316 89.41 23.53 36.29
CA PHE E 316 89.09 22.69 35.15
C PHE E 316 88.15 23.44 34.21
N PRO E 317 88.31 23.27 32.89
CA PRO E 317 87.34 23.86 31.96
C PRO E 317 85.89 23.63 32.32
N ILE E 318 85.52 22.41 32.70
CA ILE E 318 84.18 22.15 33.21
C ILE E 318 84.33 21.39 34.52
N PRO E 319 83.38 21.50 35.43
CA PRO E 319 83.45 20.68 36.65
C PRO E 319 83.28 19.22 36.31
N PHE E 320 83.97 18.39 37.11
CA PHE E 320 83.68 16.96 37.11
C PHE E 320 82.37 16.74 37.87
N PRO E 321 81.41 16.00 37.31
CA PRO E 321 80.13 15.83 38.03
C PRO E 321 80.28 15.26 39.42
N THR E 322 81.24 14.35 39.63
CA THR E 322 81.35 13.66 40.91
C THR E 322 82.74 13.79 41.54
N LEU E 323 83.80 13.49 40.78
CA LEU E 323 85.14 13.64 41.32
C LEU E 323 86.18 13.59 40.21
N CYS E 324 87.38 14.07 40.53
CA CYS E 324 88.55 13.93 39.69
C CYS E 324 89.31 12.67 40.07
N LEU E 325 89.59 11.81 39.10
CA LEU E 325 90.25 10.54 39.36
C LEU E 325 91.78 10.60 39.28
N GLY E 326 92.34 11.57 38.56
CA GLY E 326 93.79 11.62 38.41
C GLY E 326 94.19 12.69 37.42
N GLY E 327 95.50 12.86 37.29
CA GLY E 327 96.07 13.87 36.43
C GLY E 327 97.58 13.85 36.53
N TYR E 328 98.21 14.68 35.68
CA TYR E 328 99.65 14.84 35.63
C TYR E 328 99.91 16.23 35.06
N ALA E 329 101.18 16.65 35.15
CA ALA E 329 101.62 17.92 34.55
C ALA E 329 102.92 17.68 33.82
N ASN E 330 103.22 18.57 32.89
CA ASN E 330 104.35 18.40 31.97
C ASN E 330 105.04 19.75 31.77
N GLN E 331 106.38 19.75 31.83
CA GLN E 331 107.17 20.95 31.55
C GLN E 331 107.14 21.23 30.05
N THR E 332 106.70 22.44 29.68
CA THR E 332 106.60 22.84 28.29
C THR E 332 107.80 23.65 27.80
N SER E 333 108.81 23.87 28.64
CA SER E 333 109.92 24.77 28.30
C SER E 333 111.20 23.97 28.14
N ALA E 334 112.20 24.64 27.55
CA ALA E 334 113.55 24.06 27.41
C ALA E 334 114.31 24.30 28.72
N PHE E 335 113.93 23.55 29.74
CA PHE E 335 114.50 23.70 31.07
C PHE E 335 115.96 23.30 31.09
N HIS E 336 116.73 23.99 31.93
CA HIS E 336 118.12 23.63 32.10
C HIS E 336 118.24 22.20 32.61
N PRO E 337 118.93 21.31 31.89
CA PRO E 337 118.95 19.88 32.25
C PRO E 337 119.92 19.51 33.36
N GLY E 338 120.68 20.47 33.88
CA GLY E 338 121.54 20.26 35.03
C GLY E 338 120.86 20.39 36.37
N THR E 339 119.52 20.52 36.40
CA THR E 339 118.78 20.65 37.65
C THR E 339 117.45 19.91 37.51
N ASP E 340 116.77 19.73 38.64
CA ASP E 340 115.47 19.08 38.63
C ASP E 340 114.40 19.98 38.01
N ALA E 341 113.49 19.38 37.24
CA ALA E 341 112.34 20.08 36.67
C ALA E 341 111.09 19.23 36.87
N SER E 342 110.88 18.78 38.10
CA SER E 342 109.82 17.82 38.36
C SER E 342 108.46 18.47 38.31
N THR E 343 107.43 17.64 38.27
CA THR E 343 106.06 18.11 38.19
C THR E 343 105.20 17.36 39.21
N GLY E 344 104.05 17.94 39.50
CA GLY E 344 103.10 17.27 40.36
C GLY E 344 101.68 17.72 40.06
N PHE E 345 100.75 16.81 40.27
CA PHE E 345 99.32 17.07 40.18
C PHE E 345 98.68 16.50 41.44
N ARG E 346 97.95 17.33 42.18
CA ARG E 346 97.41 16.86 43.45
C ARG E 346 96.27 17.76 43.90
N GLY E 347 95.60 17.34 44.97
CA GLY E 347 94.57 18.16 45.62
C GLY E 347 93.38 18.48 44.75
N ALA E 348 93.04 17.59 43.82
CA ALA E 348 91.99 17.89 42.86
C ALA E 348 90.61 17.76 43.48
N THR E 349 89.76 18.78 43.25
CA THR E 349 88.35 18.71 43.56
C THR E 349 87.56 18.48 42.27
N THR E 350 86.25 18.72 42.31
CA THR E 350 85.47 18.69 41.08
C THR E 350 85.77 19.88 40.19
N THR E 351 86.36 20.94 40.73
CA THR E 351 86.57 22.16 39.95
C THR E 351 88.03 22.60 39.83
N THR E 352 88.92 22.17 40.74
CA THR E 352 90.26 22.70 40.78
C THR E 352 91.30 21.63 41.12
N ALA E 353 92.57 22.00 40.98
CA ALA E 353 93.65 21.12 41.36
C ALA E 353 94.89 21.96 41.58
N VAL E 354 95.96 21.31 42.07
CA VAL E 354 97.21 21.99 42.42
C VAL E 354 98.33 21.40 41.58
N ILE E 355 99.01 22.26 40.83
CA ILE E 355 100.10 21.87 39.95
C ILE E 355 101.39 22.38 40.59
N ARG E 356 102.34 21.45 40.81
CA ARG E 356 103.60 21.80 41.46
C ARG E 356 104.74 21.83 40.44
N ASN E 357 105.52 22.88 40.49
CA ASN E 357 106.63 23.08 39.58
C ASN E 357 107.94 22.99 40.38
N GLY E 358 108.69 21.93 40.12
CA GLY E 358 109.99 21.70 40.75
C GLY E 358 111.15 22.41 40.09
N TYR E 359 110.93 23.08 38.97
CA TYR E 359 111.98 23.84 38.33
C TYR E 359 112.31 25.09 39.11
N PHE E 360 113.60 25.48 39.10
CA PHE E 360 114.08 26.58 39.92
C PHE E 360 113.60 27.94 39.44
N ALA E 361 112.99 28.02 38.27
CA ALA E 361 112.47 29.28 37.72
C ALA E 361 111.01 29.11 37.38
N GLN E 362 110.30 30.24 37.33
CA GLN E 362 108.91 30.25 36.87
C GLN E 362 108.84 29.59 35.50
N ALA E 363 107.77 28.82 35.28
CA ALA E 363 107.71 28.05 34.04
C ALA E 363 106.26 27.64 33.78
N VAL E 364 105.95 27.45 32.50
CA VAL E 364 104.61 27.04 32.07
C VAL E 364 104.55 25.53 32.07
N LEU E 365 103.57 24.98 32.77
CA LEU E 365 103.33 23.54 32.78
C LEU E 365 101.97 23.26 32.14
N SER E 366 101.93 22.25 31.28
CA SER E 366 100.67 21.74 30.77
C SER E 366 100.19 20.60 31.67
N TRP E 367 98.89 20.34 31.65
CA TRP E 367 98.31 19.32 32.50
C TRP E 367 97.17 18.61 31.78
N GLU E 368 96.91 17.39 32.23
CA GLU E 368 95.70 16.64 31.88
C GLU E 368 95.11 16.07 33.16
N ALA E 369 93.79 15.96 33.18
CA ALA E 369 93.06 15.36 34.29
C ALA E 369 91.93 14.53 33.73
N PHE E 370 91.49 13.54 34.51
CA PHE E 370 90.36 12.72 34.10
C PHE E 370 89.50 12.41 35.31
N GLY E 371 88.24 12.06 35.06
CA GLY E 371 87.33 11.81 36.16
C GLY E 371 85.91 11.57 35.62
N ARG E 372 84.93 11.81 36.48
CA ARG E 372 83.53 11.55 36.15
C ARG E 372 82.61 12.39 37.03
N ALA F 9 -79.65 -52.02 -68.83
CA ALA F 9 -78.63 -51.26 -68.09
C ALA F 9 -77.70 -52.21 -67.34
N LEU F 10 -76.41 -52.15 -67.66
CA LEU F 10 -75.44 -53.08 -67.10
C LEU F 10 -75.09 -52.70 -65.67
N ALA F 11 -74.84 -53.72 -64.85
CA ALA F 11 -74.34 -53.56 -63.49
C ALA F 11 -72.90 -54.05 -63.45
N ALA F 12 -72.18 -53.62 -62.40
CA ALA F 12 -70.79 -54.05 -62.25
C ALA F 12 -70.67 -55.57 -62.27
N THR F 13 -71.62 -56.26 -61.63
CA THR F 13 -71.56 -57.71 -61.55
C THR F 13 -71.62 -58.38 -62.92
N ASP F 14 -72.19 -57.71 -63.93
CA ASP F 14 -72.23 -58.24 -65.28
C ASP F 14 -70.94 -58.04 -66.06
N ILE F 15 -69.95 -57.39 -65.48
CA ILE F 15 -68.69 -57.09 -66.15
C ILE F 15 -67.67 -58.13 -65.73
N PRO F 16 -66.94 -58.75 -66.65
CA PRO F 16 -65.97 -59.79 -66.29
C PRO F 16 -64.65 -59.15 -65.82
N GLY F 17 -63.73 -60.00 -65.40
CA GLY F 17 -62.40 -59.51 -65.05
C GLY F 17 -61.69 -58.94 -66.25
N LEU F 18 -60.93 -57.86 -66.02
CA LEU F 18 -60.26 -57.11 -67.08
C LEU F 18 -58.76 -57.06 -66.83
N ASP F 19 -58.00 -57.01 -67.94
CA ASP F 19 -56.58 -56.77 -67.86
C ASP F 19 -56.30 -55.28 -67.72
N ALA F 20 -55.16 -54.94 -67.13
CA ALA F 20 -54.80 -53.54 -66.94
C ALA F 20 -54.75 -52.78 -68.25
N SER F 21 -54.52 -53.47 -69.37
CA SER F 21 -54.51 -52.84 -70.67
C SER F 21 -55.89 -52.37 -71.11
N LYS F 22 -56.96 -52.77 -70.39
CA LYS F 22 -58.30 -52.27 -70.70
C LYS F 22 -58.46 -50.80 -70.31
N LEU F 23 -57.67 -50.31 -69.37
CA LEU F 23 -57.58 -48.88 -69.10
C LEU F 23 -56.69 -48.26 -70.16
N VAL F 24 -57.24 -47.35 -70.94
CA VAL F 24 -56.55 -46.82 -72.11
C VAL F 24 -56.23 -45.34 -72.01
N SER F 25 -56.68 -44.67 -70.95
CA SER F 25 -56.45 -43.23 -70.85
C SER F 25 -56.73 -42.79 -69.43
N GLY F 26 -56.26 -41.58 -69.11
CA GLY F 26 -56.56 -40.93 -67.86
C GLY F 26 -55.62 -41.35 -66.74
N VAL F 27 -55.73 -40.65 -65.63
CA VAL F 27 -54.90 -40.88 -64.45
C VAL F 27 -55.81 -41.36 -63.32
N LEU F 28 -55.43 -42.49 -62.73
CA LEU F 28 -56.16 -43.04 -61.61
C LEU F 28 -56.30 -42.02 -60.51
N ALA F 29 -57.48 -42.02 -59.89
CA ALA F 29 -57.60 -41.33 -58.60
C ALA F 29 -56.61 -41.94 -57.61
N GLU F 30 -56.03 -41.09 -56.76
CA GLU F 30 -54.96 -41.56 -55.88
C GLU F 30 -55.45 -42.67 -54.97
N GLN F 31 -56.71 -42.61 -54.54
CA GLN F 31 -57.25 -43.59 -53.62
C GLN F 31 -57.32 -44.99 -54.21
N ARG F 32 -57.15 -45.16 -55.52
CA ARG F 32 -57.11 -46.49 -56.12
C ARG F 32 -55.75 -47.15 -55.94
N LEU F 33 -54.69 -46.37 -55.51
CA LEU F 33 -53.36 -46.90 -55.40
C LEU F 33 -53.18 -47.62 -54.06
N PRO F 34 -52.43 -48.72 -54.05
CA PRO F 34 -51.90 -49.23 -52.78
C PRO F 34 -51.30 -48.08 -52.00
N VAL F 35 -51.51 -48.11 -50.68
CA VAL F 35 -51.31 -46.90 -49.86
C VAL F 35 -49.87 -46.44 -49.89
N PHE F 36 -48.92 -47.38 -50.05
CA PHE F 36 -47.51 -46.97 -50.03
C PHE F 36 -47.17 -46.13 -51.24
N ALA F 37 -47.84 -46.36 -52.37
CA ALA F 37 -47.61 -45.56 -53.57
C ALA F 37 -48.15 -44.15 -53.41
N ARG F 38 -48.95 -43.92 -52.38
CA ARG F 38 -49.40 -42.60 -52.00
C ARG F 38 -48.51 -41.96 -50.94
N GLY F 39 -47.43 -42.64 -50.54
CA GLY F 39 -46.62 -42.19 -49.39
C GLY F 39 -47.23 -42.46 -48.02
N LEU F 40 -48.31 -43.22 -47.95
CA LEU F 40 -48.93 -43.53 -46.67
C LEU F 40 -48.23 -44.75 -46.08
N ALA F 41 -47.72 -44.61 -44.86
CA ALA F 41 -47.00 -45.67 -44.17
C ALA F 41 -47.98 -46.53 -43.35
N THR F 42 -49.00 -47.04 -44.05
CA THR F 42 -50.08 -47.76 -43.42
C THR F 42 -50.27 -49.18 -43.93
N ALA F 43 -49.47 -49.61 -44.89
CA ALA F 43 -49.71 -50.91 -45.51
C ALA F 43 -49.55 -52.05 -44.52
N VAL F 44 -48.72 -51.88 -43.51
CA VAL F 44 -48.54 -52.82 -42.42
C VAL F 44 -48.68 -52.06 -41.11
N SER F 45 -48.76 -52.80 -40.02
CA SER F 45 -49.03 -52.18 -38.74
C SER F 45 -47.76 -51.54 -38.17
N ASN F 46 -47.96 -50.70 -37.16
CA ASN F 46 -46.88 -49.96 -36.51
C ASN F 46 -45.94 -50.83 -35.70
N SER F 47 -46.19 -52.13 -35.61
N SER F 47 -46.16 -52.13 -35.61
CA SER F 47 -45.31 -53.09 -34.96
CA SER F 47 -45.24 -53.04 -34.96
C SER F 47 -44.53 -53.94 -35.93
C SER F 47 -44.56 -53.98 -35.94
N SER F 48 -44.71 -53.76 -37.23
CA SER F 48 -44.12 -54.63 -38.23
C SER F 48 -42.61 -54.68 -38.11
N ASP F 49 -42.05 -55.87 -38.38
CA ASP F 49 -40.62 -56.14 -38.25
C ASP F 49 -39.94 -55.74 -39.55
N PRO F 50 -39.08 -54.72 -39.56
CA PRO F 50 -38.46 -54.33 -40.84
C PRO F 50 -37.52 -55.40 -41.39
N ASN F 51 -37.04 -56.33 -40.56
CA ASN F 51 -36.21 -57.43 -41.09
C ASN F 51 -36.98 -58.31 -42.07
N THR F 52 -38.30 -58.43 -41.88
CA THR F 52 -39.13 -59.23 -42.77
C THR F 52 -39.93 -58.37 -43.77
N ALA F 53 -39.45 -57.16 -44.04
CA ALA F 53 -40.19 -56.23 -44.88
C ALA F 53 -40.45 -56.83 -46.25
N THR F 54 -41.70 -56.69 -46.72
CA THR F 54 -42.03 -56.98 -48.10
C THR F 54 -42.74 -55.83 -48.78
N VAL F 55 -42.98 -54.72 -48.08
CA VAL F 55 -43.61 -53.54 -48.67
C VAL F 55 -42.60 -52.40 -48.70
N PRO F 56 -42.73 -51.45 -49.63
CA PRO F 56 -41.70 -50.41 -49.76
C PRO F 56 -41.79 -49.31 -48.72
N LEU F 57 -42.84 -49.27 -47.89
CA LEU F 57 -42.98 -48.19 -46.92
C LEU F 57 -43.75 -48.70 -45.70
N MET F 58 -43.17 -48.49 -44.53
CA MET F 58 -43.82 -48.82 -43.27
C MET F 58 -43.37 -47.79 -42.25
N LEU F 59 -44.04 -47.82 -41.10
CA LEU F 59 -43.74 -46.99 -39.95
C LEU F 59 -43.79 -47.89 -38.73
N THR F 60 -42.67 -47.98 -38.02
CA THR F 60 -42.58 -49.03 -37.01
C THR F 60 -41.60 -48.64 -35.90
N ASN F 61 -41.89 -49.12 -34.71
CA ASN F 61 -40.96 -48.98 -33.59
C ASN F 61 -40.39 -50.33 -33.20
N HIS F 62 -40.49 -51.31 -34.11
CA HIS F 62 -39.96 -52.63 -33.84
C HIS F 62 -38.48 -52.53 -33.49
N ALA F 63 -38.02 -53.46 -32.65
CA ALA F 63 -36.66 -53.44 -32.14
C ALA F 63 -35.63 -53.44 -33.23
N ASN F 64 -35.96 -54.02 -34.39
CA ASN F 64 -34.99 -54.13 -35.47
C ASN F 64 -34.80 -52.82 -36.25
N GLY F 65 -35.58 -51.77 -35.95
CA GLY F 65 -35.28 -50.45 -36.45
C GLY F 65 -33.97 -49.92 -35.85
N PRO F 66 -33.63 -48.69 -36.18
CA PRO F 66 -32.31 -48.18 -35.83
C PRO F 66 -32.14 -47.69 -34.39
N VAL F 67 -33.23 -47.28 -33.72
CA VAL F 67 -33.12 -46.72 -32.37
C VAL F 67 -34.21 -47.31 -31.48
N ALA F 68 -33.79 -47.98 -30.39
CA ALA F 68 -34.71 -48.70 -29.53
C ALA F 68 -35.78 -47.77 -28.97
N GLY F 69 -37.01 -48.23 -29.02
CA GLY F 69 -38.15 -47.50 -28.48
C GLY F 69 -38.74 -46.43 -29.38
N ARG F 70 -38.13 -46.15 -30.52
CA ARG F 70 -38.56 -45.04 -31.37
C ARG F 70 -39.17 -45.50 -32.68
N TYR F 71 -40.21 -44.80 -33.09
CA TYR F 71 -40.81 -45.02 -34.41
C TYR F 71 -39.99 -44.38 -35.50
N PHE F 72 -39.83 -45.11 -36.62
CA PHE F 72 -39.21 -44.60 -37.83
C PHE F 72 -40.06 -44.99 -39.04
N TYR F 73 -40.20 -44.07 -39.98
CA TYR F 73 -40.61 -44.44 -41.33
C TYR F 73 -39.49 -45.23 -41.97
N ILE F 74 -39.79 -46.39 -42.54
CA ILE F 74 -38.75 -47.20 -43.17
C ILE F 74 -39.15 -47.50 -44.62
N GLN F 75 -38.37 -46.97 -45.55
CA GLN F 75 -38.49 -47.30 -46.96
C GLN F 75 -37.67 -48.54 -47.25
N SER F 76 -38.18 -49.39 -48.13
CA SER F 76 -37.46 -50.57 -48.60
C SER F 76 -37.41 -50.62 -50.13
N MET F 77 -36.25 -51.02 -50.65
CA MET F 77 -36.01 -51.25 -52.06
C MET F 77 -35.48 -52.66 -52.20
N PHE F 78 -36.08 -53.43 -53.12
CA PHE F 78 -35.90 -54.88 -53.17
C PHE F 78 -35.30 -55.35 -54.49
N TYR F 79 -34.55 -56.47 -54.40
CA TYR F 79 -34.08 -57.22 -55.57
C TYR F 79 -33.73 -58.62 -55.09
N PRO F 80 -34.13 -59.69 -55.82
CA PRO F 80 -34.85 -59.74 -57.10
C PRO F 80 -36.35 -59.61 -56.95
N ASP F 81 -36.81 -59.78 -55.72
CA ASP F 81 -38.23 -59.66 -55.40
C ASP F 81 -38.34 -59.20 -53.97
N GLN F 82 -39.59 -59.05 -53.51
CA GLN F 82 -39.86 -58.45 -52.22
C GLN F 82 -39.50 -59.36 -51.06
N ASN F 83 -39.12 -60.62 -51.30
CA ASN F 83 -38.59 -61.49 -50.27
C ASN F 83 -37.07 -61.51 -50.21
N GLY F 84 -36.40 -60.80 -51.12
CA GLY F 84 -34.97 -60.96 -51.35
C GLY F 84 -34.13 -59.88 -50.69
N ASN F 85 -33.06 -59.50 -51.37
CA ASN F 85 -32.16 -58.47 -50.88
C ASN F 85 -32.89 -57.14 -50.77
N ALA F 86 -32.38 -56.27 -49.91
CA ALA F 86 -33.08 -55.00 -49.75
C ALA F 86 -32.15 -53.94 -49.15
N SER F 87 -32.42 -52.71 -49.54
CA SER F 87 -31.84 -51.52 -48.93
C SER F 87 -32.96 -50.79 -48.20
N GLN F 88 -32.68 -50.30 -47.01
CA GLN F 88 -33.67 -49.59 -46.20
C GLN F 88 -33.16 -48.23 -45.74
N ILE F 89 -34.06 -47.25 -45.80
CA ILE F 89 -33.85 -45.91 -45.28
C ILE F 89 -34.87 -45.66 -44.19
N ALA F 90 -34.38 -45.25 -43.02
CA ALA F 90 -35.23 -44.96 -41.89
C ALA F 90 -35.16 -43.46 -41.60
N THR F 91 -36.32 -42.84 -41.42
CA THR F 91 -36.38 -41.45 -41.00
C THR F 91 -37.29 -41.34 -39.78
N SER F 92 -36.93 -40.44 -38.88
CA SER F 92 -37.62 -40.32 -37.59
C SER F 92 -39.06 -39.87 -37.75
N TYR F 93 -39.90 -40.32 -36.81
CA TYR F 93 -41.33 -40.03 -36.75
C TYR F 93 -41.66 -38.87 -35.81
N ASN F 94 -40.78 -38.55 -34.85
CA ASN F 94 -41.06 -37.50 -33.87
C ASN F 94 -39.76 -37.15 -33.13
N ALA F 95 -39.83 -36.07 -32.38
CA ALA F 95 -38.81 -35.67 -31.41
C ALA F 95 -37.56 -35.05 -32.03
N THR F 96 -36.99 -35.68 -33.03
CA THR F 96 -35.83 -35.15 -33.71
C THR F 96 -35.93 -35.48 -35.20
N SER F 97 -35.02 -34.90 -35.99
CA SER F 97 -34.94 -35.15 -37.42
C SER F 97 -33.69 -35.98 -37.69
N GLU F 98 -33.89 -37.27 -37.97
CA GLU F 98 -32.81 -38.24 -38.07
C GLU F 98 -33.07 -39.19 -39.23
N MET F 99 -31.98 -39.71 -39.77
CA MET F 99 -32.00 -40.63 -40.91
C MET F 99 -30.92 -41.70 -40.74
N TYR F 100 -31.23 -42.93 -41.16
CA TYR F 100 -30.33 -44.06 -41.11
C TYR F 100 -30.50 -44.88 -42.37
N VAL F 101 -29.49 -45.69 -42.69
CA VAL F 101 -29.54 -46.61 -43.83
C VAL F 101 -28.97 -47.96 -43.43
N ARG F 102 -29.50 -49.02 -44.04
CA ARG F 102 -28.93 -50.35 -43.86
C ARG F 102 -29.22 -51.18 -45.10
N VAL F 103 -28.81 -52.45 -45.07
CA VAL F 103 -28.94 -53.30 -46.25
C VAL F 103 -28.94 -54.75 -45.81
N SER F 104 -29.64 -55.59 -46.57
CA SER F 104 -29.50 -57.04 -46.47
C SER F 104 -29.02 -57.58 -47.81
N TYR F 105 -27.96 -58.37 -47.77
CA TYR F 105 -27.51 -59.06 -48.95
C TYR F 105 -27.07 -60.48 -48.59
N ALA F 106 -27.52 -61.45 -49.36
CA ALA F 106 -27.11 -62.84 -49.16
C ALA F 106 -27.11 -63.56 -50.51
N ALA F 107 -26.19 -64.51 -50.66
CA ALA F 107 -26.12 -65.29 -51.89
C ALA F 107 -27.45 -65.97 -52.17
N ASN F 108 -28.15 -66.43 -51.12
CA ASN F 108 -29.56 -66.82 -51.20
C ASN F 108 -30.33 -65.65 -50.66
N PRO F 109 -30.84 -64.74 -51.51
CA PRO F 109 -31.34 -63.45 -50.99
C PRO F 109 -32.53 -63.60 -50.04
N SER F 110 -33.25 -64.73 -50.07
N SER F 110 -33.24 -64.73 -50.08
CA SER F 110 -34.38 -64.91 -49.18
CA SER F 110 -34.38 -64.92 -49.19
C SER F 110 -33.95 -65.18 -47.75
C SER F 110 -33.95 -65.18 -47.75
N ILE F 111 -32.71 -65.61 -47.55
CA ILE F 111 -32.17 -65.88 -46.20
C ILE F 111 -31.36 -64.64 -45.83
N ARG F 112 -32.04 -63.64 -45.28
CA ARG F 112 -31.48 -62.30 -45.22
C ARG F 112 -30.33 -62.21 -44.21
N GLU F 113 -29.41 -61.30 -44.50
CA GLU F 113 -28.29 -61.00 -43.61
C GLU F 113 -28.19 -59.48 -43.48
N TRP F 114 -28.77 -58.93 -42.44
CA TRP F 114 -28.83 -57.49 -42.32
C TRP F 114 -27.55 -56.93 -41.72
N LEU F 115 -27.02 -55.88 -42.36
CA LEU F 115 -25.93 -55.11 -41.78
C LEU F 115 -26.47 -54.05 -40.84
N PRO F 116 -25.64 -53.58 -39.92
CA PRO F 116 -26.12 -52.60 -38.93
C PRO F 116 -26.55 -51.30 -39.61
N TRP F 117 -27.54 -50.65 -38.98
CA TRP F 117 -27.94 -49.32 -39.41
C TRP F 117 -26.77 -48.33 -39.27
N GLN F 118 -26.61 -47.49 -40.26
CA GLN F 118 -25.59 -46.45 -40.29
C GLN F 118 -26.29 -45.10 -40.34
N ARG F 119 -25.90 -44.18 -39.45
CA ARG F 119 -26.57 -42.88 -39.39
C ARG F 119 -26.22 -42.04 -40.62
N CYS F 120 -27.18 -41.28 -41.11
CA CYS F 120 -26.97 -40.37 -42.22
C CYS F 120 -27.10 -38.89 -41.84
N ASP F 121 -27.96 -38.52 -40.90
CA ASP F 121 -28.03 -37.12 -40.58
C ASP F 121 -26.77 -36.76 -39.77
N ILE F 122 -26.39 -35.48 -39.83
CA ILE F 122 -25.10 -35.06 -39.29
C ILE F 122 -25.11 -34.90 -37.78
N GLY F 123 -26.25 -35.13 -37.13
CA GLY F 123 -26.35 -35.03 -35.68
C GLY F 123 -25.38 -35.96 -34.94
N GLY F 124 -24.92 -37.03 -35.57
CA GLY F 124 -23.95 -37.89 -34.96
C GLY F 124 -22.51 -37.58 -35.32
N SER F 125 -22.27 -36.43 -35.96
N SER F 125 -22.26 -36.45 -35.99
CA SER F 125 -20.95 -36.08 -36.45
CA SER F 125 -20.91 -36.13 -36.43
C SER F 125 -20.43 -34.84 -35.74
C SER F 125 -20.44 -34.84 -35.77
N PHE F 126 -19.14 -34.56 -35.94
CA PHE F 126 -18.59 -33.27 -35.59
C PHE F 126 -19.03 -32.35 -36.72
N THR F 127 -19.85 -31.38 -36.41
CA THR F 127 -20.49 -30.58 -37.44
C THR F 127 -19.75 -29.28 -37.69
N LYS F 128 -19.92 -28.76 -38.93
CA LYS F 128 -19.32 -27.47 -39.26
C LYS F 128 -19.94 -26.33 -38.47
N GLU F 129 -21.19 -26.46 -38.09
CA GLU F 129 -21.81 -25.59 -37.08
C GLU F 129 -21.46 -26.11 -35.68
N ALA F 130 -21.10 -25.20 -34.78
CA ALA F 130 -20.79 -25.61 -33.43
C ALA F 130 -22.01 -26.21 -32.75
N ASP F 131 -21.75 -27.15 -31.85
CA ASP F 131 -22.84 -27.73 -31.07
C ASP F 131 -23.66 -26.69 -30.31
N GLY F 132 -23.05 -25.60 -29.88
CA GLY F 132 -23.81 -24.62 -29.13
C GLY F 132 -22.95 -23.50 -28.59
N GLU F 133 -23.66 -22.49 -28.04
CA GLU F 133 -23.06 -21.35 -27.33
C GLU F 133 -23.23 -21.59 -25.84
N LEU F 134 -22.14 -21.57 -25.10
CA LEU F 134 -22.20 -21.79 -23.65
C LEU F 134 -22.75 -20.55 -22.97
N PRO F 135 -23.79 -20.68 -22.15
CA PRO F 135 -24.27 -19.54 -21.37
C PRO F 135 -23.39 -19.27 -20.18
N GLY F 136 -23.83 -18.43 -19.25
CA GLY F 136 -23.16 -18.29 -17.98
C GLY F 136 -23.41 -19.50 -17.08
N GLY F 137 -22.63 -19.55 -16.00
CA GLY F 137 -22.82 -20.55 -14.96
C GLY F 137 -22.61 -22.00 -15.32
N VAL F 138 -21.82 -22.30 -16.39
CA VAL F 138 -21.56 -23.67 -16.80
C VAL F 138 -20.33 -24.21 -16.09
N ASN F 139 -20.49 -25.35 -15.44
CA ASN F 139 -19.33 -26.12 -14.94
C ASN F 139 -18.85 -27.02 -16.07
N LEU F 140 -17.63 -26.79 -16.54
CA LEU F 140 -17.16 -27.55 -17.69
C LEU F 140 -17.00 -29.03 -17.35
N ASP F 141 -16.94 -29.39 -16.07
CA ASP F 141 -16.97 -30.80 -15.68
C ASP F 141 -18.25 -31.50 -16.13
N SER F 142 -19.33 -30.72 -16.39
CA SER F 142 -20.58 -31.28 -16.91
C SER F 142 -20.56 -31.58 -18.40
N MET F 143 -19.53 -31.18 -19.11
CA MET F 143 -19.53 -31.29 -20.58
C MET F 143 -18.78 -32.57 -20.96
N VAL F 144 -19.51 -33.67 -21.05
CA VAL F 144 -18.96 -35.00 -21.23
C VAL F 144 -19.47 -35.68 -22.50
N THR F 145 -20.01 -34.89 -23.44
CA THR F 145 -20.47 -35.37 -24.74
C THR F 145 -19.58 -34.78 -25.84
N SER F 146 -19.12 -35.63 -26.75
CA SER F 146 -18.29 -35.17 -27.85
C SER F 146 -18.94 -34.00 -28.60
N GLY F 147 -18.14 -33.02 -28.96
CA GLY F 147 -18.60 -31.90 -29.73
C GLY F 147 -17.69 -30.71 -29.54
N TRP F 148 -18.17 -29.57 -29.99
CA TRP F 148 -17.42 -28.35 -29.74
C TRP F 148 -18.40 -27.22 -29.49
N TRP F 149 -18.05 -26.41 -28.50
CA TRP F 149 -18.93 -25.36 -28.01
C TRP F 149 -18.12 -24.07 -27.92
N SER F 150 -18.82 -22.95 -27.98
CA SER F 150 -18.19 -21.65 -27.93
C SER F 150 -18.69 -20.86 -26.73
N GLN F 151 -17.77 -20.33 -25.94
CA GLN F 151 -18.06 -19.34 -24.92
C GLN F 151 -17.73 -17.97 -25.54
N SER F 152 -18.78 -17.18 -25.83
CA SER F 152 -18.60 -15.88 -26.47
C SER F 152 -18.35 -14.74 -25.50
N PHE F 153 -18.46 -14.97 -24.17
CA PHE F 153 -18.34 -13.88 -23.19
C PHE F 153 -17.45 -14.26 -22.03
N THR F 154 -16.46 -13.42 -21.77
CA THR F 154 -15.57 -13.66 -20.63
C THR F 154 -16.34 -13.64 -19.32
N ALA F 155 -17.33 -12.77 -19.21
CA ALA F 155 -18.11 -12.71 -17.98
C ALA F 155 -18.89 -14.00 -17.75
N GLN F 156 -19.24 -14.71 -18.82
CA GLN F 156 -19.93 -16.00 -18.66
C GLN F 156 -18.93 -17.13 -18.34
N ALA F 157 -17.67 -16.98 -18.72
CA ALA F 157 -16.66 -17.89 -18.19
C ALA F 157 -16.47 -17.63 -16.71
N ALA F 158 -16.55 -16.35 -16.30
CA ALA F 158 -16.32 -15.97 -14.91
C ALA F 158 -17.39 -16.50 -13.99
N SER F 159 -18.63 -16.60 -14.48
CA SER F 159 -19.70 -17.12 -13.64
C SER F 159 -19.77 -18.64 -13.65
N GLY F 160 -18.96 -19.30 -14.46
CA GLY F 160 -18.95 -20.74 -14.57
C GLY F 160 -17.98 -21.39 -13.59
N ALA F 161 -17.60 -22.62 -13.90
CA ALA F 161 -16.66 -23.36 -13.09
C ALA F 161 -15.81 -24.25 -13.95
N ASN F 162 -14.55 -24.41 -13.52
CA ASN F 162 -13.59 -25.30 -14.18
C ASN F 162 -13.23 -24.84 -15.60
N TYR F 163 -13.44 -23.58 -15.93
CA TYR F 163 -12.73 -23.01 -17.08
C TYR F 163 -11.24 -22.92 -16.77
N PRO F 164 -10.38 -23.16 -17.75
CA PRO F 164 -8.93 -23.08 -17.49
C PRO F 164 -8.43 -21.66 -17.34
N ILE F 165 -9.13 -20.72 -17.93
CA ILE F 165 -8.82 -19.30 -17.88
C ILE F 165 -10.15 -18.58 -17.99
N VAL F 166 -10.29 -17.48 -17.24
CA VAL F 166 -11.50 -16.67 -17.36
C VAL F 166 -11.38 -15.85 -18.64
N ARG F 167 -11.80 -16.46 -19.74
CA ARG F 167 -11.77 -15.85 -21.07
C ARG F 167 -12.80 -16.56 -21.94
N ALA F 168 -13.44 -15.80 -22.83
CA ALA F 168 -14.14 -16.40 -23.96
C ALA F 168 -13.18 -17.34 -24.68
N GLY F 169 -13.71 -18.40 -25.28
CA GLY F 169 -12.85 -19.35 -25.95
C GLY F 169 -13.63 -20.52 -26.48
N LEU F 170 -12.89 -21.45 -27.12
CA LEU F 170 -13.45 -22.59 -27.87
C LEU F 170 -13.17 -23.89 -27.14
N LEU F 171 -14.23 -24.61 -26.77
CA LEU F 171 -14.14 -25.89 -26.08
C LEU F 171 -14.40 -27.03 -27.04
N HIS F 172 -13.47 -27.98 -27.09
CA HIS F 172 -13.70 -29.27 -27.73
C HIS F 172 -13.84 -30.32 -26.63
N VAL F 173 -14.72 -31.26 -26.86
CA VAL F 173 -14.87 -32.43 -26.00
C VAL F 173 -14.73 -33.66 -26.87
N TYR F 174 -13.87 -34.58 -26.46
CA TYR F 174 -13.74 -35.87 -27.12
C TYR F 174 -14.02 -36.95 -26.06
N ALA F 175 -15.25 -37.49 -26.10
CA ALA F 175 -15.65 -38.50 -25.13
C ALA F 175 -15.26 -39.86 -25.68
N ALA F 176 -13.98 -40.20 -25.52
CA ALA F 176 -13.48 -41.45 -26.08
C ALA F 176 -14.20 -42.63 -25.42
N SER F 177 -14.35 -42.59 -24.12
CA SER F 177 -15.12 -43.60 -23.43
C SER F 177 -15.57 -43.01 -22.10
N SER F 178 -16.41 -43.77 -21.40
CA SER F 178 -16.85 -43.32 -20.10
C SER F 178 -15.66 -43.11 -19.16
N ASN F 179 -14.55 -43.84 -19.39
CA ASN F 179 -13.41 -43.74 -18.52
C ASN F 179 -12.43 -42.66 -18.92
N PHE F 180 -12.57 -42.09 -20.13
CA PHE F 180 -11.67 -41.05 -20.63
C PHE F 180 -12.45 -40.00 -21.41
N ILE F 181 -12.59 -38.82 -20.84
CA ILE F 181 -13.23 -37.70 -21.53
C ILE F 181 -12.15 -36.62 -21.68
N TYR F 182 -11.76 -36.33 -22.92
CA TYR F 182 -10.78 -35.29 -23.19
C TYR F 182 -11.45 -33.96 -23.51
N GLN F 183 -10.81 -32.88 -23.05
CA GLN F 183 -11.21 -31.53 -23.37
C GLN F 183 -10.01 -30.67 -23.77
N THR F 184 -10.27 -29.72 -24.67
CA THR F 184 -9.31 -28.68 -25.02
C THR F 184 -10.04 -27.35 -25.04
N TYR F 185 -9.32 -26.28 -24.78
CA TYR F 185 -9.88 -24.93 -24.70
C TYR F 185 -8.88 -23.97 -25.33
N GLN F 186 -9.34 -23.24 -26.34
CA GLN F 186 -8.54 -22.24 -27.04
C GLN F 186 -9.12 -20.87 -26.73
N ALA F 187 -8.38 -20.05 -25.98
CA ALA F 187 -8.84 -18.71 -25.61
C ALA F 187 -8.99 -17.82 -26.84
N TYR F 188 -10.02 -16.95 -26.84
CA TYR F 188 -10.32 -16.12 -28.00
C TYR F 188 -9.22 -15.11 -28.28
N ASP F 189 -8.56 -14.63 -27.25
CA ASP F 189 -7.50 -13.64 -27.35
C ASP F 189 -6.12 -14.28 -27.37
N GLY F 190 -6.05 -15.61 -27.55
CA GLY F 190 -4.78 -16.31 -27.52
C GLY F 190 -4.07 -16.32 -26.19
N GLU F 191 -4.76 -16.08 -25.08
CA GLU F 191 -4.10 -16.12 -23.77
C GLU F 191 -3.30 -17.42 -23.65
N SER F 192 -3.92 -18.53 -23.99
CA SER F 192 -3.17 -19.74 -24.27
C SER F 192 -4.17 -20.79 -24.78
N PHE F 193 -3.68 -22.02 -24.86
CA PHE F 193 -4.43 -23.22 -25.23
C PHE F 193 -4.25 -24.23 -24.10
N TYR F 194 -5.35 -24.88 -23.71
CA TYR F 194 -5.37 -25.75 -22.54
C TYR F 194 -5.95 -27.11 -22.85
N PHE F 195 -5.53 -28.13 -22.11
CA PHE F 195 -6.12 -29.43 -22.31
C PHE F 195 -6.15 -30.22 -21.01
N ARG F 196 -7.15 -31.12 -20.92
CA ARG F 196 -7.31 -31.96 -19.72
C ARG F 196 -8.11 -33.19 -20.07
N CYS F 197 -8.23 -34.10 -19.10
CA CYS F 197 -8.97 -35.34 -19.28
C CYS F 197 -9.65 -35.75 -17.98
N ARG F 198 -10.88 -36.28 -18.10
CA ARG F 198 -11.57 -36.90 -16.98
C ARG F 198 -11.28 -38.40 -17.05
N HIS F 199 -10.50 -38.89 -16.11
CA HIS F 199 -10.14 -40.29 -16.05
C HIS F 199 -10.75 -40.94 -14.82
N SER F 200 -11.51 -42.00 -15.03
CA SER F 200 -12.21 -42.67 -13.94
C SER F 200 -12.96 -41.65 -13.07
N ASN F 201 -13.66 -40.74 -13.74
CA ASN F 201 -14.51 -39.72 -13.13
C ASN F 201 -13.74 -38.68 -12.34
N THR F 202 -12.42 -38.58 -12.54
CA THR F 202 -11.64 -37.51 -11.91
C THR F 202 -10.97 -36.67 -12.98
N TRP F 203 -11.23 -35.37 -12.94
CA TRP F 203 -10.65 -34.45 -13.91
C TRP F 203 -9.21 -34.10 -13.51
N PHE F 204 -8.24 -34.38 -14.40
CA PHE F 204 -6.90 -33.85 -14.17
C PHE F 204 -6.92 -32.32 -14.28
N PRO F 205 -5.96 -31.65 -13.65
CA PRO F 205 -5.83 -30.21 -13.84
C PRO F 205 -5.59 -29.90 -15.30
N TRP F 206 -6.09 -28.76 -15.74
CA TRP F 206 -5.77 -28.28 -17.07
C TRP F 206 -4.26 -28.04 -17.22
N ARG F 207 -3.70 -28.48 -18.32
CA ARG F 207 -2.36 -28.09 -18.74
C ARG F 207 -2.44 -26.85 -19.62
N ARG F 208 -1.47 -25.93 -19.43
CA ARG F 208 -1.43 -24.66 -20.16
C ARG F 208 -0.19 -24.60 -21.05
N MET F 209 -0.40 -24.44 -22.34
CA MET F 209 0.70 -24.30 -23.29
C MET F 209 1.55 -23.07 -22.98
N TRP F 210 2.88 -23.25 -23.08
CA TRP F 210 3.79 -22.11 -23.16
C TRP F 210 3.88 -21.69 -24.63
N HIS F 211 3.69 -20.40 -24.89
CA HIS F 211 3.81 -19.89 -26.25
C HIS F 211 4.61 -18.60 -26.28
N GLY F 212 4.89 -18.12 -27.50
CA GLY F 212 5.74 -16.97 -27.71
C GLY F 212 5.22 -15.67 -27.12
N GLY F 213 3.91 -15.59 -26.82
CA GLY F 213 3.40 -14.45 -26.11
C GLY F 213 3.76 -14.42 -24.64
N ASP F 214 4.17 -15.57 -24.09
CA ASP F 214 4.44 -15.67 -22.66
C ASP F 214 5.83 -15.19 -22.30
N PHE F 215 6.83 -15.61 -23.08
CA PHE F 215 8.24 -15.31 -22.85
C PHE F 215 9.00 -15.71 -24.10
N ASN F 216 10.26 -15.28 -24.15
CA ASN F 216 11.21 -15.67 -25.18
C ASN F 216 12.43 -16.22 -24.45
N PRO F 217 12.91 -17.42 -24.79
CA PRO F 217 14.07 -17.95 -24.07
C PRO F 217 15.31 -17.07 -24.19
N SER F 218 15.37 -16.19 -25.19
CA SER F 218 16.56 -15.37 -25.38
C SER F 218 16.69 -14.28 -24.32
N ASP F 219 15.67 -14.07 -23.50
CA ASP F 219 15.79 -13.16 -22.38
C ASP F 219 16.41 -13.81 -21.15
N TYR F 220 16.66 -15.11 -21.18
CA TYR F 220 17.18 -15.83 -20.03
C TYR F 220 18.64 -16.22 -20.26
N LEU F 221 19.37 -16.39 -19.16
CA LEU F 221 20.80 -16.66 -19.25
C LEU F 221 21.06 -18.14 -19.52
N LEU F 222 21.76 -18.42 -20.62
CA LEU F 222 22.26 -19.77 -20.83
C LEU F 222 23.34 -20.09 -19.79
N LYS F 223 23.36 -21.35 -19.35
CA LYS F 223 24.45 -21.77 -18.46
C LYS F 223 25.79 -21.52 -19.12
N SER F 224 25.86 -21.62 -20.44
CA SER F 224 27.12 -21.41 -21.14
C SER F 224 27.58 -19.95 -21.08
N GLY F 225 26.67 -19.03 -20.73
CA GLY F 225 27.02 -17.63 -20.56
C GLY F 225 27.34 -17.21 -19.13
N PHE F 226 27.32 -18.15 -18.20
CA PHE F 226 27.46 -17.90 -16.77
C PHE F 226 28.90 -18.19 -16.40
N TYR F 227 29.75 -17.18 -16.50
CA TYR F 227 31.14 -17.33 -16.07
C TYR F 227 31.70 -15.95 -15.73
N TRP F 228 32.87 -15.98 -15.08
CA TRP F 228 33.44 -14.78 -14.49
C TRP F 228 33.64 -13.67 -15.51
N ASN F 229 34.33 -13.96 -16.64
CA ASN F 229 34.63 -12.91 -17.58
C ASN F 229 33.37 -12.27 -18.17
N ALA F 230 32.29 -13.04 -18.27
CA ALA F 230 31.04 -12.55 -18.83
C ALA F 230 30.24 -11.69 -17.86
N LEU F 231 30.46 -11.84 -16.57
CA LEU F 231 29.69 -11.10 -15.58
C LEU F 231 29.98 -9.62 -15.69
N PRO F 232 28.99 -8.78 -15.95
CA PRO F 232 29.25 -7.33 -16.03
C PRO F 232 29.21 -6.67 -14.66
N GLY F 233 29.81 -5.48 -14.60
CA GLY F 233 29.82 -4.67 -13.41
C GLY F 233 30.90 -5.02 -12.42
N LYS F 234 31.89 -5.80 -12.79
CA LYS F 234 32.90 -6.23 -11.83
C LYS F 234 33.80 -5.06 -11.46
N PRO F 235 34.11 -4.87 -10.18
CA PRO F 235 35.00 -3.76 -9.81
C PRO F 235 36.42 -3.99 -10.30
N ALA F 236 37.16 -2.90 -10.41
CA ALA F 236 38.54 -2.97 -10.88
C ALA F 236 39.47 -3.39 -9.76
N THR F 237 39.12 -3.09 -8.51
CA THR F 237 39.90 -3.50 -7.36
C THR F 237 38.96 -4.06 -6.31
N PHE F 238 39.54 -4.85 -5.40
CA PHE F 238 38.76 -5.59 -4.42
C PHE F 238 39.34 -5.38 -3.03
N PRO F 239 38.48 -5.17 -2.02
CA PRO F 239 38.99 -5.04 -0.64
C PRO F 239 39.68 -6.32 -0.21
N PRO F 240 40.94 -6.23 0.22
CA PRO F 240 41.71 -7.45 0.46
C PRO F 240 41.38 -8.08 1.81
N SER F 241 41.50 -9.40 1.85
CA SER F 241 41.46 -10.11 3.11
C SER F 241 42.82 -9.99 3.78
N ALA F 242 42.90 -10.41 5.03
CA ALA F 242 44.15 -10.32 5.76
C ALA F 242 45.23 -11.10 5.04
N HIS F 243 46.41 -10.49 4.90
CA HIS F 243 47.50 -11.12 4.18
C HIS F 243 48.83 -10.61 4.74
N ASN F 244 49.89 -11.31 4.37
CA ASN F 244 51.25 -10.99 4.78
C ASN F 244 52.08 -10.59 3.57
N HIS F 245 53.19 -9.92 3.85
CA HIS F 245 54.09 -9.44 2.82
C HIS F 245 55.53 -9.81 3.15
N ASP F 246 56.31 -10.05 2.11
CA ASP F 246 57.76 -10.00 2.19
C ASP F 246 58.21 -8.55 2.08
N VAL F 247 59.24 -8.18 2.86
CA VAL F 247 59.68 -6.80 2.86
C VAL F 247 60.06 -6.31 1.48
N GLY F 248 60.36 -7.22 0.55
CA GLY F 248 60.67 -6.81 -0.81
C GLY F 248 59.56 -6.04 -1.50
N GLN F 249 58.31 -6.25 -1.09
CA GLN F 249 57.20 -5.52 -1.70
C GLN F 249 57.01 -4.13 -1.11
N LEU F 250 57.87 -3.73 -0.16
CA LEU F 250 57.95 -2.34 0.29
C LEU F 250 58.92 -1.66 -0.66
N THR F 251 58.39 -0.93 -1.64
CA THR F 251 59.18 -0.43 -2.76
C THR F 251 59.52 1.05 -2.68
N SER F 252 58.91 1.78 -1.75
CA SER F 252 59.14 3.22 -1.66
C SER F 252 58.82 3.68 -0.26
N GLY F 253 59.29 4.89 0.06
CA GLY F 253 59.07 5.46 1.37
C GLY F 253 60.20 5.11 2.32
N ILE F 254 60.16 5.75 3.48
CA ILE F 254 61.21 5.63 4.51
C ILE F 254 60.53 5.41 5.84
N LEU F 255 60.84 4.28 6.50
CA LEU F 255 60.17 3.93 7.74
C LEU F 255 60.62 4.83 8.88
N PRO F 256 59.69 5.44 9.61
CA PRO F 256 60.07 6.31 10.73
C PRO F 256 60.31 5.51 12.00
N LEU F 257 60.91 6.19 12.99
CA LEU F 257 61.20 5.56 14.27
C LEU F 257 59.93 5.15 15.00
N ALA F 258 58.81 5.86 14.75
CA ALA F 258 57.55 5.51 15.39
C ALA F 258 57.14 4.08 15.07
N ARG F 259 57.60 3.55 13.93
CA ARG F 259 57.24 2.21 13.47
C ARG F 259 58.43 1.26 13.48
N GLY F 260 59.51 1.63 14.18
CA GLY F 260 60.68 0.78 14.26
C GLY F 260 61.68 0.95 13.16
N GLY F 261 61.63 2.09 12.44
CA GLY F 261 62.60 2.40 11.42
C GLY F 261 63.61 3.42 11.93
N VAL F 262 64.57 3.76 11.07
CA VAL F 262 65.59 4.74 11.43
C VAL F 262 65.32 6.11 10.82
N GLY F 263 64.17 6.29 10.16
CA GLY F 263 63.77 7.60 9.73
C GLY F 263 64.66 8.26 8.70
N SER F 264 65.44 7.47 7.95
CA SER F 264 66.41 8.04 7.04
C SER F 264 66.85 6.97 6.07
N ASN F 265 67.38 7.40 4.92
CA ASN F 265 68.00 6.47 3.99
C ASN F 265 69.51 6.69 3.86
N THR F 266 70.12 7.43 4.80
CA THR F 266 71.55 7.55 4.89
C THR F 266 72.04 7.08 6.27
N ALA F 267 73.28 6.60 6.30
CA ALA F 267 73.87 6.19 7.56
C ALA F 267 73.85 7.33 8.57
N ALA F 268 74.27 8.53 8.16
CA ALA F 268 74.34 9.64 9.09
C ALA F 268 72.96 10.00 9.62
N GLY F 269 71.95 9.99 8.74
CA GLY F 269 70.60 10.32 9.17
C GLY F 269 70.06 9.28 10.12
N ALA F 270 70.33 8.00 9.84
CA ALA F 270 69.91 6.94 10.75
C ALA F 270 70.52 7.12 12.12
N ARG F 271 71.82 7.38 12.18
CA ARG F 271 72.48 7.60 13.48
C ARG F 271 71.83 8.76 14.22
N SER F 272 71.53 9.85 13.50
CA SER F 272 70.89 10.99 14.13
C SER F 272 69.54 10.61 14.72
N THR F 273 68.78 9.78 14.02
CA THR F 273 67.45 9.42 14.51
C THR F 273 67.53 8.67 15.83
N ILE F 274 68.50 7.78 15.99
CA ILE F 274 68.61 6.97 17.20
C ILE F 274 69.72 7.47 18.14
N GLY F 275 70.32 8.61 17.84
CA GLY F 275 71.33 9.19 18.73
C GLY F 275 72.52 8.28 18.92
N ALA F 276 73.04 7.73 17.82
CA ALA F 276 74.17 6.82 17.86
C ALA F 276 75.44 7.53 17.42
N GLY F 277 76.56 7.09 17.99
CA GLY F 277 77.87 7.55 17.57
C GLY F 277 78.48 6.62 16.54
N VAL F 278 79.64 7.03 16.04
CA VAL F 278 80.36 6.27 15.04
C VAL F 278 81.54 5.56 15.70
N PRO F 279 82.11 4.54 15.06
CA PRO F 279 83.18 3.78 15.69
C PRO F 279 84.44 4.62 15.79
N ALA F 280 85.17 4.41 16.89
CA ALA F 280 86.55 4.90 16.95
C ALA F 280 87.39 4.05 16.02
N THR F 281 88.48 4.61 15.56
CA THR F 281 89.43 3.91 14.70
C THR F 281 90.80 4.01 15.36
N ALA F 282 91.70 3.12 14.95
CA ALA F 282 92.97 3.08 15.64
C ALA F 282 93.98 2.24 14.88
N SER F 283 95.25 2.40 15.27
CA SER F 283 96.34 1.52 14.87
C SER F 283 97.11 1.23 16.16
N LEU F 284 96.71 0.16 16.86
CA LEU F 284 97.21 -0.08 18.22
C LEU F 284 98.55 -0.81 18.21
N GLY F 285 99.53 -0.28 17.49
CA GLY F 285 100.86 -0.85 17.50
C GLY F 285 101.74 -0.28 18.60
N ALA F 286 103.00 -0.74 18.62
CA ALA F 286 103.95 -0.27 19.61
C ALA F 286 104.06 1.25 19.61
N SER F 287 104.10 1.85 18.42
CA SER F 287 103.78 3.25 18.19
C SER F 287 102.49 3.28 17.39
N GLY F 288 101.59 4.18 17.73
CA GLY F 288 100.31 4.19 17.06
C GLY F 288 99.45 5.36 17.42
N TRP F 289 98.17 5.22 17.08
CA TRP F 289 97.21 6.29 17.24
C TRP F 289 95.82 5.72 17.53
N TRP F 290 94.97 6.56 18.09
CA TRP F 290 93.57 6.26 18.36
C TRP F 290 92.76 7.51 18.08
N ARG F 291 91.61 7.34 17.43
CA ARG F 291 90.82 8.48 16.96
C ARG F 291 89.35 8.30 17.33
N ASP F 292 88.81 9.26 18.08
CA ASP F 292 87.37 9.34 18.35
C ASP F 292 86.73 10.09 17.20
N ASN F 293 86.05 9.36 16.33
CA ASN F 293 85.48 10.01 15.16
C ASN F 293 84.20 10.79 15.45
N ASP F 294 83.65 10.68 16.66
CA ASP F 294 82.55 11.56 17.06
C ASP F 294 83.00 13.02 17.15
N THR F 295 84.17 13.25 17.75
CA THR F 295 84.64 14.60 18.01
C THR F 295 85.87 14.99 17.20
N GLY F 296 86.61 14.03 16.65
CA GLY F 296 87.89 14.31 16.02
C GLY F 296 89.10 14.22 16.92
N LEU F 297 88.92 13.97 18.22
CA LEU F 297 90.07 13.85 19.12
C LEU F 297 90.95 12.65 18.73
N ILE F 298 92.26 12.89 18.70
CA ILE F 298 93.25 11.89 18.35
C ILE F 298 94.24 11.79 19.48
N ARG F 299 94.59 10.56 19.88
CA ARG F 299 95.71 10.29 20.79
C ARG F 299 96.77 9.45 20.08
N GLN F 300 98.04 9.77 20.32
CA GLN F 300 99.14 9.04 19.69
C GLN F 300 100.19 8.78 20.74
N TRP F 301 101.09 7.84 20.43
CA TRP F 301 102.13 7.43 21.35
C TRP F 301 103.29 6.82 20.57
N GLY F 302 104.45 6.82 21.21
CA GLY F 302 105.63 6.20 20.68
C GLY F 302 106.76 6.28 21.71
N GLN F 303 107.96 5.93 21.27
CA GLN F 303 109.15 6.02 22.10
C GLN F 303 110.26 6.68 21.28
N VAL F 304 111.25 7.22 21.99
CA VAL F 304 112.35 7.90 21.31
C VAL F 304 113.58 7.83 22.21
N THR F 305 114.75 7.68 21.56
CA THR F 305 116.03 7.70 22.24
C THR F 305 116.56 9.11 22.27
N CYS F 306 116.77 9.64 23.47
CA CYS F 306 117.26 10.98 23.67
C CYS F 306 118.72 10.92 24.12
N PRO F 307 119.55 11.86 23.69
CA PRO F 307 120.88 11.99 24.31
C PRO F 307 120.74 12.47 25.75
N ALA F 308 121.82 12.36 26.50
CA ALA F 308 121.85 12.87 27.86
C ALA F 308 121.63 14.36 27.87
N ASP F 309 120.81 14.83 28.82
CA ASP F 309 120.62 16.25 29.07
C ASP F 309 120.37 17.03 27.78
N ALA F 310 119.47 16.51 26.93
CA ALA F 310 119.31 17.08 25.60
C ALA F 310 117.99 16.65 24.97
N ASP F 311 117.69 17.26 23.83
CA ASP F 311 116.44 17.05 23.11
C ASP F 311 116.56 15.95 22.06
N ALA F 312 115.41 15.40 21.69
CA ALA F 312 115.28 14.62 20.48
C ALA F 312 113.92 14.92 19.87
N SER F 313 113.88 14.98 18.55
CA SER F 313 112.65 15.23 17.84
C SER F 313 111.90 13.93 17.58
N ILE F 314 110.57 14.01 17.56
CA ILE F 314 109.72 12.88 17.23
C ILE F 314 108.81 13.28 16.09
N THR F 315 108.34 12.27 15.35
CA THR F 315 107.34 12.41 14.31
C THR F 315 106.13 11.55 14.66
N PHE F 316 104.95 12.16 14.68
CA PHE F 316 103.76 11.43 15.08
C PHE F 316 103.44 10.33 14.07
N PRO F 317 102.93 9.18 14.53
CA PRO F 317 102.51 8.14 13.57
C PRO F 317 101.67 8.69 12.42
N ILE F 318 100.68 9.52 12.72
CA ILE F 318 99.94 10.25 11.68
C ILE F 318 99.94 11.72 12.04
N PRO F 319 99.77 12.60 11.05
CA PRO F 319 99.65 14.03 11.37
C PRO F 319 98.33 14.33 12.03
N PHE F 320 98.36 15.23 13.00
CA PHE F 320 97.13 15.82 13.49
C PHE F 320 96.55 16.67 12.37
N PRO F 321 95.26 16.51 12.05
CA PRO F 321 94.70 17.30 10.94
C PRO F 321 94.81 18.79 11.13
N THR F 322 94.73 19.28 12.38
CA THR F 322 94.73 20.72 12.64
C THR F 322 95.83 21.15 13.62
N LEU F 323 95.91 20.50 14.77
CA LEU F 323 96.91 20.95 15.75
C LEU F 323 97.09 19.89 16.80
N CYS F 324 98.26 19.95 17.44
CA CYS F 324 98.55 19.15 18.62
C CYS F 324 98.18 19.95 19.86
N LEU F 325 97.34 19.39 20.71
CA LEU F 325 96.87 20.09 21.90
C LEU F 325 97.77 19.88 23.12
N GLY F 326 98.53 18.81 23.18
CA GLY F 326 99.41 18.58 24.32
C GLY F 326 100.07 17.21 24.26
N GLY F 327 100.95 16.98 25.22
CA GLY F 327 101.64 15.71 25.34
C GLY F 327 102.52 15.69 26.58
N TYR F 328 103.20 14.57 26.77
CA TYR F 328 104.13 14.39 27.88
C TYR F 328 105.14 13.33 27.47
N ALA F 329 106.20 13.20 28.27
CA ALA F 329 107.18 12.13 28.06
C ALA F 329 107.46 11.44 29.40
N ASN F 330 107.99 10.21 29.31
CA ASN F 330 108.17 9.34 30.48
C ASN F 330 109.50 8.60 30.36
N GLN F 331 110.28 8.61 31.44
CA GLN F 331 111.50 7.81 31.47
C GLN F 331 111.14 6.33 31.55
N THR F 332 111.69 5.53 30.63
CA THR F 332 111.42 4.10 30.56
C THR F 332 112.51 3.26 31.20
N SER F 333 113.59 3.87 31.68
CA SER F 333 114.73 3.16 32.21
C SER F 333 114.79 3.27 33.73
N ALA F 334 115.67 2.43 34.32
CA ALA F 334 115.92 2.46 35.75
C ALA F 334 116.96 3.56 36.01
N PHE F 335 116.49 4.80 35.98
CA PHE F 335 117.43 5.91 36.09
C PHE F 335 118.02 5.96 37.49
N HIS F 336 119.28 6.37 37.56
CA HIS F 336 119.94 6.56 38.85
C HIS F 336 119.16 7.57 39.67
N PRO F 337 118.66 7.21 40.85
CA PRO F 337 117.83 8.15 41.61
C PRO F 337 118.64 9.14 42.44
N GLY F 338 119.95 9.15 42.30
CA GLY F 338 120.76 10.19 42.91
C GLY F 338 120.92 11.46 42.08
N THR F 339 120.29 11.54 40.90
CA THR F 339 120.38 12.71 40.02
C THR F 339 118.98 13.04 39.51
N ASP F 340 118.88 14.12 38.73
CA ASP F 340 117.62 14.47 38.11
C ASP F 340 117.38 13.70 36.82
N ALA F 341 116.09 13.43 36.54
CA ALA F 341 115.66 12.64 35.40
C ALA F 341 114.35 13.20 34.84
N SER F 342 114.27 14.53 34.76
CA SER F 342 113.05 15.19 34.31
C SER F 342 112.85 14.98 32.82
N THR F 343 111.61 15.21 32.38
CA THR F 343 111.20 15.07 31.00
C THR F 343 110.48 16.33 30.54
N GLY F 344 110.32 16.45 29.24
CA GLY F 344 109.54 17.53 28.67
C GLY F 344 108.96 17.17 27.32
N PHE F 345 107.79 17.73 27.04
CA PHE F 345 107.16 17.65 25.72
C PHE F 345 106.79 19.06 25.31
N ARG F 346 107.29 19.51 24.17
CA ARG F 346 107.05 20.88 23.75
C ARG F 346 107.17 21.01 22.23
N GLY F 347 106.90 22.22 21.75
CA GLY F 347 107.13 22.57 20.35
C GLY F 347 106.40 21.70 19.36
N ALA F 348 105.18 21.28 19.70
CA ALA F 348 104.45 20.35 18.82
C ALA F 348 103.87 21.10 17.63
N THR F 349 104.01 20.50 16.45
CA THR F 349 103.29 20.91 15.25
C THR F 349 102.27 19.82 14.91
N THR F 350 101.76 19.85 13.67
CA THR F 350 100.85 18.80 13.27
C THR F 350 101.58 17.48 13.05
N THR F 351 102.90 17.52 12.87
CA THR F 351 103.66 16.33 12.51
C THR F 351 104.81 15.98 13.44
N THR F 352 105.30 16.92 14.25
CA THR F 352 106.48 16.67 15.06
C THR F 352 106.34 17.33 16.43
N ALA F 353 107.25 16.95 17.33
CA ALA F 353 107.35 17.54 18.66
C ALA F 353 108.78 17.35 19.14
N VAL F 354 109.10 18.00 20.27
CA VAL F 354 110.42 17.95 20.87
C VAL F 354 110.32 17.29 22.23
N ILE F 355 111.13 16.25 22.45
CA ILE F 355 111.17 15.53 23.72
C ILE F 355 112.50 15.85 24.40
N ARG F 356 112.44 16.35 25.62
CA ARG F 356 113.63 16.72 26.37
C ARG F 356 113.90 15.68 27.45
N ASN F 357 115.15 15.31 27.59
CA ASN F 357 115.60 14.34 28.57
C ASN F 357 116.58 15.01 29.52
N GLY F 358 116.17 15.20 30.75
CA GLY F 358 117.01 15.76 31.79
C GLY F 358 117.89 14.78 32.52
N TYR F 359 117.81 13.49 32.19
CA TYR F 359 118.72 12.49 32.76
C TYR F 359 120.10 12.60 32.14
N PHE F 360 121.14 12.38 32.96
CA PHE F 360 122.51 12.59 32.52
C PHE F 360 123.09 11.41 31.73
N ALA F 361 122.22 10.66 31.07
CA ALA F 361 122.65 9.57 30.22
C ALA F 361 121.70 9.45 29.05
N GLN F 362 122.18 8.88 27.95
CA GLN F 362 121.31 8.52 26.84
C GLN F 362 120.21 7.59 27.33
N ALA F 363 118.98 7.83 26.90
CA ALA F 363 117.86 7.12 27.49
C ALA F 363 116.68 7.10 26.53
N VAL F 364 115.82 6.12 26.70
CA VAL F 364 114.61 5.99 25.92
C VAL F 364 113.46 6.56 26.74
N LEU F 365 112.76 7.53 26.16
CA LEU F 365 111.58 8.11 26.77
C LEU F 365 110.37 7.73 25.95
N SER F 366 109.31 7.26 26.61
CA SER F 366 108.04 7.10 25.93
C SER F 366 107.27 8.44 25.95
N TRP F 367 106.34 8.59 25.01
CA TRP F 367 105.54 9.79 24.96
C TRP F 367 104.12 9.49 24.49
N GLU F 368 103.19 10.35 24.89
CA GLU F 368 101.86 10.44 24.30
C GLU F 368 101.61 11.88 23.89
N ALA F 369 100.71 12.04 22.93
CA ALA F 369 100.30 13.37 22.45
C ALA F 369 98.85 13.26 22.01
N PHE F 370 98.12 14.36 22.13
CA PHE F 370 96.74 14.40 21.69
C PHE F 370 96.51 15.68 20.90
N GLY F 371 95.45 15.66 20.11
CA GLY F 371 95.15 16.78 19.25
C GLY F 371 93.93 16.49 18.42
N ARG F 372 93.77 17.28 17.36
CA ARG F 372 92.65 17.11 16.46
C ARG F 372 92.95 17.66 15.09
FE FE G . 9.48 34.05 35.57
MG MG H . 43.30 44.36 53.84
CA CA I . 78.29 49.71 77.06
C1 EDO J . -86.59 -6.85 -2.62
O1 EDO J . -87.58 -7.25 -3.57
C2 EDO J . -87.24 -6.40 -1.30
O2 EDO J . -87.90 -7.53 -0.73
H11 EDO J . -85.99 -6.05 -3.03
H12 EDO J . -85.92 -7.70 -2.42
HO1 EDO J . -87.16 -7.58 -4.37
H21 EDO J . -87.95 -5.59 -1.49
H22 EDO J . -86.48 -6.01 -0.62
HO2 EDO J . -88.31 -7.29 0.11
C1 EDO K . -33.39 11.34 -13.63
O1 EDO K . -33.07 12.51 -14.41
C2 EDO K . -32.45 10.22 -14.01
O2 EDO K . -31.11 10.62 -13.65
H11 EDO K . -34.43 11.05 -13.82
H12 EDO K . -33.30 11.56 -12.57
HO1 EDO K . -32.80 13.23 -13.82
H21 EDO K . -32.50 10.04 -15.09
H22 EDO K . -32.73 9.30 -13.51
HO2 EDO K . -30.49 9.91 -13.87
CA CA L . 76.01 61.17 74.80
C1 EDO M . 78.49 62.69 76.04
O1 EDO M . 77.24 63.10 75.49
C2 EDO M . 78.98 61.38 75.42
O2 EDO M . 78.06 60.29 75.67
H11 EDO M . 78.39 62.56 77.12
H12 EDO M . 79.23 63.47 75.86
H21 EDO M . 79.95 61.13 75.83
H22 EDO M . 79.09 61.51 74.34
C1 EDO N . -44.83 -5.78 18.26
O1 EDO N . -43.71 -5.46 19.09
C2 EDO N . -44.30 -5.96 16.86
O2 EDO N . -43.49 -7.12 16.86
H11 EDO N . -45.57 -4.98 18.29
H12 EDO N . -45.31 -6.70 18.60
HO1 EDO N . -44.01 -5.36 20.01
H21 EDO N . -43.73 -5.09 16.54
H22 EDO N . -45.13 -6.08 16.16
HO2 EDO N . -42.58 -6.88 16.68
C1 EDO O . -39.03 -4.77 19.88
O1 EDO O . -39.25 -6.18 19.67
C2 EDO O . -39.40 -4.01 18.61
O2 EDO O . -40.72 -4.45 18.23
H11 EDO O . -37.97 -4.60 20.12
H12 EDO O . -39.62 -4.42 20.72
HO1 EDO O . -38.99 -6.67 20.46
H21 EDO O . -38.68 -4.21 17.81
H22 EDO O . -39.40 -2.94 18.80
HO2 EDO O . -40.95 -4.04 17.38
C1 EDO P . -34.05 -6.85 6.93
O1 EDO P . -33.05 -5.93 6.47
C2 EDO P . -33.56 -7.45 8.25
O2 EDO P . -32.45 -8.31 7.98
H11 EDO P . -34.20 -7.62 6.19
H12 EDO P . -35.00 -6.32 7.07
HO1 EDO P . -33.37 -5.46 5.68
H21 EDO P . -34.36 -8.01 8.73
H22 EDO P . -33.26 -6.64 8.94
HO2 EDO P . -32.17 -8.74 8.81
CA CA Q . 82.32 54.55 66.96
C1 EDO R . 84.44 54.90 69.24
O1 EDO R . 83.21 55.54 68.96
C2 EDO R . 85.33 54.91 68.00
O2 EDO R . 84.61 54.41 66.89
H11 EDO R . 84.26 53.87 69.56
H12 EDO R . 84.95 55.41 70.06
H21 EDO R . 86.21 54.31 68.17
H22 EDO R . 85.64 55.94 67.80
C1 EDO S . -55.56 20.22 21.85
O1 EDO S . -54.61 20.43 22.91
C2 EDO S . -54.89 19.38 20.78
O2 EDO S . -54.61 18.08 21.29
H11 EDO S . -55.85 21.19 21.43
H12 EDO S . -56.45 19.73 22.23
HO1 EDO S . -55.01 20.98 23.59
H21 EDO S . -53.96 19.85 20.45
H22 EDO S . -55.55 19.30 19.91
HO2 EDO S . -54.04 17.61 20.68
C1 EDO T . -55.97 27.96 8.99
O1 EDO T . -56.29 29.24 8.46
C2 EDO T . -55.55 28.14 10.45
O2 EDO T . -56.72 28.21 11.26
H11 EDO T . -55.15 27.52 8.42
H12 EDO T . -56.83 27.30 8.93
HO1 EDO T . -56.78 29.13 7.62
H21 EDO T . -54.96 29.07 10.56
H22 EDO T . -54.91 27.31 10.76
HO2 EDO T . -56.48 28.44 12.17
C1 EDO U . -41.91 25.88 13.31
O1 EDO U . -41.52 27.24 13.57
C2 EDO U . -40.91 25.19 12.37
O2 EDO U . -39.55 25.57 12.70
H11 EDO U . -41.96 25.33 14.25
H12 EDO U . -42.89 25.86 12.86
HO1 EDO U . -42.15 27.65 14.17
H21 EDO U . -41.02 24.11 12.45
H22 EDO U . -41.13 25.48 11.34
HO2 EDO U . -38.94 25.11 12.12
FE FE V . 49.02 -5.46 1.20
CA CA W . 116.54 11.25 44.22
C1 EDO X . -49.81 -32.20 -63.09
O1 EDO X . -49.29 -30.87 -63.19
C2 EDO X . -49.55 -33.04 -64.35
O2 EDO X . -50.77 -33.18 -65.09
H11 EDO X . -50.90 -32.15 -62.92
H12 EDO X . -49.36 -32.70 -62.24
HO1 EDO X . -49.53 -30.37 -62.40
H21 EDO X . -49.17 -34.02 -64.07
H22 EDO X . -48.80 -32.54 -64.97
HO2 EDO X . -50.61 -33.75 -65.87
C1 EDO Y . 7.19 -28.32 -48.75
O1 EDO Y . 7.12 -27.94 -50.09
C2 EDO Y . 6.91 -29.80 -48.67
O2 EDO Y . 7.79 -30.47 -49.56
H11 EDO Y . 6.45 -27.77 -48.16
H12 EDO Y . 8.17 -28.10 -48.35
H21 EDO Y . 5.87 -30.00 -48.95
H22 EDO Y . 7.06 -30.16 -47.65
HO2 EDO Y . 7.64 -31.42 -49.52
CA CA Z . 114.04 22.78 42.06
C1 EDO AA . 116.41 24.41 43.49
O1 EDO AA . 115.17 24.81 42.90
C2 EDO AA . 116.98 23.21 42.74
O2 EDO AA . 116.14 22.04 42.92
H11 EDO AA . 116.24 24.14 44.54
H12 EDO AA . 117.12 25.23 43.47
H21 EDO AA . 117.98 22.99 43.09
H22 EDO AA . 117.03 23.44 41.67
MG MG BA . 81.58 5.51 20.91
C1 EDO CA . -26.06 -59.23 -58.35
O1 EDO CA . -26.68 -59.84 -57.21
C2 EDO CA . -27.10 -58.51 -59.18
O2 EDO CA . -27.91 -59.46 -59.89
H11 EDO CA . -25.57 -60.01 -58.95
H12 EDO CA . -25.30 -58.53 -58.02
HO1 EDO CA . -26.01 -60.27 -56.66
H21 EDO CA . -26.62 -57.85 -59.89
H22 EDO CA . -27.74 -57.91 -58.53
HO2 EDO CA . -28.65 -59.01 -60.30
C1 EDO DA . -4.41 -45.10 -16.81
O1 EDO DA . -3.59 -45.27 -15.64
C2 EDO DA . -4.45 -46.37 -17.62
O2 EDO DA . -3.15 -46.88 -17.83
H11 EDO DA . -4.01 -44.29 -17.43
H12 EDO DA . -5.43 -44.83 -16.52
HO1 EDO DA . -3.61 -44.45 -15.12
H21 EDO DA . -4.94 -46.19 -18.58
H22 EDO DA . -5.04 -47.12 -17.09
HO2 EDO DA . -2.64 -46.24 -18.35
C1 EDO EA . 5.65 -46.96 -27.60
O1 EDO EA . 6.54 -46.02 -28.20
C2 EDO EA . 6.40 -47.69 -26.49
O2 EDO EA . 7.63 -48.23 -27.02
H11 EDO EA . 5.30 -47.67 -28.35
H12 EDO EA . 4.78 -46.45 -27.19
HO1 EDO EA . 6.06 -45.21 -28.40
H21 EDO EA . 5.78 -48.50 -26.09
H22 EDO EA . 6.62 -47.01 -25.66
HO2 EDO EA . 8.13 -48.64 -26.31
C1 EDO FA . 4.67 -46.88 -42.37
O1 EDO FA . 5.42 -45.75 -41.90
C2 EDO FA . 3.28 -46.42 -42.79
O2 EDO FA . 3.04 -45.12 -42.30
H11 EDO FA . 4.59 -47.63 -41.58
H12 EDO FA . 5.19 -47.34 -43.21
HO1 EDO FA . 6.29 -46.04 -41.61
H21 EDO FA . 2.53 -47.11 -42.39
H22 EDO FA . 3.21 -46.42 -43.87
HO2 EDO FA . 2.08 -44.95 -42.29
CA CA GA . 120.54 16.16 34.23
C1 EDO HA . 123.65 16.67 35.37
O1 EDO HA . 122.93 16.27 34.20
C2 EDO HA . 122.68 16.52 36.52
O2 EDO HA . 121.47 17.23 36.22
H11 EDO HA . 123.98 17.71 35.28
H12 EDO HA . 124.53 16.05 35.52
H21 EDO HA . 123.12 16.92 37.43
H22 EDO HA . 122.45 15.47 36.69
C1 EDO IA . -47.26 -45.04 -35.88
O1 EDO IA . -48.32 -45.91 -36.33
C2 EDO IA . -47.47 -44.58 -34.43
O2 EDO IA . -48.01 -45.66 -33.64
H11 EDO IA . -47.22 -44.17 -36.53
H12 EDO IA . -46.31 -45.57 -35.95
HO1 EDO IA . -48.16 -46.14 -37.26
H21 EDO IA . -48.16 -43.73 -34.41
H22 EDO IA . -46.52 -44.26 -34.00
HO2 EDO IA . -48.13 -45.36 -32.73
C1 EDO JA . -18.65 -34.74 -13.01
O1 EDO JA . -17.24 -34.69 -12.82
C2 EDO JA . -18.98 -35.49 -14.29
O2 EDO JA . -17.95 -35.24 -15.25
H11 EDO JA . -19.06 -33.72 -13.07
H12 EDO JA . -19.13 -35.23 -12.16
HO1 EDO JA . -17.04 -34.21 -12.00
H21 EDO JA . -19.95 -35.16 -14.70
H22 EDO JA . -19.04 -36.56 -14.10
HO2 EDO JA . -18.26 -35.44 -16.14
C1 EDO KA . -13.90 -19.36 -13.87
O1 EDO KA . -13.80 -19.05 -12.48
C2 EDO KA . -14.48 -20.75 -13.96
O2 EDO KA . -13.46 -21.64 -13.57
H11 EDO KA . -12.91 -19.33 -14.33
H12 EDO KA . -14.54 -18.64 -14.38
HO1 EDO KA . -13.48 -18.13 -12.38
H21 EDO KA . -14.79 -20.96 -14.99
H22 EDO KA . -15.34 -20.85 -13.32
HO2 EDO KA . -13.83 -22.32 -12.98
C1 EDO LA . -15.31 -11.56 -25.94
O1 EDO LA . -15.65 -10.34 -26.60
C2 EDO LA . -14.85 -11.26 -24.54
O2 EDO LA . -15.92 -11.45 -23.62
H11 EDO LA . -14.53 -12.07 -26.49
H12 EDO LA . -16.19 -12.21 -25.91
HO1 EDO LA . -16.15 -10.53 -27.40
H21 EDO LA . -14.49 -10.23 -24.47
H22 EDO LA . -14.03 -11.93 -24.27
HO2 EDO LA . -15.67 -11.11 -22.76
#